data_3E20
#
_entry.id   3E20
#
_cell.length_a   129.848
_cell.length_b   129.848
_cell.length_c   332.638
_cell.angle_alpha   90.00
_cell.angle_beta   90.00
_cell.angle_gamma   90.00
#
_symmetry.space_group_name_H-M   'P 43'
#
loop_
_entity.id
_entity.type
_entity.pdbx_description
1 polymer 'Eukaryotic peptide chain release factor GTP-binding subunit'
2 polymer 'Eukaryotic peptide chain release factor subunit 1'
#
loop_
_entity_poly.entity_id
_entity_poly.type
_entity_poly.pdbx_seq_one_letter_code
_entity_poly.pdbx_strand_id
1 'polypeptide(L)'
;GPLGSAPFIMPIASKYKDLGTILEGKIEAGSIKKNSNVLVMPINQTLEVTAIYDEADEEISSSICGDQVRLRVRGDDSDV
QTGYVLTSTKNPVHATTRFIAQIAILELPSILTTGYSCVMHIHTAVEEVSFAKLLHKLDKTNRKSKKPPMFATKGMKIIA
ELETQTPVCMERFEDYQYMGRFTLRDQGTTVAVGKVVKILD
;
A,D,E,J
2 'polypeptide(L)'
;MHHHHHHMMSETAEKAIEIWKIRRLVKQLINCHGNGTSMITLIIPPGEQISRYSNMLAEEYGTASNIKSRVNRLSVLSAI
TSTRERLKLYNKVPDNGLVIYCGEVIMEGNKTRKLNIDFEPFKPINTSQYLCDNKFHTEALAELLESDQRFGFIVMDGHQ
TLYGVVSGSAREVLQRFTVDLPKKHGRGGQSALRFARLRDEKRHNYVRKVAEGAVQHFITDDKPNVAGIVLAGSADFKTE
LGQSDLFDQRLQSRIIKTVDVSYGGDAGFNQAIELAADTLSNVKYVQEKKLIQRFFDEISLDSGKYCFGVVDTMNALQEG
AVETLLCFADLDMIRYEFKNSEGNPVITYMTKEQEEKDSTNSFLLDKDTGAEMELVSSMLLSEWLAEHYKDYGANLEFVS
DRSQEGMQFVKGFGGIGAVMRYQLDLSMLDPESDEFYSDSD
;
C,B,H,K
#
# COMPACT_ATOMS: atom_id res chain seq x y z
N ALA A 6 42.50 -6.26 -24.90
CA ALA A 6 41.51 -5.65 -23.94
C ALA A 6 40.06 -5.79 -24.40
N PRO A 7 39.41 -6.86 -23.94
CA PRO A 7 37.98 -7.07 -24.14
C PRO A 7 37.22 -6.60 -22.90
N PHE A 8 35.96 -6.23 -23.05
CA PHE A 8 35.14 -5.85 -21.90
C PHE A 8 34.77 -7.09 -21.09
N ILE A 9 34.83 -6.98 -19.76
CA ILE A 9 34.49 -8.09 -18.88
C ILE A 9 33.89 -7.57 -17.58
N MET A 10 32.64 -7.94 -17.33
CA MET A 10 31.94 -7.52 -16.11
C MET A 10 31.02 -8.63 -15.60
N PRO A 11 31.47 -9.37 -14.58
CA PRO A 11 30.66 -10.44 -14.03
C PRO A 11 29.40 -9.90 -13.35
N ILE A 12 28.23 -10.25 -13.90
CA ILE A 12 26.98 -9.80 -13.35
C ILE A 12 26.81 -10.23 -11.89
N ALA A 13 26.78 -9.27 -10.98
CA ALA A 13 26.65 -9.58 -9.56
C ALA A 13 25.20 -9.57 -9.10
N SER A 14 24.40 -8.69 -9.69
CA SER A 14 22.98 -8.57 -9.35
C SER A 14 22.16 -8.26 -10.59
N LYS A 15 20.91 -8.71 -10.59
CA LYS A 15 20.00 -8.43 -11.68
C LYS A 15 18.62 -8.20 -11.10
N TYR A 16 17.98 -7.08 -11.45
CA TYR A 16 16.61 -6.81 -11.02
C TYR A 16 15.87 -5.96 -12.03
N LYS A 17 14.56 -6.14 -12.09
CA LYS A 17 13.71 -5.36 -12.99
C LYS A 17 13.21 -4.11 -12.29
N ASP A 18 12.50 -3.27 -13.01
CA ASP A 18 12.06 -1.99 -12.47
C ASP A 18 11.95 -0.97 -13.59
N LEU A 19 10.85 -1.01 -14.34
CA LEU A 19 10.78 -0.23 -15.56
C LEU A 19 12.12 -0.33 -16.26
N GLY A 20 12.44 -1.53 -16.72
CA GLY A 20 13.74 -1.81 -17.34
C GLY A 20 14.60 -2.71 -16.47
N THR A 21 15.41 -3.55 -17.11
CA THR A 21 16.29 -4.44 -16.37
C THR A 21 17.55 -3.72 -15.93
N ILE A 22 18.02 -4.03 -14.74
CA ILE A 22 19.27 -3.48 -14.24
C ILE A 22 20.23 -4.60 -13.87
N LEU A 23 21.27 -4.75 -14.68
CA LEU A 23 22.36 -5.65 -14.36
C LEU A 23 23.40 -4.80 -13.68
N GLU A 24 23.96 -5.30 -12.58
CA GLU A 24 24.97 -4.54 -11.87
C GLU A 24 26.18 -5.40 -11.59
N GLY A 25 27.37 -4.83 -11.72
CA GLY A 25 28.60 -5.55 -11.43
C GLY A 25 29.79 -4.62 -11.30
N LYS A 26 30.99 -5.18 -11.34
CA LYS A 26 32.20 -4.39 -11.32
C LYS A 26 33.06 -4.74 -12.51
N ILE A 27 33.29 -3.77 -13.38
CA ILE A 27 34.08 -3.99 -14.59
C ILE A 27 35.47 -4.48 -14.24
N GLU A 28 35.82 -5.67 -14.70
CA GLU A 28 37.11 -6.27 -14.39
C GLU A 28 38.13 -6.04 -15.49
N ALA A 29 37.67 -5.65 -16.67
CA ALA A 29 38.58 -5.38 -17.77
C ALA A 29 37.87 -4.67 -18.90
N GLY A 30 38.59 -3.77 -19.57
CA GLY A 30 38.03 -3.04 -20.69
C GLY A 30 37.13 -1.92 -20.22
N SER A 31 36.39 -1.33 -21.16
CA SER A 31 35.48 -0.26 -20.81
C SER A 31 34.15 -0.43 -21.54
N ILE A 32 33.14 0.32 -21.10
CA ILE A 32 31.83 0.23 -21.74
C ILE A 32 31.24 1.63 -21.94
N LYS A 33 30.73 1.89 -23.15
CA LYS A 33 30.13 3.19 -23.48
C LYS A 33 28.62 3.11 -23.59
N LYS A 34 27.95 4.21 -23.29
CA LYS A 34 26.51 4.29 -23.43
C LYS A 34 26.14 3.92 -24.86
N ASN A 35 25.06 3.14 -25.00
CA ASN A 35 24.60 2.70 -26.32
C ASN A 35 25.59 1.80 -27.01
N SER A 36 26.02 0.76 -26.31
CA SER A 36 26.89 -0.23 -26.90
C SER A 36 26.20 -1.59 -26.85
N ASN A 37 26.78 -2.57 -27.53
CA ASN A 37 26.26 -3.92 -27.47
C ASN A 37 27.18 -4.85 -26.70
N VAL A 38 26.67 -5.38 -25.59
CA VAL A 38 27.43 -6.34 -24.84
C VAL A 38 26.91 -7.74 -25.11
N LEU A 39 27.71 -8.74 -24.80
CA LEU A 39 27.32 -10.14 -24.96
C LEU A 39 27.23 -10.81 -23.58
N VAL A 40 26.13 -11.49 -23.32
CA VAL A 40 26.00 -12.22 -22.07
C VAL A 40 26.54 -13.62 -22.24
N MET A 41 27.69 -13.91 -21.64
CA MET A 41 28.24 -15.25 -21.66
C MET A 41 27.83 -15.95 -20.38
N PRO A 42 27.71 -17.29 -20.43
CA PRO A 42 28.01 -18.07 -21.62
C PRO A 42 26.83 -18.22 -22.58
N ILE A 43 25.64 -17.77 -22.18
CA ILE A 43 24.42 -18.04 -22.96
C ILE A 43 24.44 -17.38 -24.35
N ASN A 44 25.47 -16.59 -24.63
CA ASN A 44 25.60 -15.92 -25.91
C ASN A 44 24.40 -15.05 -26.29
N GLN A 45 23.76 -14.47 -25.28
CA GLN A 45 22.69 -13.50 -25.49
C GLN A 45 23.31 -12.15 -25.80
N THR A 46 22.72 -11.41 -26.73
CA THR A 46 23.20 -10.07 -27.01
C THR A 46 22.23 -9.07 -26.38
N LEU A 47 22.78 -8.04 -25.73
CA LEU A 47 21.97 -7.00 -25.13
C LEU A 47 22.50 -5.64 -25.51
N GLU A 48 21.64 -4.63 -25.45
CA GLU A 48 22.06 -3.25 -25.66
C GLU A 48 22.19 -2.57 -24.31
N VAL A 49 23.24 -1.79 -24.14
CA VAL A 49 23.43 -1.01 -22.91
C VAL A 49 22.98 0.42 -23.16
N THR A 50 21.97 0.86 -22.41
CA THR A 50 21.33 2.14 -22.67
C THR A 50 21.56 3.15 -21.55
N ALA A 51 22.42 2.81 -20.60
CA ALA A 51 22.73 3.72 -19.51
C ALA A 51 23.74 3.12 -18.55
N ILE A 52 24.65 3.95 -18.05
CA ILE A 52 25.54 3.52 -16.99
C ILE A 52 25.36 4.43 -15.79
N TYR A 53 25.27 3.84 -14.60
CA TYR A 53 25.15 4.62 -13.39
C TYR A 53 26.23 4.24 -12.38
N ASP A 54 26.97 5.23 -11.92
CA ASP A 54 28.06 4.98 -11.00
C ASP A 54 27.55 4.89 -9.57
N GLU A 55 28.46 4.66 -8.64
CA GLU A 55 28.09 4.49 -7.24
C GLU A 55 27.34 5.70 -6.67
N ALA A 56 27.55 6.86 -7.27
CA ALA A 56 26.88 8.08 -6.81
C ALA A 56 25.46 8.17 -7.36
N ASP A 57 25.03 7.12 -8.05
CA ASP A 57 23.70 7.09 -8.65
C ASP A 57 23.56 8.11 -9.76
N GLU A 58 24.67 8.51 -10.36
CA GLU A 58 24.64 9.49 -11.43
C GLU A 58 24.96 8.81 -12.74
N GLU A 59 24.26 9.20 -13.81
CA GLU A 59 24.54 8.59 -15.11
C GLU A 59 25.90 9.02 -15.64
N ILE A 60 26.56 8.14 -16.37
CA ILE A 60 27.81 8.49 -17.02
C ILE A 60 27.87 7.94 -18.44
N SER A 61 28.65 8.58 -19.30
CA SER A 61 28.71 8.21 -20.70
C SER A 61 29.53 6.94 -20.91
N SER A 62 30.44 6.65 -20.00
CA SER A 62 31.24 5.43 -20.09
C SER A 62 32.01 5.13 -18.82
N SER A 63 32.26 3.84 -18.59
CA SER A 63 32.99 3.38 -17.42
C SER A 63 34.19 2.56 -17.84
N ILE A 64 35.35 2.88 -17.28
CA ILE A 64 36.54 2.07 -17.45
C ILE A 64 36.43 0.90 -16.50
N CYS A 65 37.42 0.02 -16.50
CA CYS A 65 37.38 -1.08 -15.57
C CYS A 65 37.75 -0.58 -14.17
N GLY A 66 37.45 -1.40 -13.16
CA GLY A 66 37.69 -1.01 -11.78
C GLY A 66 36.54 -0.15 -11.31
N ASP A 67 35.58 0.05 -12.19
CA ASP A 67 34.39 0.81 -11.87
C ASP A 67 33.29 -0.12 -11.36
N GLN A 68 32.61 0.32 -10.31
CA GLN A 68 31.43 -0.39 -9.83
C GLN A 68 30.18 0.24 -10.46
N VAL A 69 29.58 -0.45 -11.43
CA VAL A 69 28.49 0.16 -12.18
C VAL A 69 27.17 -0.60 -12.12
N ARG A 70 26.10 0.12 -12.44
CA ARG A 70 24.79 -0.46 -12.68
C ARG A 70 24.40 -0.18 -14.12
N LEU A 71 24.17 -1.23 -14.89
CA LEU A 71 23.83 -1.11 -16.31
C LEU A 71 22.35 -1.33 -16.56
N ARG A 72 21.74 -0.45 -17.33
CA ARG A 72 20.38 -0.65 -17.78
C ARG A 72 20.45 -1.21 -19.19
N VAL A 73 19.90 -2.41 -19.38
CA VAL A 73 20.07 -3.13 -20.63
C VAL A 73 18.74 -3.31 -21.37
N ARG A 74 18.83 -3.51 -22.67
CA ARG A 74 17.66 -3.69 -23.51
C ARG A 74 17.78 -4.98 -24.32
N GLY A 75 16.73 -5.79 -24.31
CA GLY A 75 16.72 -7.02 -25.08
C GLY A 75 16.28 -8.17 -24.21
N ASP A 76 15.99 -9.31 -24.83
CA ASP A 76 15.57 -10.47 -24.07
C ASP A 76 16.67 -10.85 -23.09
N ASP A 77 16.29 -11.02 -21.83
CA ASP A 77 17.25 -11.37 -20.81
C ASP A 77 16.68 -12.37 -19.83
N SER A 78 15.53 -12.93 -20.16
CA SER A 78 14.88 -13.85 -19.25
C SER A 78 15.85 -14.94 -18.81
N ASP A 79 16.93 -15.12 -19.56
CA ASP A 79 17.91 -16.17 -19.26
C ASP A 79 19.13 -15.67 -18.49
N VAL A 80 19.33 -14.36 -18.46
CA VAL A 80 20.47 -13.77 -17.77
C VAL A 80 20.34 -13.91 -16.26
N GLN A 81 21.35 -14.48 -15.63
CA GLN A 81 21.33 -14.77 -14.19
C GLN A 81 22.59 -14.15 -13.59
N THR A 82 22.52 -13.82 -12.30
CA THR A 82 23.71 -13.46 -11.56
C THR A 82 24.78 -14.55 -11.65
N GLY A 83 25.97 -14.17 -12.07
CA GLY A 83 27.03 -15.13 -12.25
C GLY A 83 27.52 -15.16 -13.68
N TYR A 84 26.63 -14.87 -14.63
CA TYR A 84 27.06 -14.78 -16.02
C TYR A 84 27.96 -13.56 -16.17
N VAL A 85 28.53 -13.37 -17.35
CA VAL A 85 29.42 -12.23 -17.55
C VAL A 85 29.06 -11.41 -18.79
N LEU A 86 29.03 -10.09 -18.63
CA LEU A 86 28.87 -9.19 -19.77
C LEU A 86 30.23 -9.05 -20.40
N THR A 87 30.31 -9.18 -21.72
CA THR A 87 31.58 -9.08 -22.40
C THR A 87 31.38 -8.52 -23.79
N SER A 88 32.47 -8.18 -24.47
CA SER A 88 32.37 -7.60 -25.80
C SER A 88 32.06 -8.68 -26.83
N THR A 89 31.39 -8.27 -27.90
CA THR A 89 31.01 -9.21 -28.95
C THR A 89 32.16 -9.45 -29.92
N LYS A 90 33.33 -8.92 -29.59
CA LYS A 90 34.51 -9.12 -30.44
C LYS A 90 35.44 -10.17 -29.84
N ASN A 91 35.82 -9.98 -28.59
CA ASN A 91 36.56 -11.01 -27.85
C ASN A 91 35.82 -11.40 -26.59
N PRO A 92 34.74 -12.17 -26.72
CA PRO A 92 33.97 -12.53 -25.55
C PRO A 92 34.80 -13.35 -24.56
N VAL A 93 34.63 -13.09 -23.27
CA VAL A 93 35.30 -13.87 -22.26
C VAL A 93 35.07 -15.34 -22.54
N HIS A 94 36.07 -16.17 -22.26
CA HIS A 94 35.95 -17.61 -22.49
C HIS A 94 34.97 -18.28 -21.52
N ALA A 95 34.35 -19.36 -21.97
CA ALA A 95 33.51 -20.17 -21.09
C ALA A 95 33.67 -21.64 -21.44
N THR A 96 33.58 -22.50 -20.44
CA THR A 96 33.85 -23.91 -20.64
C THR A 96 33.29 -24.77 -19.50
N THR A 97 33.27 -26.08 -19.71
CA THR A 97 32.83 -27.02 -18.69
C THR A 97 33.98 -27.90 -18.21
N ARG A 98 35.07 -27.86 -18.96
CA ARG A 98 36.29 -28.58 -18.61
C ARG A 98 37.47 -27.62 -18.51
N PHE A 99 38.26 -27.75 -17.46
CA PHE A 99 39.45 -26.92 -17.31
C PHE A 99 40.46 -27.55 -16.36
N ILE A 100 41.73 -27.21 -16.55
CA ILE A 100 42.79 -27.69 -15.69
C ILE A 100 43.24 -26.57 -14.75
N ALA A 101 43.60 -26.90 -13.52
CA ALA A 101 43.91 -25.87 -12.53
C ALA A 101 44.77 -26.35 -11.39
N GLN A 102 45.75 -25.54 -11.00
CA GLN A 102 46.48 -25.76 -9.76
C GLN A 102 45.54 -25.64 -8.58
N ILE A 103 45.72 -26.47 -7.57
CA ILE A 103 44.82 -26.43 -6.44
C ILE A 103 45.52 -26.68 -5.13
N ALA A 104 45.57 -25.68 -4.28
CA ALA A 104 46.06 -25.87 -2.93
C ALA A 104 44.94 -26.42 -2.06
N ILE A 105 45.13 -27.61 -1.51
CA ILE A 105 44.13 -28.19 -0.61
C ILE A 105 44.31 -27.63 0.80
N LEU A 106 43.23 -27.12 1.37
CA LEU A 106 43.27 -26.56 2.71
C LEU A 106 42.68 -27.52 3.73
N GLU A 107 41.52 -27.18 4.28
CA GLU A 107 40.91 -28.03 5.29
C GLU A 107 40.00 -29.09 4.66
N LEU A 108 40.50 -30.30 4.50
CA LEU A 108 39.76 -31.28 3.73
C LEU A 108 39.67 -32.74 4.14
N PRO A 109 38.64 -33.15 4.89
CA PRO A 109 38.74 -33.45 6.29
C PRO A 109 39.27 -34.88 6.15
N SER A 110 38.93 -35.53 5.02
CA SER A 110 39.45 -36.86 4.64
C SER A 110 40.33 -36.85 3.39
N ILE A 111 39.88 -37.51 2.32
CA ILE A 111 40.67 -37.62 1.10
C ILE A 111 39.97 -36.94 -0.09
N LEU A 112 40.61 -36.98 -1.25
CA LEU A 112 40.13 -36.24 -2.41
C LEU A 112 40.55 -36.98 -3.67
N THR A 113 39.60 -37.61 -4.35
CA THR A 113 39.94 -38.45 -5.49
C THR A 113 38.93 -38.39 -6.62
N THR A 114 39.41 -38.02 -7.80
CA THR A 114 38.59 -38.01 -9.00
C THR A 114 37.10 -37.77 -8.78
N GLY A 115 36.40 -38.71 -8.14
CA GLY A 115 34.96 -38.55 -7.95
C GLY A 115 34.53 -37.35 -7.12
N TYR A 116 35.50 -36.70 -6.48
CA TYR A 116 35.20 -35.57 -5.60
C TYR A 116 34.39 -34.50 -6.32
N SER A 117 33.29 -34.10 -5.71
CA SER A 117 32.47 -33.02 -6.23
C SER A 117 32.26 -31.97 -5.14
N CYS A 118 31.99 -30.73 -5.53
CA CYS A 118 31.73 -29.68 -4.56
C CYS A 118 31.34 -28.37 -5.21
N VAL A 119 31.28 -27.31 -4.40
CA VAL A 119 30.87 -25.99 -4.89
C VAL A 119 32.08 -25.11 -5.16
N MET A 120 32.11 -24.51 -6.35
CA MET A 120 33.19 -23.62 -6.73
C MET A 120 32.66 -22.21 -6.91
N HIS A 121 33.32 -21.25 -6.30
CA HIS A 121 33.01 -19.84 -6.47
C HIS A 121 34.14 -19.22 -7.24
N ILE A 122 33.93 -18.89 -8.52
CA ILE A 122 35.04 -18.32 -9.30
C ILE A 122 35.10 -16.81 -9.19
N HIS A 123 34.04 -16.14 -9.59
CA HIS A 123 33.96 -14.72 -9.39
C HIS A 123 32.60 -14.51 -8.81
N THR A 124 31.85 -13.62 -9.43
CA THR A 124 30.48 -13.38 -9.07
C THR A 124 29.65 -14.66 -9.16
N ALA A 125 30.20 -15.70 -9.80
CA ALA A 125 29.48 -16.96 -10.02
C ALA A 125 29.73 -17.98 -8.93
N VAL A 126 28.80 -18.93 -8.81
CA VAL A 126 28.91 -20.04 -7.87
C VAL A 126 28.33 -21.27 -8.55
N GLU A 127 29.10 -22.35 -8.56
CA GLU A 127 28.78 -23.46 -9.44
C GLU A 127 29.24 -24.81 -8.93
N GLU A 128 28.44 -25.83 -9.20
CA GLU A 128 28.78 -27.21 -8.87
C GLU A 128 29.93 -27.71 -9.74
N VAL A 129 30.97 -28.21 -9.10
CA VAL A 129 32.14 -28.72 -9.82
C VAL A 129 32.59 -30.06 -9.27
N SER A 130 33.09 -30.92 -10.15
CA SER A 130 33.67 -32.18 -9.73
C SER A 130 35.01 -32.42 -10.43
N PHE A 131 35.92 -33.09 -9.73
CA PHE A 131 37.23 -33.38 -10.29
C PHE A 131 37.11 -34.44 -11.38
N ALA A 132 37.79 -34.23 -12.51
CA ALA A 132 37.77 -35.22 -13.59
C ALA A 132 38.94 -36.18 -13.46
N LYS A 133 40.15 -35.63 -13.36
CA LYS A 133 41.37 -36.41 -13.20
C LYS A 133 42.39 -35.61 -12.39
N LEU A 134 43.16 -36.30 -11.56
CA LEU A 134 44.30 -35.66 -10.93
C LEU A 134 45.52 -35.88 -11.82
N LEU A 135 46.17 -34.79 -12.22
CA LEU A 135 47.26 -34.91 -13.19
C LEU A 135 48.66 -35.01 -12.55
N HIS A 136 48.97 -34.13 -11.61
CA HIS A 136 50.24 -34.17 -10.91
C HIS A 136 50.09 -33.75 -9.46
N LYS A 137 51.14 -33.97 -8.70
CA LYS A 137 51.25 -33.41 -7.37
C LYS A 137 52.34 -32.37 -7.46
N LEU A 138 52.46 -31.55 -6.43
CA LEU A 138 53.53 -30.57 -6.39
C LEU A 138 54.18 -30.56 -5.03
N ASP A 139 55.50 -30.34 -5.01
CA ASP A 139 56.17 -30.20 -3.73
C ASP A 139 56.50 -28.78 -3.34
N LYS A 140 57.76 -28.54 -3.01
CA LYS A 140 58.12 -27.24 -2.47
C LYS A 140 58.31 -26.20 -3.57
N THR A 141 59.31 -26.43 -4.42
CA THR A 141 59.53 -25.57 -5.57
C THR A 141 58.55 -25.89 -6.69
N ASN A 142 57.26 -25.92 -6.36
CA ASN A 142 56.21 -26.27 -7.33
C ASN A 142 56.67 -27.12 -8.50
N ARG A 143 56.99 -28.37 -8.23
CA ARG A 143 57.45 -29.29 -9.26
C ARG A 143 56.32 -30.20 -9.73
N LYS A 144 56.49 -30.83 -10.89
CA LYS A 144 55.44 -31.63 -11.50
C LYS A 144 55.63 -33.13 -11.33
N SER A 145 55.22 -33.67 -10.18
CA SER A 145 55.33 -35.12 -9.97
C SER A 145 54.89 -35.89 -11.21
N LYS A 146 55.76 -36.77 -11.73
CA LYS A 146 55.48 -37.44 -12.99
C LYS A 146 54.53 -38.63 -12.89
N LYS A 147 54.18 -39.04 -11.68
CA LYS A 147 53.10 -40.01 -11.51
C LYS A 147 51.88 -39.28 -10.99
N PRO A 148 50.72 -39.51 -11.64
CA PRO A 148 49.49 -38.85 -11.19
C PRO A 148 49.06 -39.42 -9.85
N PRO A 149 48.69 -38.54 -8.91
CA PRO A 149 48.35 -38.94 -7.55
C PRO A 149 47.10 -39.83 -7.49
N MET A 150 47.22 -40.94 -6.76
CA MET A 150 46.10 -41.84 -6.56
C MET A 150 45.01 -41.08 -5.79
N PHE A 151 45.45 -40.17 -4.93
CA PHE A 151 44.53 -39.36 -4.14
C PHE A 151 45.22 -38.07 -3.68
N ALA A 152 44.47 -37.21 -3.00
CA ALA A 152 45.02 -35.94 -2.51
C ALA A 152 44.66 -35.74 -1.04
N THR A 153 45.40 -34.87 -0.37
CA THR A 153 45.21 -34.68 1.06
C THR A 153 45.44 -33.23 1.50
N LYS A 154 45.06 -32.94 2.74
CA LYS A 154 45.23 -31.62 3.33
C LYS A 154 46.60 -31.01 3.04
N GLY A 155 46.63 -29.69 2.85
CA GLY A 155 47.88 -28.94 2.68
C GLY A 155 48.79 -29.47 1.58
N MET A 156 48.18 -29.91 0.49
CA MET A 156 48.92 -30.53 -0.59
C MET A 156 48.66 -29.77 -1.88
N LYS A 157 49.71 -29.32 -2.55
CA LYS A 157 49.52 -28.72 -3.88
C LYS A 157 49.35 -29.83 -4.90
N ILE A 158 48.48 -29.61 -5.87
CA ILE A 158 48.14 -30.62 -6.85
C ILE A 158 47.51 -29.93 -8.05
N ILE A 159 47.56 -30.57 -9.21
CA ILE A 159 46.98 -29.99 -10.42
C ILE A 159 46.08 -31.02 -11.10
N ALA A 160 44.79 -30.71 -11.19
CA ALA A 160 43.80 -31.66 -11.67
C ALA A 160 42.98 -31.08 -12.83
N GLU A 161 42.01 -31.87 -13.29
CA GLU A 161 41.09 -31.43 -14.32
C GLU A 161 39.70 -31.38 -13.71
N LEU A 162 38.97 -30.30 -13.95
CA LEU A 162 37.68 -30.09 -13.31
C LEU A 162 36.53 -29.98 -14.32
N GLU A 163 35.37 -30.53 -13.98
CA GLU A 163 34.20 -30.48 -14.85
C GLU A 163 33.02 -29.83 -14.14
N THR A 164 32.23 -29.08 -14.90
CA THR A 164 31.04 -28.45 -14.38
C THR A 164 29.82 -28.90 -15.18
N GLN A 165 28.66 -28.93 -14.54
CA GLN A 165 27.43 -29.32 -15.20
C GLN A 165 27.15 -28.42 -16.39
N THR A 166 27.32 -27.12 -16.18
CA THR A 166 27.00 -26.11 -17.17
C THR A 166 28.16 -25.16 -17.34
N PRO A 167 28.27 -24.53 -18.53
CA PRO A 167 29.41 -23.69 -18.84
C PRO A 167 29.51 -22.54 -17.84
N VAL A 168 30.73 -22.23 -17.42
CA VAL A 168 30.96 -21.03 -16.62
C VAL A 168 32.10 -20.22 -17.23
N CYS A 169 31.97 -18.90 -17.22
CA CYS A 169 32.99 -18.04 -17.79
C CYS A 169 34.18 -18.01 -16.88
N MET A 170 35.37 -18.09 -17.46
CA MET A 170 36.60 -18.02 -16.68
C MET A 170 37.78 -17.74 -17.60
N GLU A 171 38.91 -17.34 -17.02
CA GLU A 171 40.11 -17.09 -17.80
C GLU A 171 41.33 -17.66 -17.09
N ARG A 172 42.39 -17.93 -17.83
CA ARG A 172 43.62 -18.36 -17.19
C ARG A 172 44.04 -17.34 -16.15
N PHE A 173 44.44 -17.82 -14.98
CA PHE A 173 44.94 -16.93 -13.94
C PHE A 173 46.11 -16.12 -14.48
N GLU A 174 46.77 -16.70 -15.48
CA GLU A 174 47.94 -16.09 -16.10
C GLU A 174 47.54 -14.88 -16.93
N ASP A 175 46.26 -14.78 -17.26
CA ASP A 175 45.76 -13.73 -18.14
C ASP A 175 44.95 -12.68 -17.37
N TYR A 176 44.02 -13.14 -16.55
CA TYR A 176 43.25 -12.24 -15.70
C TYR A 176 43.10 -12.83 -14.31
N GLN A 177 43.95 -12.41 -13.39
CA GLN A 177 43.95 -12.97 -12.05
C GLN A 177 42.55 -13.17 -11.46
N TYR A 178 41.68 -12.17 -11.54
CA TYR A 178 40.36 -12.29 -10.93
C TYR A 178 39.49 -13.36 -11.59
N MET A 179 39.59 -13.47 -12.91
CA MET A 179 38.80 -14.44 -13.64
C MET A 179 39.39 -15.84 -13.55
N GLY A 180 40.49 -15.95 -12.80
CA GLY A 180 41.27 -17.18 -12.73
C GLY A 180 41.33 -17.78 -11.34
N ARG A 181 41.16 -16.96 -10.31
CA ARG A 181 41.08 -17.47 -8.96
C ARG A 181 39.73 -18.11 -8.74
N PHE A 182 39.66 -19.03 -7.78
CA PHE A 182 38.41 -19.62 -7.35
C PHE A 182 38.66 -20.40 -6.07
N THR A 183 37.68 -20.42 -5.17
CA THR A 183 37.82 -21.26 -4.00
C THR A 183 36.80 -22.41 -4.04
N LEU A 184 37.12 -23.51 -3.39
CA LEU A 184 36.27 -24.71 -3.41
C LEU A 184 35.66 -24.95 -2.05
N ARG A 185 34.37 -25.28 -2.02
CA ARG A 185 33.69 -25.49 -0.74
C ARG A 185 32.83 -26.74 -0.69
N ASP A 186 33.22 -27.66 0.20
CA ASP A 186 32.38 -28.80 0.57
C ASP A 186 31.35 -28.19 1.49
N GLN A 187 30.56 -27.29 0.90
CA GLN A 187 30.00 -26.12 1.59
C GLN A 187 29.66 -26.23 3.08
N GLY A 188 30.33 -27.12 3.79
CA GLY A 188 30.48 -26.94 5.23
C GLY A 188 31.50 -25.82 5.37
N THR A 189 32.62 -25.98 4.66
CA THR A 189 33.77 -25.10 4.79
C THR A 189 34.57 -25.03 3.48
N THR A 190 35.59 -24.17 3.46
CA THR A 190 36.44 -24.00 2.28
C THR A 190 37.58 -25.02 2.23
N VAL A 191 37.43 -26.02 1.37
CA VAL A 191 38.40 -27.13 1.32
C VAL A 191 39.64 -26.81 0.51
N ALA A 192 39.54 -25.87 -0.41
CA ALA A 192 40.69 -25.52 -1.24
C ALA A 192 40.53 -24.19 -1.95
N VAL A 193 41.64 -23.63 -2.40
CA VAL A 193 41.63 -22.52 -3.35
C VAL A 193 42.40 -23.02 -4.57
N GLY A 194 42.34 -22.28 -5.67
CA GLY A 194 43.04 -22.71 -6.86
C GLY A 194 42.91 -21.74 -8.00
N LYS A 195 43.67 -21.96 -9.07
CA LYS A 195 43.66 -21.06 -10.20
C LYS A 195 43.66 -21.82 -11.51
N VAL A 196 42.88 -21.34 -12.46
CA VAL A 196 42.74 -22.01 -13.75
C VAL A 196 44.00 -21.84 -14.58
N VAL A 197 44.50 -22.96 -15.11
CA VAL A 197 45.75 -22.95 -15.85
C VAL A 197 45.53 -23.25 -17.34
N LYS A 198 44.40 -23.86 -17.67
CA LYS A 198 44.04 -24.04 -19.08
C LYS A 198 42.55 -24.29 -19.31
N ILE A 199 41.94 -23.46 -20.15
CA ILE A 199 40.57 -23.65 -20.59
C ILE A 199 40.53 -24.75 -21.64
N LEU A 200 39.76 -25.81 -21.38
CA LEU A 200 39.64 -26.89 -22.37
C LEU A 200 38.45 -26.63 -23.29
N ASP A 201 38.69 -25.83 -24.33
CA ASP A 201 37.66 -25.38 -25.27
C ASP A 201 36.37 -24.86 -24.61
N THR B 12 13.73 5.61 57.53
CA THR B 12 12.32 5.45 57.07
C THR B 12 11.35 6.02 58.10
N ALA B 13 11.65 5.79 59.38
CA ALA B 13 10.76 6.18 60.47
C ALA B 13 10.57 7.69 60.58
N GLU B 14 11.50 8.35 61.28
CA GLU B 14 11.44 9.80 61.42
C GLU B 14 12.18 10.48 60.28
N LYS B 15 12.48 9.70 59.24
CA LYS B 15 13.10 10.21 58.03
C LYS B 15 11.99 10.74 57.12
N ALA B 16 11.05 9.87 56.79
CA ALA B 16 9.94 10.25 55.95
C ALA B 16 9.22 11.46 56.51
N ILE B 17 9.22 11.59 57.84
CA ILE B 17 8.57 12.73 58.49
C ILE B 17 9.23 14.04 58.06
N GLU B 18 10.51 13.97 57.73
CA GLU B 18 11.23 15.15 57.26
C GLU B 18 10.95 15.38 55.78
N ILE B 19 11.01 14.30 55.00
CA ILE B 19 10.73 14.38 53.57
C ILE B 19 9.37 15.06 53.42
N TRP B 20 8.51 14.81 54.38
CA TRP B 20 7.21 15.42 54.43
C TRP B 20 7.33 16.94 54.38
N LYS B 21 8.17 17.49 55.24
CA LYS B 21 8.32 18.93 55.33
C LYS B 21 8.95 19.54 54.08
N ILE B 22 9.94 18.86 53.54
CA ILE B 22 10.56 19.28 52.28
C ILE B 22 9.48 19.40 51.22
N ARG B 23 8.62 18.39 51.15
CA ARG B 23 7.54 18.38 50.18
C ARG B 23 6.59 19.56 50.40
N ARG B 24 6.38 19.94 51.66
CA ARG B 24 5.54 21.10 51.94
C ARG B 24 6.21 22.37 51.46
N LEU B 25 7.53 22.45 51.65
CA LEU B 25 8.28 23.61 51.23
C LEU B 25 8.25 23.75 49.71
N VAL B 26 8.76 22.75 49.00
CA VAL B 26 8.80 22.81 47.55
C VAL B 26 7.45 23.22 47.00
N LYS B 27 6.40 22.85 47.73
CA LYS B 27 5.03 23.09 47.30
C LYS B 27 4.65 24.57 47.36
N GLN B 28 5.22 25.28 48.34
CA GLN B 28 4.91 26.70 48.51
C GLN B 28 5.87 27.61 47.76
N LEU B 29 7.06 27.11 47.48
CA LEU B 29 8.05 27.89 46.74
C LEU B 29 7.64 28.05 45.28
N ILE B 30 7.35 26.93 44.63
CA ILE B 30 6.92 26.96 43.23
C ILE B 30 5.55 27.60 43.12
N ASN B 31 4.89 27.76 44.26
CA ASN B 31 3.57 28.36 44.30
C ASN B 31 3.67 29.88 44.19
N CYS B 32 4.64 30.47 44.87
CA CYS B 32 4.85 31.91 44.84
C CYS B 32 5.72 32.34 43.66
N HIS B 33 5.41 33.52 43.12
CA HIS B 33 6.13 34.04 41.98
C HIS B 33 6.41 35.55 42.15
N GLY B 34 7.61 35.96 41.78
CA GLY B 34 7.97 37.38 41.80
C GLY B 34 8.20 37.90 40.40
N ASN B 35 8.17 39.22 40.24
CA ASN B 35 8.35 39.83 38.91
C ASN B 35 9.76 40.37 38.65
N GLY B 36 10.23 40.20 37.42
CA GLY B 36 11.59 40.55 37.05
C GLY B 36 12.58 39.64 37.75
N THR B 37 13.35 38.90 36.96
CA THR B 37 14.33 37.95 37.51
C THR B 37 15.00 38.49 38.78
N SER B 38 14.49 38.08 39.94
CA SER B 38 14.95 38.62 41.22
C SER B 38 14.82 37.60 42.35
N MET B 39 14.74 36.33 41.99
CA MET B 39 14.57 35.28 42.98
C MET B 39 15.85 34.45 43.07
N ILE B 40 16.63 34.69 44.10
CA ILE B 40 17.87 33.96 44.27
C ILE B 40 17.60 32.57 44.80
N THR B 41 18.07 31.57 44.07
CA THR B 41 18.07 30.21 44.57
C THR B 41 19.53 29.77 44.64
N LEU B 42 19.93 29.18 45.75
CA LEU B 42 21.34 28.89 45.98
C LEU B 42 21.50 27.58 46.74
N ILE B 43 22.22 26.64 46.13
CA ILE B 43 22.42 25.36 46.78
C ILE B 43 23.89 24.97 46.81
N ILE B 44 24.42 24.83 48.02
CA ILE B 44 25.83 24.54 48.22
C ILE B 44 26.03 23.17 48.86
N PRO B 45 26.62 22.23 48.10
CA PRO B 45 26.91 20.88 48.58
C PRO B 45 27.98 20.89 49.66
N PRO B 46 28.13 19.77 50.40
CA PRO B 46 29.12 19.70 51.47
C PRO B 46 30.54 19.76 50.93
N GLY B 47 31.50 19.94 51.83
CA GLY B 47 32.91 19.96 51.44
C GLY B 47 33.38 21.30 50.90
N GLU B 48 32.43 22.09 50.40
CA GLU B 48 32.73 23.41 49.85
C GLU B 48 33.03 24.40 50.97
N GLN B 49 33.73 25.49 50.63
CA GLN B 49 33.85 26.60 51.56
C GLN B 49 32.84 27.69 51.23
N ILE B 50 32.30 28.32 52.27
CA ILE B 50 31.33 29.38 52.08
C ILE B 50 31.93 30.51 51.27
N SER B 51 33.15 30.90 51.61
CA SER B 51 33.79 32.07 51.01
C SER B 51 33.76 32.07 49.48
N ARG B 52 33.72 30.88 48.87
CA ARG B 52 33.74 30.78 47.43
C ARG B 52 32.44 31.35 46.84
N TYR B 53 31.32 30.95 47.42
CA TYR B 53 30.02 31.41 46.95
C TYR B 53 29.74 32.84 47.40
N SER B 54 30.20 33.19 48.59
CA SER B 54 30.03 34.54 49.09
C SER B 54 30.54 35.56 48.08
N ASN B 55 31.85 35.55 47.83
CA ASN B 55 32.42 36.49 46.89
C ASN B 55 32.18 36.08 45.43
N MET B 56 31.22 35.19 45.22
CA MET B 56 30.72 34.92 43.89
C MET B 56 29.51 35.81 43.68
N LEU B 57 28.60 35.79 44.65
CA LEU B 57 27.47 36.70 44.66
C LEU B 57 27.99 38.12 44.52
N ALA B 58 29.11 38.39 45.16
CA ALA B 58 29.74 39.70 45.08
C ALA B 58 29.99 40.07 43.63
N GLU B 59 30.43 39.10 42.85
CA GLU B 59 30.65 39.33 41.43
C GLU B 59 29.32 39.52 40.73
N GLU B 60 28.38 38.62 41.01
CA GLU B 60 27.05 38.72 40.44
C GLU B 60 26.45 40.08 40.74
N TYR B 61 26.88 40.70 41.85
CA TYR B 61 26.39 42.01 42.23
C TYR B 61 26.87 43.06 41.26
N GLY B 62 28.11 42.93 40.82
CA GLY B 62 28.69 43.86 39.85
C GLY B 62 28.02 43.67 38.51
N THR B 63 27.96 42.41 38.08
CA THR B 63 27.28 42.01 36.85
C THR B 63 25.84 42.51 36.85
N ALA B 64 25.13 42.27 37.94
CA ALA B 64 23.74 42.68 38.06
C ALA B 64 23.60 44.19 37.97
N SER B 65 24.69 44.92 38.15
CA SER B 65 24.56 46.37 38.16
C SER B 65 24.39 46.96 36.77
N ASN B 66 24.56 46.12 35.75
CA ASN B 66 24.25 46.50 34.37
C ASN B 66 22.90 45.94 33.98
N ILE B 67 21.83 46.69 34.25
CA ILE B 67 20.49 46.18 33.94
C ILE B 67 19.61 47.19 33.20
N LYS B 68 19.79 48.48 33.50
CA LYS B 68 19.04 49.53 32.83
C LYS B 68 17.58 49.58 33.28
N SER B 69 17.13 48.53 33.96
CA SER B 69 15.77 48.47 34.49
C SER B 69 15.75 48.92 35.95
N ARG B 70 15.82 50.23 36.16
CA ARG B 70 15.89 50.77 37.52
C ARG B 70 15.05 49.96 38.51
N VAL B 71 13.77 49.76 38.20
CA VAL B 71 12.88 49.05 39.09
C VAL B 71 13.30 47.60 39.28
N ASN B 72 13.79 46.97 38.22
CA ASN B 72 14.24 45.58 38.29
C ASN B 72 15.65 45.45 38.86
N ARG B 73 16.56 46.27 38.35
CA ARG B 73 17.92 46.20 38.82
C ARG B 73 17.96 46.33 40.33
N LEU B 74 17.46 47.46 40.83
CA LEU B 74 17.43 47.73 42.25
C LEU B 74 16.94 46.49 43.01
N SER B 75 15.99 45.78 42.41
CA SER B 75 15.45 44.57 43.01
C SER B 75 16.49 43.46 43.12
N VAL B 76 17.18 43.18 42.01
CA VAL B 76 18.22 42.15 41.99
C VAL B 76 19.35 42.47 42.95
N LEU B 77 19.72 43.75 43.02
CA LEU B 77 20.80 44.20 43.88
C LEU B 77 20.50 43.83 45.34
N SER B 78 19.32 44.22 45.81
CA SER B 78 18.95 43.99 47.20
C SER B 78 18.69 42.53 47.51
N ALA B 79 18.48 41.72 46.47
CA ALA B 79 18.28 40.28 46.66
C ALA B 79 19.62 39.57 46.80
N ILE B 80 20.56 39.93 45.94
CA ILE B 80 21.91 39.39 46.02
C ILE B 80 22.55 39.76 47.34
N THR B 81 22.38 41.01 47.74
CA THR B 81 22.86 41.45 49.03
C THR B 81 22.24 40.64 50.14
N SER B 82 20.92 40.50 50.10
CA SER B 82 20.16 39.85 51.16
C SER B 82 20.57 38.38 51.33
N THR B 83 20.97 37.77 50.23
CA THR B 83 21.46 36.40 50.24
C THR B 83 22.86 36.39 50.86
N ARG B 84 23.73 37.22 50.31
CA ARG B 84 25.15 37.21 50.67
C ARG B 84 25.39 37.27 52.16
N GLU B 85 24.87 38.30 52.80
CA GLU B 85 25.16 38.51 54.21
C GLU B 85 24.30 37.63 55.10
N ARG B 86 23.40 36.87 54.49
CA ARG B 86 22.76 35.77 55.17
C ARG B 86 23.71 34.57 55.11
N LEU B 87 24.24 34.32 53.93
CA LEU B 87 25.21 33.25 53.72
C LEU B 87 26.41 33.44 54.63
N LYS B 88 26.79 34.70 54.83
CA LYS B 88 27.90 35.06 55.71
C LYS B 88 27.71 34.61 57.14
N LEU B 89 26.46 34.49 57.56
CA LEU B 89 26.15 34.08 58.92
C LEU B 89 26.71 32.69 59.26
N TYR B 90 26.92 31.88 58.23
CA TYR B 90 27.48 30.55 58.42
C TYR B 90 29.01 30.57 58.34
N ASN B 91 29.65 29.67 59.09
CA ASN B 91 31.11 29.61 59.10
C ASN B 91 31.66 28.39 58.36
N LYS B 92 30.78 27.43 58.10
CA LYS B 92 31.13 26.24 57.37
C LYS B 92 29.86 25.74 56.73
N VAL B 93 29.96 25.21 55.52
CA VAL B 93 28.80 24.57 54.92
C VAL B 93 28.38 23.40 55.82
N PRO B 94 27.34 23.61 56.63
CA PRO B 94 27.01 22.72 57.74
C PRO B 94 26.91 21.26 57.31
N ASP B 95 27.40 20.37 58.16
CA ASP B 95 27.46 18.94 57.88
C ASP B 95 26.66 18.51 56.65
N ASN B 96 27.26 18.69 55.48
CA ASN B 96 26.68 18.16 54.25
C ASN B 96 25.36 18.82 53.84
N GLY B 97 25.47 20.00 53.23
CA GLY B 97 24.30 20.70 52.70
C GLY B 97 24.11 22.13 53.16
N LEU B 98 23.66 22.98 52.24
CA LEU B 98 23.21 24.32 52.57
C LEU B 98 22.30 24.84 51.45
N VAL B 99 21.09 25.25 51.81
CA VAL B 99 20.13 25.72 50.83
C VAL B 99 19.57 27.08 51.20
N ILE B 100 19.49 27.97 50.21
CA ILE B 100 18.98 29.31 50.43
C ILE B 100 18.08 29.78 49.31
N TYR B 101 16.84 30.10 49.65
CA TYR B 101 15.92 30.72 48.70
C TYR B 101 15.65 32.13 49.18
N CYS B 102 15.79 33.09 48.27
CA CYS B 102 15.72 34.47 48.66
C CYS B 102 15.12 35.36 47.58
N GLY B 103 14.48 36.43 48.00
CA GLY B 103 13.82 37.36 47.09
C GLY B 103 12.47 37.77 47.64
N GLU B 104 11.90 38.84 47.10
CA GLU B 104 10.59 39.28 47.56
C GLU B 104 9.52 38.85 46.57
N VAL B 105 8.43 38.31 47.10
CA VAL B 105 7.40 37.69 46.28
C VAL B 105 6.06 38.41 46.43
N ILE B 106 5.34 38.52 45.31
CA ILE B 106 4.04 39.20 45.30
C ILE B 106 3.07 38.60 46.31
N MET B 107 2.15 39.42 46.80
CA MET B 107 1.25 38.99 47.86
C MET B 107 -0.15 39.54 47.68
N GLU B 108 -1.10 39.01 48.45
CA GLU B 108 -2.45 39.52 48.44
C GLU B 108 -2.47 40.94 49.01
N GLY B 109 -3.36 41.79 48.49
CA GLY B 109 -3.45 43.17 48.95
C GLY B 109 -2.48 44.07 48.21
N ASN B 110 -1.63 43.47 47.38
CA ASN B 110 -0.68 44.21 46.56
C ASN B 110 0.56 44.69 47.34
N LYS B 111 0.80 44.08 48.50
CA LYS B 111 2.00 44.40 49.29
C LYS B 111 2.88 43.16 49.35
N THR B 112 4.10 43.27 48.79
CA THR B 112 5.01 42.12 48.73
C THR B 112 5.57 41.72 50.09
N ARG B 113 6.46 40.73 50.08
CA ARG B 113 7.06 40.21 51.31
C ARG B 113 8.43 39.61 51.02
N LYS B 114 9.48 40.32 51.39
CA LYS B 114 10.81 39.80 51.17
C LYS B 114 11.00 38.48 51.90
N LEU B 115 11.44 37.46 51.18
CA LEU B 115 11.50 36.11 51.72
C LEU B 115 12.91 35.54 51.66
N ASN B 116 13.37 34.99 52.78
CA ASN B 116 14.72 34.47 52.85
C ASN B 116 14.80 33.22 53.72
N ILE B 117 14.80 32.05 53.08
CA ILE B 117 14.92 30.78 53.80
C ILE B 117 16.32 30.22 53.62
N ASP B 118 16.85 29.62 54.68
CA ASP B 118 18.16 28.98 54.62
C ASP B 118 18.21 27.83 55.62
N PHE B 119 18.56 26.64 55.15
CA PHE B 119 18.48 25.47 55.99
C PHE B 119 19.40 24.33 55.55
N GLU B 120 19.78 23.49 56.51
CA GLU B 120 20.59 22.31 56.26
C GLU B 120 19.69 21.09 56.09
N PRO B 121 19.72 20.47 54.90
CA PRO B 121 18.84 19.37 54.52
C PRO B 121 19.29 18.00 55.06
N PHE B 122 19.75 17.14 54.15
CA PHE B 122 20.23 15.78 54.48
C PHE B 122 21.20 15.24 53.44
N LYS B 123 22.26 16.00 53.15
CA LYS B 123 23.23 15.56 52.15
C LYS B 123 22.78 15.82 50.72
N PRO B 124 22.76 17.11 50.29
CA PRO B 124 22.55 17.41 48.87
C PRO B 124 23.80 17.10 48.05
N ILE B 125 24.10 15.80 47.93
CA ILE B 125 25.33 15.34 47.28
C ILE B 125 25.59 16.03 45.94
N ASN B 126 26.79 16.59 45.82
CA ASN B 126 27.30 17.11 44.56
C ASN B 126 26.46 18.22 43.92
N THR B 127 25.28 18.49 44.45
CA THR B 127 24.37 19.47 43.85
C THR B 127 24.72 20.91 44.24
N SER B 128 25.55 21.55 43.43
CA SER B 128 25.86 22.97 43.58
C SER B 128 25.01 23.73 42.58
N GLN B 129 24.58 24.93 42.94
CA GLN B 129 23.72 25.69 42.05
C GLN B 129 23.42 27.11 42.52
N TYR B 130 23.64 28.07 41.63
CA TYR B 130 23.15 29.43 41.80
C TYR B 130 22.27 29.77 40.62
N LEU B 131 21.16 30.43 40.88
CA LEU B 131 20.26 30.83 39.81
C LEU B 131 19.50 32.08 40.22
N CYS B 132 19.37 33.01 39.28
CA CYS B 132 18.56 34.21 39.53
C CYS B 132 17.45 34.37 38.50
N ASP B 133 16.34 33.69 38.73
CA ASP B 133 15.21 33.72 37.81
C ASP B 133 14.09 34.57 38.41
N ASN B 134 12.89 34.45 37.84
CA ASN B 134 11.71 35.10 38.39
C ASN B 134 10.85 34.10 39.18
N LYS B 135 11.45 32.97 39.51
CA LYS B 135 10.81 31.94 40.34
C LYS B 135 11.88 31.13 41.06
N PHE B 136 11.45 30.36 42.05
CA PHE B 136 12.37 29.51 42.80
C PHE B 136 12.56 28.15 42.14
N HIS B 137 13.81 27.71 42.07
CA HIS B 137 14.14 26.45 41.43
C HIS B 137 14.24 25.32 42.46
N THR B 138 13.19 24.51 42.51
CA THR B 138 13.11 23.45 43.50
C THR B 138 13.52 22.10 42.94
N GLU B 139 13.79 22.06 41.64
CA GLU B 139 14.24 20.82 41.02
C GLU B 139 15.36 20.20 41.84
N ALA B 140 16.27 21.06 42.30
CA ALA B 140 17.39 20.62 43.13
C ALA B 140 16.87 19.81 44.32
N LEU B 141 15.97 20.41 45.08
CA LEU B 141 15.39 19.78 46.27
C LEU B 141 14.84 18.39 45.97
N ALA B 142 14.28 18.22 44.77
CA ALA B 142 13.60 16.97 44.39
C ALA B 142 14.36 15.70 44.73
N GLU B 143 15.69 15.81 44.87
CA GLU B 143 16.52 14.65 45.17
C GLU B 143 16.40 14.21 46.64
N LEU B 144 15.93 15.11 47.50
CA LEU B 144 15.75 14.79 48.90
C LEU B 144 14.41 14.09 49.13
N LEU B 145 13.79 13.64 48.05
CA LEU B 145 12.44 13.09 48.11
C LEU B 145 12.39 11.60 47.75
N ASN B 282 6.66 1.26 44.36
CA ASN B 282 5.75 2.02 45.20
C ASN B 282 5.95 1.74 46.69
N VAL B 283 7.20 1.46 47.07
CA VAL B 283 7.52 1.15 48.45
C VAL B 283 6.93 2.17 49.42
N LYS B 284 6.90 3.44 49.00
CA LYS B 284 6.31 4.50 49.81
C LYS B 284 4.78 4.39 49.85
N TYR B 285 4.18 3.97 48.73
CA TYR B 285 2.72 3.84 48.66
C TYR B 285 2.24 2.56 49.33
N VAL B 286 3.01 1.48 49.19
CA VAL B 286 2.61 0.22 49.78
C VAL B 286 2.56 0.34 51.29
N GLN B 287 3.58 0.97 51.88
CA GLN B 287 3.55 1.21 53.32
C GLN B 287 2.35 2.05 53.70
N GLU B 288 2.10 3.08 52.90
CA GLU B 288 0.96 3.96 53.12
C GLU B 288 -0.34 3.14 53.08
N LYS B 289 -0.50 2.33 52.04
CA LYS B 289 -1.68 1.47 51.89
C LYS B 289 -1.76 0.43 53.01
N LYS B 290 -0.60 -0.16 53.33
CA LYS B 290 -0.52 -1.17 54.38
C LYS B 290 -0.93 -0.57 55.72
N LEU B 291 -0.52 0.67 55.97
CA LEU B 291 -0.84 1.34 57.21
C LEU B 291 -2.33 1.63 57.31
N ILE B 292 -2.92 2.20 56.26
CA ILE B 292 -4.33 2.54 56.29
C ILE B 292 -5.21 1.31 56.43
N GLN B 293 -4.73 0.17 55.92
CA GLN B 293 -5.47 -1.08 56.03
C GLN B 293 -5.43 -1.60 57.46
N ARG B 294 -4.27 -1.49 58.08
CA ARG B 294 -4.11 -1.81 59.49
C ARG B 294 -5.17 -1.06 60.29
N PHE B 295 -5.45 0.17 59.87
CA PHE B 295 -6.42 1.02 60.52
C PHE B 295 -7.83 0.56 60.20
N PHE B 296 -8.05 0.14 58.96
CA PHE B 296 -9.36 -0.32 58.52
C PHE B 296 -9.79 -1.58 59.27
N ASP B 297 -8.83 -2.43 59.59
CA ASP B 297 -9.10 -3.65 60.35
C ASP B 297 -9.83 -3.32 61.64
N GLU B 298 -9.41 -2.25 62.29
CA GLU B 298 -10.03 -1.83 63.54
C GLU B 298 -11.46 -1.35 63.32
N ILE B 299 -11.92 -1.36 62.07
CA ILE B 299 -13.31 -1.02 61.80
C ILE B 299 -14.04 -2.26 61.30
N SER B 300 -13.33 -3.11 60.56
CA SER B 300 -13.88 -4.38 60.06
C SER B 300 -14.02 -5.39 61.18
N LEU B 301 -13.38 -5.08 62.31
CA LEU B 301 -13.42 -5.93 63.49
C LEU B 301 -14.13 -5.22 64.63
N ASP B 302 -14.66 -4.03 64.35
CA ASP B 302 -15.34 -3.24 65.37
C ASP B 302 -14.60 -3.40 66.70
N SER B 303 -13.31 -3.16 66.80
CA SER B 303 -12.64 -3.49 68.06
C SER B 303 -12.88 -2.40 69.10
N GLY B 304 -12.82 -1.17 68.64
CA GLY B 304 -13.00 -0.02 69.50
C GLY B 304 -11.67 0.67 69.71
N LYS B 305 -10.69 0.31 68.90
CA LYS B 305 -9.40 1.01 68.87
C LYS B 305 -9.30 1.83 67.59
N TYR B 306 -9.76 3.08 67.62
CA TYR B 306 -9.66 3.89 66.42
C TYR B 306 -10.57 5.11 66.44
N CYS B 307 -10.27 6.05 65.53
CA CYS B 307 -10.71 7.44 65.57
C CYS B 307 -9.61 8.18 64.82
N PHE B 308 -9.82 8.73 63.61
CA PHE B 308 -11.10 9.06 62.95
C PHE B 308 -11.87 10.22 63.61
N GLY B 309 -11.65 11.42 63.07
CA GLY B 309 -12.21 12.65 63.61
C GLY B 309 -11.11 13.55 64.13
N VAL B 310 -11.28 14.86 64.00
CA VAL B 310 -10.28 15.79 64.54
C VAL B 310 -10.41 15.89 66.04
N VAL B 311 -11.60 16.31 66.48
CA VAL B 311 -11.89 16.49 67.88
C VAL B 311 -11.66 15.20 68.65
N ASP B 312 -11.87 14.07 67.99
CA ASP B 312 -11.72 12.77 68.65
C ASP B 312 -10.25 12.30 68.66
N THR B 313 -9.58 12.38 67.53
CA THR B 313 -8.19 11.96 67.46
C THR B 313 -7.33 12.84 68.34
N MET B 314 -7.61 14.14 68.32
CA MET B 314 -6.85 15.07 69.16
C MET B 314 -7.06 14.74 70.65
N ASN B 315 -8.31 14.52 71.03
CA ASN B 315 -8.63 14.12 72.39
C ASN B 315 -7.98 12.80 72.80
N ALA B 316 -8.01 11.82 71.90
CA ALA B 316 -7.40 10.52 72.18
C ALA B 316 -5.89 10.66 72.37
N LEU B 317 -5.29 11.54 71.56
CA LEU B 317 -3.88 11.82 71.66
C LEU B 317 -3.63 12.57 72.96
N GLN B 318 -4.36 13.67 73.11
CA GLN B 318 -4.35 14.46 74.33
C GLN B 318 -4.44 13.56 75.56
N GLU B 319 -5.56 12.86 75.67
CA GLU B 319 -5.81 11.88 76.73
C GLU B 319 -4.94 10.64 76.54
N GLY B 320 -4.72 9.90 77.62
CA GLY B 320 -3.97 8.65 77.55
C GLY B 320 -3.09 8.51 76.33
N ALA B 321 -3.43 7.58 75.44
CA ALA B 321 -2.56 7.27 74.33
C ALA B 321 -3.29 6.86 73.04
N VAL B 322 -2.61 7.08 71.93
CA VAL B 322 -2.95 6.52 70.64
C VAL B 322 -1.69 5.79 70.17
N GLU B 323 -1.86 4.69 69.45
CA GLU B 323 -0.70 3.94 68.98
C GLU B 323 -0.09 4.55 67.74
N THR B 324 -0.92 4.77 66.72
CA THR B 324 -0.42 5.36 65.48
C THR B 324 -1.38 6.41 65.00
N LEU B 325 -0.83 7.60 64.69
CA LEU B 325 -1.63 8.72 64.24
C LEU B 325 -1.57 8.79 62.72
N LEU B 326 -2.72 8.73 62.07
CA LEU B 326 -2.76 8.84 60.62
C LEU B 326 -3.19 10.23 60.20
N CYS B 327 -2.30 10.97 59.57
CA CYS B 327 -2.65 12.31 59.10
C CYS B 327 -2.49 12.51 57.60
N PHE B 328 -3.42 13.24 57.02
CA PHE B 328 -3.41 13.51 55.59
C PHE B 328 -2.43 14.61 55.25
N ALA B 329 -1.44 14.30 54.44
CA ALA B 329 -0.42 15.27 54.04
C ALA B 329 -0.95 16.69 53.90
N ASP B 330 -1.92 16.90 53.01
CA ASP B 330 -2.43 18.23 52.79
C ASP B 330 -3.68 18.50 53.63
N LEU B 331 -3.63 18.16 54.92
CA LEU B 331 -4.79 18.35 55.78
C LEU B 331 -5.14 19.83 55.86
N ASP B 332 -6.41 20.14 55.62
CA ASP B 332 -6.89 21.51 55.67
C ASP B 332 -7.40 21.85 57.06
N MET B 333 -6.48 21.99 58.02
CA MET B 333 -6.85 22.21 59.41
C MET B 333 -5.90 23.18 60.09
N ILE B 334 -6.45 24.23 60.69
CA ILE B 334 -5.64 25.19 61.43
C ILE B 334 -5.88 25.13 62.94
N ARG B 335 -4.80 25.21 63.71
CA ARG B 335 -4.87 25.05 65.15
C ARG B 335 -4.60 26.36 65.87
N TYR B 336 -5.67 27.08 66.21
CA TYR B 336 -5.53 28.37 66.88
C TYR B 336 -5.30 28.21 68.38
N ILE B 347 -7.70 26.14 72.61
CA ILE B 347 -7.45 25.39 71.39
C ILE B 347 -8.76 25.03 70.68
N THR B 348 -9.04 25.71 69.58
CA THR B 348 -10.19 25.36 68.75
C THR B 348 -9.78 25.18 67.29
N TYR B 349 -10.11 24.01 66.75
CA TYR B 349 -9.68 23.63 65.41
C TYR B 349 -10.72 24.02 64.37
N MET B 350 -10.25 24.43 63.19
CA MET B 350 -11.16 24.74 62.08
C MET B 350 -10.47 24.54 60.72
N THR B 351 -11.27 24.58 59.67
CA THR B 351 -10.74 24.42 58.31
C THR B 351 -10.61 25.77 57.64
N LYS B 352 -11.11 25.86 56.40
CA LYS B 352 -11.22 27.14 55.73
C LYS B 352 -12.67 27.62 55.80
N GLU B 353 -13.24 27.42 56.99
CA GLU B 353 -14.58 27.87 57.33
C GLU B 353 -14.47 29.10 58.22
N GLN B 354 -13.52 29.97 57.88
CA GLN B 354 -13.13 31.06 58.76
C GLN B 354 -13.59 32.42 58.22
N GLU B 355 -13.89 32.47 56.93
CA GLU B 355 -14.35 33.69 56.27
C GLU B 355 -15.75 34.09 56.74
N GLU B 356 -16.48 33.12 57.29
CA GLU B 356 -17.85 33.33 57.77
C GLU B 356 -17.89 33.65 59.26
N LYS B 357 -17.16 32.87 60.05
CA LYS B 357 -17.19 32.98 61.50
C LYS B 357 -16.49 34.22 62.03
N ASP B 358 -16.90 34.68 63.21
CA ASP B 358 -16.20 35.73 63.94
C ASP B 358 -15.60 35.11 65.18
N SER B 359 -14.56 34.30 64.97
CA SER B 359 -13.98 33.45 66.02
C SER B 359 -13.27 34.25 67.11
N SER B 377 1.04 29.27 67.89
CA SER B 377 -0.09 30.05 68.37
C SER B 377 -1.28 29.87 67.43
N SER B 378 -1.05 30.12 66.15
CA SER B 378 -2.03 29.84 65.10
C SER B 378 -1.36 29.05 64.00
N MET B 379 -1.28 27.73 64.20
CA MET B 379 -0.49 26.85 63.34
C MET B 379 -1.38 26.02 62.43
N LEU B 380 -0.75 25.16 61.62
CA LEU B 380 -1.48 24.14 60.88
C LEU B 380 -1.46 22.85 61.70
N LEU B 381 -2.62 22.26 61.95
CA LEU B 381 -2.67 21.05 62.75
C LEU B 381 -1.57 20.11 62.25
N SER B 382 -1.59 19.88 60.94
CA SER B 382 -0.57 19.07 60.28
C SER B 382 0.83 19.35 60.81
N GLU B 383 1.16 20.63 60.92
CA GLU B 383 2.50 21.05 61.32
C GLU B 383 2.72 20.90 62.82
N TRP B 384 1.68 21.19 63.61
CA TRP B 384 1.80 21.06 65.05
C TRP B 384 2.05 19.61 65.46
N LEU B 385 1.38 18.68 64.79
CA LEU B 385 1.56 17.27 65.09
C LEU B 385 2.99 16.83 64.74
N ALA B 386 3.51 17.36 63.65
CA ALA B 386 4.83 16.97 63.19
C ALA B 386 5.93 17.40 64.17
N GLU B 387 5.56 18.23 65.15
CA GLU B 387 6.54 18.78 66.07
C GLU B 387 6.33 18.35 67.53
N HIS B 388 5.18 17.78 67.83
CA HIS B 388 4.84 17.44 69.21
C HIS B 388 4.42 15.99 69.38
N TYR B 389 4.12 15.32 68.27
CA TYR B 389 3.63 13.95 68.33
C TYR B 389 4.51 13.11 69.25
N LYS B 390 5.81 13.41 69.25
CA LYS B 390 6.76 12.66 70.07
C LYS B 390 6.39 12.68 71.56
N ASP B 391 5.84 13.80 72.02
CA ASP B 391 5.50 13.96 73.42
C ASP B 391 4.20 13.25 73.80
N TYR B 392 3.87 12.18 73.10
CA TYR B 392 2.59 11.51 73.32
C TYR B 392 2.60 10.01 73.11
N GLY B 393 3.74 9.44 72.75
CA GLY B 393 3.82 8.01 72.50
C GLY B 393 3.89 7.64 71.03
N ALA B 394 2.85 8.01 70.28
CA ALA B 394 2.90 7.92 68.82
C ALA B 394 4.16 8.65 68.38
N ASN B 395 4.73 8.33 67.21
CA ASN B 395 4.17 7.42 66.20
C ASN B 395 3.16 8.09 65.29
N LEU B 396 3.68 8.77 64.27
CA LEU B 396 2.87 9.55 63.36
C LEU B 396 3.24 9.22 61.93
N GLU B 397 2.22 9.12 61.08
CA GLU B 397 2.43 8.78 59.69
C GLU B 397 1.62 9.72 58.81
N PHE B 398 2.29 10.39 57.89
CA PHE B 398 1.59 11.21 56.92
C PHE B 398 1.25 10.38 55.69
N VAL B 399 -0.03 10.36 55.32
CA VAL B 399 -0.47 9.59 54.16
C VAL B 399 -1.06 10.49 53.08
N SER B 400 -0.85 10.12 51.82
CA SER B 400 -1.35 10.90 50.71
C SER B 400 -2.59 10.27 50.11
N ASP B 401 -3.45 11.10 49.52
CA ASP B 401 -4.66 10.59 48.90
C ASP B 401 -4.40 10.09 47.49
N ARG B 402 -3.23 9.49 47.28
CA ARG B 402 -2.91 8.88 46.01
C ARG B 402 -3.63 7.55 45.91
N SER B 403 -3.48 6.73 46.94
CA SER B 403 -4.04 5.37 46.96
C SER B 403 -5.55 5.37 47.14
N GLN B 404 -6.18 4.24 46.81
CA GLN B 404 -7.61 4.10 47.05
C GLN B 404 -7.86 4.22 48.54
N GLU B 405 -7.00 3.58 49.32
CA GLU B 405 -7.06 3.68 50.77
C GLU B 405 -7.02 5.14 51.19
N GLY B 406 -6.02 5.86 50.69
CA GLY B 406 -5.85 7.26 51.02
C GLY B 406 -7.14 8.02 50.82
N MET B 407 -7.66 7.98 49.60
CA MET B 407 -8.87 8.70 49.26
C MET B 407 -10.00 8.36 50.23
N GLN B 408 -10.13 7.07 50.55
CA GLN B 408 -11.10 6.64 51.55
C GLN B 408 -10.79 7.37 52.84
N PHE B 409 -9.60 7.13 53.36
CA PHE B 409 -9.18 7.70 54.62
C PHE B 409 -9.37 9.20 54.67
N VAL B 410 -9.32 9.85 53.51
CA VAL B 410 -9.47 11.31 53.47
C VAL B 410 -10.91 11.76 53.37
N LYS B 411 -11.61 11.26 52.36
CA LYS B 411 -12.96 11.72 52.09
C LYS B 411 -13.98 11.03 52.99
N GLY B 412 -13.57 9.92 53.59
CA GLY B 412 -14.47 9.13 54.42
C GLY B 412 -14.24 9.32 55.91
N PHE B 413 -12.98 9.57 56.29
CA PHE B 413 -12.66 9.74 57.70
C PHE B 413 -11.92 11.05 57.99
N GLY B 414 -12.38 12.13 57.37
CA GLY B 414 -11.82 13.47 57.62
C GLY B 414 -10.34 13.63 57.36
N GLY B 415 -9.68 12.54 57.01
CA GLY B 415 -8.27 12.60 56.71
C GLY B 415 -7.41 12.56 57.95
N ILE B 416 -8.02 12.56 59.12
CA ILE B 416 -7.24 12.42 60.36
C ILE B 416 -7.80 11.39 61.35
N GLY B 417 -6.92 10.48 61.76
CA GLY B 417 -7.31 9.37 62.60
C GLY B 417 -6.16 8.66 63.28
N ALA B 418 -6.47 7.54 63.93
CA ALA B 418 -5.52 6.83 64.75
C ALA B 418 -6.00 5.42 65.07
N VAL B 419 -5.06 4.51 65.25
CA VAL B 419 -5.36 3.20 65.80
C VAL B 419 -4.91 3.19 67.25
N MET B 420 -5.88 3.25 68.16
CA MET B 420 -5.55 3.30 69.58
C MET B 420 -5.08 1.94 70.09
N ARG B 421 -5.26 1.76 71.40
CA ARG B 421 -4.82 0.61 72.20
C ARG B 421 -5.17 1.20 73.53
N TYR B 422 -6.43 1.55 73.75
CA TYR B 422 -7.44 0.59 74.02
C TYR B 422 -8.74 1.40 74.01
N GLN B 423 -9.86 0.77 73.68
CA GLN B 423 -11.14 1.49 73.70
C GLN B 423 -11.12 2.66 74.69
N LEU B 424 -11.55 3.83 74.23
CA LEU B 424 -11.89 4.96 75.10
C LEU B 424 -13.35 5.31 74.93
N ASP B 425 -13.79 6.40 75.52
CA ASP B 425 -15.20 6.74 75.49
C ASP B 425 -15.43 8.10 74.87
N LEU B 426 -14.36 8.65 74.30
CA LEU B 426 -14.46 9.94 73.65
C LEU B 426 -15.39 10.85 74.44
N SER B 427 -14.78 11.60 75.36
CA SER B 427 -15.46 12.57 76.19
C SER B 427 -14.93 13.96 75.95
N MET B 428 -15.76 14.94 76.30
CA MET B 428 -15.55 16.34 75.92
C MET B 428 -15.39 16.49 74.40
N LEU B 429 -16.50 16.75 73.72
CA LEU B 429 -17.81 16.74 74.36
C LEU B 429 -18.98 17.12 73.44
N ASP B 430 -19.93 16.19 73.30
CA ASP B 430 -21.22 16.49 72.67
C ASP B 430 -22.11 15.26 72.47
N PRO B 431 -23.43 15.48 72.45
CA PRO B 431 -24.47 14.46 72.57
C PRO B 431 -23.89 13.06 72.44
N GLU B 432 -24.13 12.21 73.44
CA GLU B 432 -24.92 12.55 74.64
C GLU B 432 -24.82 14.00 75.09
N SER B 433 -25.93 14.53 75.58
CA SER B 433 -25.92 15.87 76.15
C SER B 433 -25.94 15.80 77.67
N ASP B 434 -27.09 16.08 78.28
CA ASP B 434 -28.32 16.40 77.56
C ASP B 434 -28.73 17.84 77.79
N GLU B 435 -28.44 18.34 78.99
CA GLU B 435 -28.80 19.70 79.37
C GLU B 435 -30.29 19.97 79.16
N ALA C 6 -42.14 5.68 25.64
CA ALA C 6 -41.13 5.06 24.73
C ALA C 6 -40.27 6.09 24.00
N PRO C 7 -39.12 6.39 24.56
CA PRO C 7 -38.10 7.21 23.93
C PRO C 7 -37.07 6.31 23.27
N PHE C 8 -36.38 6.80 22.25
CA PHE C 8 -35.31 6.05 21.62
C PHE C 8 -34.09 6.00 22.54
N ILE C 9 -33.46 4.84 22.63
CA ILE C 9 -32.26 4.67 23.47
C ILE C 9 -31.31 3.64 22.86
N MET C 10 -30.11 4.08 22.51
CA MET C 10 -29.10 3.21 21.91
C MET C 10 -27.70 3.57 22.38
N PRO C 11 -27.17 2.83 23.35
CA PRO C 11 -25.84 3.13 23.86
C PRO C 11 -24.76 2.88 22.81
N ILE C 12 -24.07 3.93 22.40
CA ILE C 12 -23.02 3.83 21.40
C ILE C 12 -21.93 2.85 21.84
N ALA C 13 -21.79 1.73 21.13
CA ALA C 13 -20.80 0.73 21.48
C ALA C 13 -19.50 0.93 20.73
N SER C 14 -19.59 1.41 19.48
CA SER C 14 -18.43 1.66 18.64
C SER C 14 -18.64 2.90 17.80
N LYS C 15 -17.54 3.60 17.49
CA LYS C 15 -17.58 4.75 16.61
C LYS C 15 -16.35 4.75 15.73
N TYR C 16 -16.55 4.86 14.42
CA TYR C 16 -15.43 4.95 13.49
C TYR C 16 -15.79 5.76 12.26
N LYS C 17 -14.79 6.43 11.68
CA LYS C 17 -14.99 7.21 10.47
C LYS C 17 -14.74 6.34 9.25
N ASP C 18 -14.95 6.91 8.06
CA ASP C 18 -14.85 6.14 6.82
C ASP C 18 -15.81 6.73 5.79
N LEU C 19 -15.40 7.81 5.13
CA LEU C 19 -16.33 8.54 4.31
C LEU C 19 -17.66 8.62 5.06
N GLY C 20 -17.66 9.34 6.17
CA GLY C 20 -18.83 9.42 7.04
C GLY C 20 -18.62 8.69 8.35
N THR C 21 -19.21 9.21 9.42
CA THR C 21 -19.08 8.60 10.73
C THR C 21 -20.06 7.45 10.87
N ILE C 22 -19.62 6.38 11.53
CA ILE C 22 -20.49 5.24 11.82
C ILE C 22 -20.53 4.98 13.32
N LEU C 23 -21.67 5.29 13.92
CA LEU C 23 -21.91 4.94 15.30
C LEU C 23 -22.65 3.62 15.27
N GLU C 24 -22.25 2.68 16.11
CA GLU C 24 -22.91 1.39 16.11
C GLU C 24 -23.28 0.99 17.54
N GLY C 25 -24.46 0.40 17.69
CA GLY C 25 -24.90 -0.06 18.99
C GLY C 25 -26.08 -1.02 18.89
N LYS C 26 -26.74 -1.26 20.02
CA LYS C 26 -27.94 -2.08 20.03
C LYS C 26 -29.07 -1.30 20.65
N ILE C 27 -30.12 -1.05 19.87
CA ILE C 27 -31.26 -0.29 20.35
C ILE C 27 -31.89 -0.95 21.57
N GLU C 28 -31.91 -0.25 22.69
CA GLU C 28 -32.44 -0.80 23.94
C GLU C 28 -33.88 -0.40 24.18
N ALA C 29 -34.35 0.60 23.45
CA ALA C 29 -35.73 1.04 23.61
C ALA C 29 -36.13 2.01 22.50
N GLY C 30 -37.39 1.91 22.07
CA GLY C 30 -37.90 2.77 21.03
C GLY C 30 -37.43 2.33 19.66
N SER C 31 -37.65 3.17 18.65
CA SER C 31 -37.21 2.83 17.31
C SER C 31 -36.58 4.04 16.64
N ILE C 32 -35.92 3.81 15.51
CA ILE C 32 -35.28 4.91 14.79
C ILE C 32 -35.52 4.77 13.28
N LYS C 33 -35.92 5.87 12.65
CA LYS C 33 -36.20 5.90 11.22
C LYS C 33 -35.11 6.64 10.44
N LYS C 34 -34.93 6.23 9.19
CA LYS C 34 -33.98 6.91 8.32
C LYS C 34 -34.34 8.38 8.25
N ASN C 35 -33.32 9.24 8.28
CA ASN C 35 -33.52 10.68 8.24
C ASN C 35 -34.26 11.21 9.45
N SER C 36 -33.77 10.85 10.63
CA SER C 36 -34.33 11.37 11.87
C SER C 36 -33.24 12.12 12.62
N ASN C 37 -33.64 12.83 13.66
CA ASN C 37 -32.68 13.53 14.49
C ASN C 37 -32.54 12.86 15.85
N VAL C 38 -31.35 12.38 16.16
CA VAL C 38 -31.10 11.81 17.46
C VAL C 38 -30.29 12.79 18.28
N LEU C 39 -30.30 12.59 19.59
CA LEU C 39 -29.52 13.44 20.51
C LEU C 39 -28.43 12.59 21.17
N VAL C 40 -27.21 13.08 21.17
CA VAL C 40 -26.13 12.38 21.84
C VAL C 40 -26.03 12.86 23.28
N MET C 41 -26.44 12.00 24.22
CA MET C 41 -26.29 12.30 25.63
C MET C 41 -25.02 11.67 26.14
N PRO C 42 -24.40 12.28 27.16
CA PRO C 42 -24.96 13.44 27.83
C PRO C 42 -24.56 14.78 27.21
N ILE C 43 -23.66 14.76 26.23
CA ILE C 43 -23.11 16.01 25.69
C ILE C 43 -24.14 16.90 24.98
N ASN C 44 -25.36 16.40 24.86
CA ASN C 44 -26.44 17.15 24.23
C ASN C 44 -26.13 17.62 22.82
N GLN C 45 -25.34 16.82 22.10
CA GLN C 45 -25.08 17.06 20.69
C GLN C 45 -26.24 16.53 19.88
N THR C 46 -26.63 17.26 18.83
CA THR C 46 -27.68 16.77 17.95
C THR C 46 -27.04 16.24 16.68
N LEU C 47 -27.49 15.08 16.21
CA LEU C 47 -26.99 14.52 14.96
C LEU C 47 -28.15 14.09 14.09
N GLU C 48 -27.90 14.01 12.78
CA GLU C 48 -28.88 13.48 11.85
C GLU C 48 -28.51 12.04 11.51
N VAL C 49 -29.50 11.17 11.46
CA VAL C 49 -29.28 9.78 11.07
C VAL C 49 -29.67 9.61 9.60
N THR C 50 -28.71 9.24 8.77
CA THR C 50 -28.91 9.21 7.33
C THR C 50 -28.88 7.81 6.75
N ALA C 51 -28.85 6.80 7.61
CA ALA C 51 -28.84 5.41 7.16
C ALA C 51 -28.80 4.44 8.32
N ILE C 52 -29.52 3.34 8.20
CA ILE C 52 -29.42 2.27 9.17
C ILE C 52 -29.01 0.99 8.45
N TYR C 53 -28.04 0.28 9.03
CA TYR C 53 -27.60 -0.99 8.46
C TYR C 53 -27.69 -2.10 9.49
N ASP C 54 -28.39 -3.17 9.14
CA ASP C 54 -28.56 -4.28 10.05
C ASP C 54 -27.38 -5.22 10.00
N GLU C 55 -27.43 -6.30 10.79
CA GLU C 55 -26.32 -7.22 10.90
C GLU C 55 -25.95 -7.85 9.56
N ALA C 56 -26.91 -7.88 8.63
CA ALA C 56 -26.67 -8.46 7.32
C ALA C 56 -25.96 -7.47 6.40
N ASP C 57 -25.60 -6.31 6.94
CA ASP C 57 -24.95 -5.27 6.16
C ASP C 57 -25.88 -4.69 5.11
N GLU C 58 -27.18 -4.80 5.33
CA GLU C 58 -28.15 -4.27 4.38
C GLU C 58 -28.82 -3.05 4.95
N GLU C 59 -29.07 -2.04 4.13
CA GLU C 59 -29.74 -0.85 4.62
C GLU C 59 -31.19 -1.12 4.95
N ILE C 60 -31.71 -0.44 5.97
CA ILE C 60 -33.12 -0.54 6.30
C ILE C 60 -33.71 0.82 6.61
N SER C 61 -35.02 0.95 6.42
CA SER C 61 -35.70 2.24 6.60
C SER C 61 -35.88 2.58 8.07
N SER C 62 -35.94 1.56 8.92
CA SER C 62 -36.06 1.78 10.36
C SER C 62 -35.79 0.52 11.18
N SER C 63 -35.34 0.74 12.42
CA SER C 63 -35.03 -0.34 13.34
C SER C 63 -35.82 -0.17 14.62
N ILE C 64 -36.48 -1.23 15.05
CA ILE C 64 -37.11 -1.26 16.36
C ILE C 64 -36.03 -1.55 17.38
N CYS C 65 -36.39 -1.62 18.65
CA CYS C 65 -35.40 -1.95 19.65
C CYS C 65 -35.09 -3.45 19.60
N GLY C 66 -34.00 -3.84 20.24
CA GLY C 66 -33.57 -5.23 20.20
C GLY C 66 -32.82 -5.49 18.91
N ASP C 67 -32.69 -4.44 18.11
CA ASP C 67 -31.95 -4.52 16.87
C ASP C 67 -30.51 -4.15 17.09
N GLN C 68 -29.60 -4.89 16.47
CA GLN C 68 -28.19 -4.54 16.46
C GLN C 68 -27.88 -3.75 15.19
N VAL C 69 -27.69 -2.44 15.31
CA VAL C 69 -27.55 -1.61 14.12
C VAL C 69 -26.25 -0.84 14.04
N ARG C 70 -25.93 -0.41 12.82
CA ARG C 70 -24.88 0.55 12.56
C ARG C 70 -25.50 1.79 11.93
N LEU C 71 -25.33 2.94 12.59
CA LEU C 71 -25.91 4.19 12.12
C LEU C 71 -24.88 5.08 11.47
N ARG C 72 -25.22 5.63 10.31
CA ARG C 72 -24.39 6.63 9.68
C ARG C 72 -24.99 8.00 10.02
N VAL C 73 -24.21 8.83 10.70
CA VAL C 73 -24.70 10.08 11.24
C VAL C 73 -24.08 11.29 10.58
N ARG C 74 -24.78 12.42 10.65
CA ARG C 74 -24.31 13.66 10.05
C ARG C 74 -24.33 14.79 11.07
N GLY C 75 -23.22 15.52 11.16
CA GLY C 75 -23.13 16.64 12.09
C GLY C 75 -21.86 16.54 12.90
N ASP C 76 -21.53 17.61 13.61
CA ASP C 76 -20.34 17.61 14.43
C ASP C 76 -20.44 16.49 15.47
N ASP C 77 -19.40 15.66 15.53
CA ASP C 77 -19.41 14.56 16.47
C ASP C 77 -18.05 14.37 17.10
N SER C 78 -17.15 15.33 16.89
CA SER C 78 -15.81 15.20 17.41
C SER C 78 -15.83 14.85 18.89
N ASP C 79 -16.96 15.11 19.55
CA ASP C 79 -17.08 14.87 20.98
C ASP C 79 -17.75 13.55 21.33
N VAL C 80 -18.40 12.94 20.35
CA VAL C 80 -19.11 11.68 20.57
C VAL C 80 -18.14 10.53 20.76
N GLN C 81 -18.30 9.84 21.87
CA GLN C 81 -17.50 8.67 22.09
C GLN C 81 -18.23 7.51 22.63
N THR C 82 -17.61 6.35 22.46
CA THR C 82 -18.18 5.09 22.87
C THR C 82 -18.56 5.14 24.34
N GLY C 83 -19.82 4.86 24.63
CA GLY C 83 -20.31 4.96 25.98
C GLY C 83 -21.44 5.96 26.09
N TYR C 84 -21.42 6.99 25.26
CA TYR C 84 -22.54 7.93 25.25
C TYR C 84 -23.77 7.21 24.71
N VAL C 85 -24.91 7.89 24.74
CA VAL C 85 -26.13 7.25 24.26
C VAL C 85 -26.89 8.10 23.24
N LEU C 86 -27.31 7.48 22.14
CA LEU C 86 -28.20 8.13 21.18
C LEU C 86 -29.61 8.04 21.74
N THR C 87 -30.31 9.16 21.74
CA THR C 87 -31.66 9.16 22.29
C THR C 87 -32.51 10.17 21.53
N SER C 88 -33.82 10.16 21.78
CA SER C 88 -34.71 11.08 21.09
C SER C 88 -34.61 12.47 21.69
N THR C 89 -34.87 13.48 20.87
CA THR C 89 -34.79 14.86 21.32
C THR C 89 -36.05 15.29 22.03
N LYS C 90 -36.95 14.34 22.28
CA LYS C 90 -38.19 14.63 22.99
C LYS C 90 -38.11 14.17 24.43
N ASN C 91 -37.79 12.90 24.63
CA ASN C 91 -37.50 12.40 25.98
C ASN C 91 -36.11 11.79 26.04
N PRO C 92 -35.09 12.64 26.09
CA PRO C 92 -33.73 12.12 26.08
C PRO C 92 -33.46 11.29 27.34
N VAL C 93 -32.72 10.19 27.18
CA VAL C 93 -32.34 9.38 28.30
C VAL C 93 -31.72 10.27 29.37
N HIS C 94 -31.95 9.95 30.64
CA HIS C 94 -31.41 10.74 31.75
C HIS C 94 -29.91 10.60 31.87
N ALA C 95 -29.26 11.64 32.36
CA ALA C 95 -27.83 11.58 32.66
C ALA C 95 -27.54 12.38 33.93
N THR C 96 -26.56 11.91 34.70
CA THR C 96 -26.29 12.53 36.01
C THR C 96 -24.92 12.14 36.54
N THR C 97 -24.48 12.84 37.59
CA THR C 97 -23.21 12.53 38.24
C THR C 97 -23.44 12.01 39.65
N ARG C 98 -24.67 12.17 40.13
CA ARG C 98 -25.07 11.65 41.44
C ARG C 98 -26.26 10.72 41.29
N PHE C 99 -26.20 9.57 41.97
CA PHE C 99 -27.33 8.65 41.96
C PHE C 99 -27.29 7.71 43.15
N ILE C 100 -28.46 7.22 43.54
CA ILE C 100 -28.56 6.25 44.62
C ILE C 100 -28.83 4.87 44.04
N ALA C 101 -28.27 3.82 44.65
CA ALA C 101 -28.38 2.47 44.09
C ALA C 101 -28.18 1.37 45.11
N GLN C 102 -29.01 0.34 45.01
CA GLN C 102 -28.78 -0.91 45.75
C GLN C 102 -27.49 -1.53 45.25
N ILE C 103 -26.73 -2.14 46.14
CA ILE C 103 -25.46 -2.72 45.76
C ILE C 103 -25.16 -3.99 46.51
N ALA C 104 -25.13 -5.10 45.81
CA ALA C 104 -24.68 -6.34 46.40
C ALA C 104 -23.16 -6.40 46.34
N ILE C 105 -22.51 -6.47 47.49
CA ILE C 105 -21.06 -6.59 47.52
C ILE C 105 -20.64 -8.03 47.32
N LEU C 106 -19.74 -8.27 46.36
CA LEU C 106 -19.26 -9.61 46.09
C LEU C 106 -17.87 -9.83 46.67
N GLU C 107 -16.87 -9.94 45.82
CA GLU C 107 -15.51 -10.19 46.29
C GLU C 107 -14.78 -8.88 46.57
N LEU C 108 -14.80 -8.42 47.81
CA LEU C 108 -14.30 -7.09 48.14
C LEU C 108 -13.35 -7.17 49.30
N PRO C 109 -12.05 -7.29 48.99
CA PRO C 109 -11.09 -8.02 49.80
C PRO C 109 -11.04 -7.53 51.22
N SER C 110 -11.17 -6.21 51.40
CA SER C 110 -11.21 -5.63 52.75
C SER C 110 -12.56 -4.98 53.06
N ILE C 111 -12.55 -3.66 53.24
CA ILE C 111 -13.76 -2.93 53.62
C ILE C 111 -14.16 -1.94 52.53
N LEU C 112 -15.25 -1.22 52.77
CA LEU C 112 -15.84 -0.34 51.76
C LEU C 112 -16.53 0.82 52.45
N THR C 113 -15.94 2.00 52.38
CA THR C 113 -16.49 3.14 53.13
C THR C 113 -16.39 4.45 52.40
N THR C 114 -17.54 5.09 52.22
CA THR C 114 -17.62 6.41 51.62
C THR C 114 -16.50 6.76 50.62
N GLY C 115 -15.26 6.87 51.09
CA GLY C 115 -14.17 7.23 50.19
C GLY C 115 -13.89 6.25 49.05
N TYR C 116 -14.51 5.08 49.12
CA TYR C 116 -14.26 4.03 48.13
C TYR C 116 -14.52 4.55 46.72
N SER C 117 -13.54 4.34 45.86
CA SER C 117 -13.66 4.68 44.45
C SER C 117 -13.34 3.46 43.59
N CYS C 118 -13.87 3.42 42.37
CA CYS C 118 -13.57 2.31 41.48
C CYS C 118 -14.18 2.51 40.09
N VAL C 119 -14.12 1.45 39.28
CA VAL C 119 -14.63 1.51 37.91
C VAL C 119 -16.02 0.90 37.82
N MET C 120 -16.94 1.64 37.21
CA MET C 120 -18.30 1.16 37.02
C MET C 120 -18.59 0.99 35.54
N HIS C 121 -19.13 -0.17 35.18
CA HIS C 121 -19.56 -0.45 33.82
C HIS C 121 -21.07 -0.51 33.83
N ILE C 122 -21.75 0.51 33.29
CA ILE C 122 -23.22 0.49 33.34
C ILE C 122 -23.82 -0.23 32.15
N HIS C 123 -23.55 0.29 30.97
CA HIS C 123 -23.96 -0.40 29.77
C HIS C 123 -22.72 -0.40 28.91
N THR C 124 -22.88 0.07 27.69
CA THR C 124 -21.78 0.25 26.78
C THR C 124 -20.69 1.16 27.37
N ALA C 125 -21.04 1.86 28.45
CA ALA C 125 -20.11 2.81 29.08
C ALA C 125 -19.28 2.20 30.19
N VAL C 126 -18.16 2.85 30.47
CA VAL C 126 -17.25 2.47 31.56
C VAL C 126 -16.71 3.74 32.19
N GLU C 127 -16.83 3.86 33.51
CA GLU C 127 -16.64 5.14 34.13
C GLU C 127 -16.13 5.04 35.57
N GLU C 128 -15.29 6.00 35.94
CA GLU C 128 -14.80 6.12 37.31
C GLU C 128 -15.91 6.56 38.24
N VAL C 129 -16.12 5.80 39.31
CA VAL C 129 -17.14 6.12 40.29
C VAL C 129 -16.62 6.00 41.71
N SER C 130 -17.12 6.86 42.59
CA SER C 130 -16.80 6.77 44.01
C SER C 130 -18.06 6.89 44.86
N PHE C 131 -18.07 6.21 46.00
CA PHE C 131 -19.22 6.25 46.90
C PHE C 131 -19.30 7.60 47.57
N ALA C 132 -20.49 8.17 47.65
CA ALA C 132 -20.67 9.46 48.33
C ALA C 132 -21.07 9.25 49.78
N LYS C 133 -22.11 8.45 50.00
CA LYS C 133 -22.59 8.14 51.33
C LYS C 133 -23.22 6.75 51.32
N LEU C 134 -23.05 6.01 52.42
CA LEU C 134 -23.80 4.77 52.60
C LEU C 134 -25.08 5.11 53.34
N LEU C 135 -26.22 4.76 52.76
CA LEU C 135 -27.51 5.15 53.34
C LEU C 135 -28.13 4.10 54.27
N HIS C 136 -28.20 2.85 53.82
CA HIS C 136 -28.72 1.78 54.64
C HIS C 136 -28.00 0.47 54.36
N LYS C 137 -28.26 -0.51 55.22
CA LYS C 137 -27.82 -1.86 54.97
C LYS C 137 -29.09 -2.64 54.70
N LEU C 138 -28.94 -3.85 54.19
CA LEU C 138 -30.10 -4.70 53.97
C LEU C 138 -29.84 -6.10 54.49
N ASP C 139 -30.87 -6.73 55.04
CA ASP C 139 -30.72 -8.12 55.44
C ASP C 139 -31.33 -9.13 54.50
N LYS C 140 -32.16 -10.02 55.02
CA LYS C 140 -32.66 -11.10 54.21
C LYS C 140 -33.83 -10.67 53.33
N THR C 141 -34.92 -10.29 53.97
CA THR C 141 -36.07 -9.77 53.24
C THR C 141 -35.84 -8.31 52.85
N ASN C 142 -34.72 -8.04 52.18
CA ASN C 142 -34.33 -6.68 51.80
C ASN C 142 -34.96 -5.56 52.61
N ARG C 143 -34.54 -5.45 53.87
CA ARG C 143 -35.07 -4.42 54.75
C ARG C 143 -34.13 -3.21 54.83
N LYS C 144 -34.64 -2.10 55.31
CA LYS C 144 -33.89 -0.84 55.32
C LYS C 144 -33.31 -0.48 56.69
N SER C 145 -32.17 -1.05 57.05
CA SER C 145 -31.54 -0.72 58.32
C SER C 145 -31.59 0.79 58.57
N LYS C 146 -32.14 1.20 59.71
CA LYS C 146 -32.35 2.63 59.97
C LYS C 146 -31.13 3.40 60.45
N LYS C 147 -30.03 2.69 60.74
CA LYS C 147 -28.76 3.37 60.96
C LYS C 147 -27.88 3.15 59.74
N PRO C 148 -27.30 4.24 59.22
CA PRO C 148 -26.42 4.12 58.06
C PRO C 148 -25.14 3.39 58.45
N PRO C 149 -24.71 2.44 57.61
CA PRO C 149 -23.55 1.61 57.91
C PRO C 149 -22.25 2.40 57.97
N MET C 150 -21.49 2.19 59.04
CA MET C 150 -20.19 2.82 59.19
C MET C 150 -19.28 2.34 58.07
N PHE C 151 -19.50 1.09 57.65
CA PHE C 151 -18.73 0.49 56.56
C PHE C 151 -19.50 -0.66 55.93
N ALA C 152 -18.94 -1.26 54.89
CA ALA C 152 -19.58 -2.37 54.20
C ALA C 152 -18.59 -3.52 53.99
N THR C 153 -19.12 -4.71 53.76
CA THR C 153 -18.28 -5.89 53.66
C THR C 153 -18.78 -6.90 52.64
N LYS C 154 -17.96 -7.89 52.35
CA LYS C 154 -18.29 -8.97 51.42
C LYS C 154 -19.70 -9.52 51.64
N GLY C 155 -20.36 -9.88 50.54
CA GLY C 155 -21.67 -10.54 50.59
C GLY C 155 -22.72 -9.80 51.39
N MET C 156 -22.70 -8.48 51.31
CA MET C 156 -23.58 -7.65 52.09
C MET C 156 -24.40 -6.77 51.17
N LYS C 157 -25.74 -6.81 51.29
CA LYS C 157 -26.56 -5.87 50.54
C LYS C 157 -26.53 -4.52 51.24
N ILE C 158 -26.52 -3.46 50.46
CA ILE C 158 -26.41 -2.11 51.00
C ILE C 158 -26.89 -1.13 49.95
N ILE C 159 -27.31 0.06 50.37
CA ILE C 159 -27.78 1.07 49.44
C ILE C 159 -27.07 2.40 49.72
N ALA C 160 -26.31 2.87 48.75
CA ALA C 160 -25.46 4.06 48.92
C ALA C 160 -25.73 5.11 47.86
N GLU C 161 -24.97 6.20 47.92
CA GLU C 161 -25.05 7.26 46.93
C GLU C 161 -23.72 7.31 46.20
N LEU C 162 -23.76 7.38 44.87
CA LEU C 162 -22.55 7.29 44.06
C LEU C 162 -22.31 8.54 43.21
N GLU C 163 -21.05 8.94 43.09
CA GLU C 163 -20.69 10.12 42.30
C GLU C 163 -19.70 9.78 41.20
N THR C 164 -19.85 10.43 40.05
CA THR C 164 -18.95 10.24 38.93
C THR C 164 -18.33 11.57 38.55
N GLN C 165 -17.13 11.52 38.00
CA GLN C 165 -16.43 12.72 37.57
C GLN C 165 -17.24 13.48 36.54
N THR C 166 -17.77 12.73 35.57
CA THR C 166 -18.50 13.30 34.46
C THR C 166 -19.83 12.59 34.29
N PRO C 167 -20.82 13.28 33.70
CA PRO C 167 -22.17 12.74 33.58
C PRO C 167 -22.17 11.44 32.81
N VAL C 168 -22.95 10.48 33.26
CA VAL C 168 -23.17 9.25 32.49
C VAL C 168 -24.67 8.97 32.37
N CYS C 169 -25.10 8.51 31.21
CA CYS C 169 -26.51 8.25 31.01
C CYS C 169 -26.88 6.99 31.74
N MET C 170 -28.02 7.01 32.41
CA MET C 170 -28.52 5.85 33.11
C MET C 170 -30.01 6.02 33.42
N GLU C 171 -30.67 4.93 33.78
CA GLU C 171 -32.08 4.98 34.12
C GLU C 171 -32.35 4.12 35.35
N ARG C 172 -33.42 4.40 36.08
CA ARG C 172 -33.79 3.55 37.18
C ARG C 172 -33.95 2.12 36.68
N PHE C 173 -33.40 1.17 37.43
CA PHE C 173 -33.55 -0.25 37.10
C PHE C 173 -35.03 -0.57 37.00
N GLU C 174 -35.83 0.20 37.73
CA GLU C 174 -37.27 0.00 37.80
C GLU C 174 -37.93 0.38 36.49
N ASP C 175 -37.22 1.14 35.67
CA ASP C 175 -37.76 1.66 34.42
C ASP C 175 -37.19 0.96 33.20
N TYR C 176 -35.86 0.82 33.16
CA TYR C 176 -35.20 0.09 32.09
C TYR C 176 -34.09 -0.78 32.67
N GLN C 177 -34.38 -2.04 32.88
CA GLN C 177 -33.41 -2.93 33.49
C GLN C 177 -31.98 -2.77 32.96
N TYR C 178 -31.81 -2.75 31.65
CA TYR C 178 -30.45 -2.66 31.08
C TYR C 178 -29.75 -1.34 31.42
N MET C 179 -30.50 -0.25 31.41
CA MET C 179 -29.92 1.05 31.69
C MET C 179 -29.73 1.28 33.19
N GLY C 180 -30.09 0.26 33.97
CA GLY C 180 -30.10 0.35 35.43
C GLY C 180 -29.14 -0.60 36.12
N ARG C 181 -28.79 -1.70 35.46
CA ARG C 181 -27.78 -2.59 36.00
C ARG C 181 -26.41 -1.96 35.80
N PHE C 182 -25.48 -2.36 36.65
CA PHE C 182 -24.08 -1.99 36.51
C PHE C 182 -23.25 -2.85 37.43
N THR C 183 -22.02 -3.18 37.02
CA THR C 183 -21.14 -3.89 37.94
C THR C 183 -19.96 -3.00 38.31
N LEU C 184 -19.38 -3.23 39.49
CA LEU C 184 -18.29 -2.41 39.99
C LEU C 184 -17.00 -3.20 40.02
N ARG C 185 -15.90 -2.56 39.64
CA ARG C 185 -14.63 -3.26 39.55
C ARG C 185 -13.45 -2.47 40.10
N ASP C 186 -12.86 -3.01 41.17
CA ASP C 186 -11.58 -2.53 41.69
C ASP C 186 -10.57 -3.12 40.73
N GLN C 187 -10.68 -2.67 39.50
CA GLN C 187 -10.37 -3.46 38.30
C GLN C 187 -9.26 -4.50 38.37
N GLY C 188 -9.00 -5.03 39.56
CA GLY C 188 -8.39 -6.34 39.66
C GLY C 188 -9.52 -7.31 39.32
N THR C 189 -10.67 -7.11 39.97
CA THR C 189 -11.79 -8.03 39.89
C THR C 189 -13.12 -7.30 40.11
N THR C 190 -14.23 -8.02 39.95
CA THR C 190 -15.57 -7.44 40.15
C THR C 190 -15.99 -7.48 41.61
N VAL C 191 -15.95 -6.32 42.27
CA VAL C 191 -16.23 -6.25 43.71
C VAL C 191 -17.71 -6.22 44.04
N ALA C 192 -18.53 -5.78 43.10
CA ALA C 192 -19.97 -5.69 43.35
C ALA C 192 -20.79 -5.56 42.07
N VAL C 193 -22.07 -5.85 42.18
CA VAL C 193 -23.04 -5.49 41.15
C VAL C 193 -24.08 -4.62 41.83
N GLY C 194 -24.93 -3.96 41.06
CA GLY C 194 -25.93 -3.10 41.66
C GLY C 194 -26.86 -2.48 40.64
N LYS C 195 -27.91 -1.82 41.12
CA LYS C 195 -28.88 -1.22 40.24
C LYS C 195 -29.29 0.16 40.71
N VAL C 196 -29.44 1.08 39.77
CA VAL C 196 -29.78 2.45 40.11
C VAL C 196 -31.22 2.57 40.58
N VAL C 197 -31.42 3.23 41.71
CA VAL C 197 -32.73 3.35 42.31
C VAL C 197 -33.28 4.78 42.26
N LYS C 198 -32.38 5.75 42.12
CA LYS C 198 -32.82 7.12 41.90
C LYS C 198 -31.76 8.04 41.26
N ILE C 199 -32.12 8.65 40.14
CA ILE C 199 -31.27 9.64 39.49
C ILE C 199 -31.37 10.95 40.26
N LEU C 200 -30.25 11.46 40.74
CA LEU C 200 -30.26 12.75 41.45
C LEU C 200 -30.00 13.89 40.47
N ASP C 201 -31.07 14.33 39.82
CA ASP C 201 -31.02 15.38 38.77
C ASP C 201 -29.94 15.15 37.71
N THR D 12 19.32 -55.39 9.67
CA THR D 12 20.17 -54.37 8.98
C THR D 12 21.20 -55.04 8.09
N ALA D 13 21.79 -56.13 8.60
CA ALA D 13 22.88 -56.83 7.91
C ALA D 13 22.47 -57.42 6.56
N GLU D 14 21.90 -58.63 6.60
CA GLU D 14 21.45 -59.28 5.38
C GLU D 14 19.99 -58.90 5.09
N LYS D 15 19.53 -57.87 5.79
CA LYS D 15 18.20 -57.31 5.57
C LYS D 15 18.28 -56.32 4.42
N ALA D 16 19.15 -55.33 4.58
CA ALA D 16 19.35 -54.30 3.57
C ALA D 16 19.69 -54.94 2.22
N ILE D 17 20.36 -56.09 2.27
CA ILE D 17 20.73 -56.81 1.06
C ILE D 17 19.48 -57.24 0.28
N GLU D 18 18.39 -57.46 1.00
CA GLU D 18 17.13 -57.82 0.36
C GLU D 18 16.42 -56.57 -0.15
N ILE D 19 16.39 -55.53 0.69
CA ILE D 19 15.78 -54.27 0.30
C ILE D 19 16.40 -53.84 -1.02
N TRP D 20 17.67 -54.20 -1.17
CA TRP D 20 18.40 -53.95 -2.40
C TRP D 20 17.66 -54.52 -3.60
N LYS D 21 17.30 -55.80 -3.49
CA LYS D 21 16.66 -56.49 -4.60
C LYS D 21 15.26 -55.94 -4.89
N ILE D 22 14.51 -55.64 -3.84
CA ILE D 22 13.21 -55.02 -4.00
C ILE D 22 13.35 -53.75 -4.82
N ARG D 23 14.35 -52.94 -4.46
CA ARG D 23 14.61 -51.70 -5.15
C ARG D 23 14.94 -51.93 -6.62
N ARG D 24 15.63 -53.04 -6.91
CA ARG D 24 15.93 -53.38 -8.30
C ARG D 24 14.66 -53.76 -9.05
N LEU D 25 13.78 -54.48 -8.36
CA LEU D 25 12.51 -54.88 -8.96
C LEU D 25 11.64 -53.66 -9.27
N VAL D 26 11.28 -52.91 -8.23
CA VAL D 26 10.43 -51.75 -8.43
C VAL D 26 10.96 -50.90 -9.58
N LYS D 27 12.27 -50.94 -9.77
CA LYS D 27 12.94 -50.11 -10.76
C LYS D 27 12.64 -50.57 -12.18
N GLN D 28 12.48 -51.88 -12.35
CA GLN D 28 12.24 -52.44 -13.67
C GLN D 28 10.74 -52.58 -13.99
N LEU D 29 9.92 -52.63 -12.96
CA LEU D 29 8.47 -52.73 -13.15
C LEU D 29 7.90 -51.41 -13.66
N ILE D 30 8.21 -50.32 -12.98
CA ILE D 30 7.74 -49.00 -13.39
C ILE D 30 8.42 -48.59 -14.69
N ASN D 31 9.46 -49.33 -15.06
CA ASN D 31 10.20 -49.06 -16.28
C ASN D 31 9.45 -49.59 -17.49
N CYS D 32 8.89 -50.79 -17.35
CA CYS D 32 8.14 -51.39 -18.44
C CYS D 32 6.68 -50.95 -18.46
N HIS D 33 6.13 -50.82 -19.67
CA HIS D 33 4.75 -50.38 -19.85
C HIS D 33 4.05 -51.21 -20.91
N GLY D 34 2.79 -51.56 -20.64
CA GLY D 34 1.98 -52.27 -21.62
C GLY D 34 0.81 -51.41 -22.08
N ASN D 35 0.21 -51.77 -23.21
CA ASN D 35 -0.90 -50.98 -23.78
C ASN D 35 -2.29 -51.55 -23.48
N GLY D 36 -3.24 -50.65 -23.20
CA GLY D 36 -4.57 -51.05 -22.80
C GLY D 36 -4.56 -51.68 -21.42
N THR D 37 -5.24 -51.06 -20.47
CA THR D 37 -5.27 -51.55 -19.09
C THR D 37 -5.28 -53.08 -19.03
N SER D 38 -4.10 -53.68 -18.83
CA SER D 38 -3.96 -55.13 -18.87
C SER D 38 -2.83 -55.62 -17.97
N MET D 39 -2.45 -54.80 -17.00
CA MET D 39 -1.35 -55.14 -16.11
C MET D 39 -1.90 -55.41 -14.72
N ILE D 40 -1.99 -56.69 -14.37
CA ILE D 40 -2.52 -57.05 -13.07
C ILE D 40 -1.46 -56.83 -12.01
N THR D 41 -1.80 -56.04 -11.00
CA THR D 41 -0.97 -55.94 -9.81
C THR D 41 -1.82 -56.42 -8.66
N LEU D 42 -1.27 -57.28 -7.82
CA LEU D 42 -2.05 -57.92 -6.77
C LEU D 42 -1.21 -58.10 -5.52
N ILE D 43 -1.67 -57.54 -4.41
CA ILE D 43 -0.94 -57.67 -3.16
C ILE D 43 -1.84 -58.16 -2.04
N ILE D 44 -1.51 -59.32 -1.49
CA ILE D 44 -2.31 -59.95 -0.45
C ILE D 44 -1.54 -60.02 0.86
N PRO D 45 -2.01 -59.28 1.87
CA PRO D 45 -1.41 -59.27 3.21
C PRO D 45 -1.60 -60.62 3.91
N PRO D 46 -0.85 -60.85 5.00
CA PRO D 46 -0.95 -62.11 5.73
C PRO D 46 -2.31 -62.28 6.40
N GLY D 47 -2.59 -63.48 6.88
CA GLY D 47 -3.83 -63.75 7.60
C GLY D 47 -5.01 -64.00 6.67
N GLU D 48 -4.92 -63.50 5.44
CA GLU D 48 -5.98 -63.68 4.46
C GLU D 48 -5.99 -65.10 3.92
N GLN D 49 -7.13 -65.53 3.37
CA GLN D 49 -7.16 -66.78 2.62
C GLN D 49 -7.04 -66.51 1.13
N ILE D 50 -6.33 -67.40 0.43
CA ILE D 50 -6.16 -67.25 -1.00
C ILE D 50 -7.50 -67.26 -1.70
N SER D 51 -8.36 -68.19 -1.32
CA SER D 51 -9.64 -68.41 -1.99
C SER D 51 -10.45 -67.13 -2.19
N ARG D 52 -10.28 -66.16 -1.30
CA ARG D 52 -11.05 -64.92 -1.37
C ARG D 52 -10.66 -64.13 -2.62
N TYR D 53 -9.36 -63.99 -2.84
CA TYR D 53 -8.85 -63.26 -3.99
C TYR D 53 -8.99 -64.06 -5.27
N SER D 54 -8.81 -65.37 -5.18
CA SER D 54 -8.97 -66.24 -6.33
C SER D 54 -10.30 -66.00 -7.01
N ASN D 55 -11.38 -66.32 -6.31
CA ASN D 55 -12.70 -66.14 -6.88
C ASN D 55 -13.17 -64.69 -6.85
N MET D 56 -12.22 -63.78 -6.67
CA MET D 56 -12.48 -62.37 -6.86
C MET D 56 -12.08 -62.05 -8.30
N LEU D 57 -10.87 -62.46 -8.67
CA LEU D 57 -10.40 -62.36 -10.03
C LEU D 57 -11.44 -63.00 -10.94
N ALA D 58 -12.02 -64.10 -10.47
CA ALA D 58 -13.04 -64.79 -11.22
C ALA D 58 -14.17 -63.83 -11.56
N GLU D 59 -14.53 -63.00 -10.60
CA GLU D 59 -15.56 -62.01 -10.84
C GLU D 59 -15.07 -60.94 -11.81
N GLU D 60 -13.86 -60.46 -11.54
CA GLU D 60 -13.24 -59.48 -12.43
C GLU D 60 -13.20 -60.01 -13.85
N TYR D 61 -13.17 -61.33 -14.00
CA TYR D 61 -13.12 -61.96 -15.31
C TYR D 61 -14.43 -61.76 -16.03
N GLY D 62 -15.53 -61.86 -15.28
CA GLY D 62 -16.86 -61.64 -15.84
C GLY D 62 -17.04 -60.19 -16.21
N THR D 63 -16.70 -59.33 -15.26
CA THR D 63 -16.72 -57.88 -15.45
C THR D 63 -15.88 -57.47 -16.65
N ALA D 64 -14.65 -57.98 -16.70
CA ALA D 64 -13.74 -57.66 -17.78
C ALA D 64 -14.31 -58.11 -19.12
N SER D 65 -15.28 -59.00 -19.09
CA SER D 65 -15.79 -59.53 -20.36
C SER D 65 -16.67 -58.52 -21.10
N ASN D 66 -17.02 -57.43 -20.43
CA ASN D 66 -17.70 -56.30 -21.09
C ASN D 66 -16.70 -55.20 -21.42
N ILE D 67 -16.08 -55.26 -22.58
CA ILE D 67 -15.08 -54.26 -22.93
C ILE D 67 -15.25 -53.69 -24.35
N LYS D 68 -15.74 -54.52 -25.27
CA LYS D 68 -15.99 -54.07 -26.64
C LYS D 68 -14.69 -53.87 -27.43
N SER D 69 -13.57 -53.84 -26.73
CA SER D 69 -12.26 -53.69 -27.37
C SER D 69 -11.63 -55.06 -27.58
N ARG D 70 -12.09 -55.78 -28.61
CA ARG D 70 -11.60 -57.13 -28.85
C ARG D 70 -10.12 -57.31 -28.53
N VAL D 71 -9.28 -56.45 -29.10
CA VAL D 71 -7.84 -56.54 -28.91
C VAL D 71 -7.46 -56.31 -27.45
N ASN D 72 -8.15 -55.38 -26.79
CA ASN D 72 -7.89 -55.10 -25.38
C ASN D 72 -8.59 -56.09 -24.46
N ARG D 73 -9.86 -56.36 -24.74
CA ARG D 73 -10.60 -57.30 -23.90
C ARG D 73 -9.82 -58.60 -23.77
N LEU D 74 -9.59 -59.25 -24.90
CA LEU D 74 -8.89 -60.51 -24.95
C LEU D 74 -7.64 -60.45 -24.09
N SER D 75 -6.99 -59.30 -24.10
CA SER D 75 -5.76 -59.10 -23.33
C SER D 75 -6.01 -59.19 -21.82
N VAL D 76 -7.00 -58.47 -21.35
CA VAL D 76 -7.35 -58.46 -19.92
C VAL D 76 -7.76 -59.85 -19.46
N LEU D 77 -8.51 -60.55 -20.30
CA LEU D 77 -8.99 -61.88 -19.97
C LEU D 77 -7.83 -62.82 -19.66
N SER D 78 -6.88 -62.88 -20.59
CA SER D 78 -5.75 -63.79 -20.46
C SER D 78 -4.79 -63.37 -19.35
N ALA D 79 -4.89 -62.12 -18.92
CA ALA D 79 -4.07 -61.64 -17.82
C ALA D 79 -4.68 -62.03 -16.47
N ILE D 80 -5.98 -61.84 -16.35
CA ILE D 80 -6.70 -62.24 -15.15
C ILE D 80 -6.59 -63.73 -14.97
N THR D 81 -6.75 -64.48 -16.05
CA THR D 81 -6.56 -65.92 -16.00
C THR D 81 -5.16 -66.28 -15.54
N SER D 82 -4.18 -65.64 -16.17
CA SER D 82 -2.74 -65.93 -15.95
C SER D 82 -2.37 -65.69 -14.49
N THR D 83 -3.02 -64.71 -13.87
CA THR D 83 -2.83 -64.40 -12.46
C THR D 83 -3.50 -65.47 -11.62
N ARG D 84 -4.79 -65.70 -11.88
CA ARG D 84 -5.62 -66.57 -11.04
C ARG D 84 -4.99 -67.92 -10.79
N GLU D 85 -4.68 -68.65 -11.86
CA GLU D 85 -4.19 -70.01 -11.69
C GLU D 85 -2.72 -70.05 -11.34
N ARG D 86 -2.10 -68.88 -11.27
CA ARG D 86 -0.81 -68.76 -10.64
C ARG D 86 -1.04 -68.64 -9.13
N LEU D 87 -1.98 -67.78 -8.76
CA LEU D 87 -2.38 -67.60 -7.38
C LEU D 87 -2.82 -68.93 -6.78
N LYS D 88 -3.51 -69.73 -7.59
CA LYS D 88 -3.98 -71.04 -7.17
C LYS D 88 -2.86 -71.97 -6.73
N LEU D 89 -1.66 -71.75 -7.27
CA LEU D 89 -0.53 -72.61 -6.95
C LEU D 89 -0.19 -72.57 -5.46
N TYR D 90 -0.57 -71.49 -4.79
CA TYR D 90 -0.33 -71.37 -3.35
C TYR D 90 -1.51 -71.93 -2.54
N ASN D 91 -1.20 -72.48 -1.36
CA ASN D 91 -2.23 -73.06 -0.50
C ASN D 91 -2.54 -72.19 0.72
N LYS D 92 -1.65 -71.26 1.00
CA LYS D 92 -1.83 -70.34 2.09
C LYS D 92 -1.04 -69.09 1.74
N VAL D 93 -1.57 -67.92 2.10
CA VAL D 93 -0.80 -66.70 1.92
C VAL D 93 0.48 -66.82 2.76
N PRO D 94 1.60 -67.16 2.11
CA PRO D 94 2.82 -67.59 2.80
C PRO D 94 3.25 -66.64 3.90
N ASP D 95 3.72 -67.19 5.00
CA ASP D 95 4.10 -66.43 6.19
C ASP D 95 4.18 -64.92 5.96
N ASN D 96 3.03 -64.27 6.01
CA ASN D 96 2.98 -62.82 5.98
C ASN D 96 3.45 -62.19 4.67
N GLY D 97 2.57 -62.18 3.68
CA GLY D 97 2.83 -61.53 2.40
C GLY D 97 2.64 -62.39 1.18
N LEU D 98 2.12 -61.77 0.12
CA LEU D 98 2.09 -62.38 -1.21
C LEU D 98 1.92 -61.29 -2.26
N VAL D 99 2.83 -61.25 -3.23
CA VAL D 99 2.80 -60.21 -4.26
C VAL D 99 2.86 -60.81 -5.65
N ILE D 100 2.02 -60.31 -6.54
CA ILE D 100 1.96 -60.81 -7.91
C ILE D 100 1.82 -59.68 -8.92
N TYR D 101 2.78 -59.58 -9.83
CA TYR D 101 2.67 -58.67 -10.94
C TYR D 101 2.55 -59.49 -12.22
N CYS D 102 1.58 -59.17 -13.04
CA CYS D 102 1.27 -60.00 -14.18
C CYS D 102 0.75 -59.20 -15.37
N GLY D 103 1.01 -59.71 -16.56
CA GLY D 103 0.61 -59.04 -17.79
C GLY D 103 1.73 -59.09 -18.81
N GLU D 104 1.41 -58.83 -20.08
CA GLU D 104 2.44 -58.83 -21.10
C GLU D 104 2.87 -57.41 -21.44
N VAL D 105 4.18 -57.20 -21.52
CA VAL D 105 4.72 -55.86 -21.66
C VAL D 105 5.49 -55.71 -22.97
N ILE D 106 5.35 -54.53 -23.60
CA ILE D 106 6.00 -54.25 -24.87
C ILE D 106 7.52 -54.47 -24.78
N MET D 107 8.13 -54.82 -25.91
CA MET D 107 9.55 -55.15 -25.93
C MET D 107 10.25 -54.64 -27.18
N GLU D 108 11.57 -54.68 -27.18
CA GLU D 108 12.35 -54.32 -28.34
C GLU D 108 12.09 -55.33 -29.46
N GLY D 109 12.12 -54.87 -30.70
CA GLY D 109 11.87 -55.74 -31.85
C GLY D 109 10.39 -55.88 -32.15
N ASN D 110 9.55 -55.31 -31.28
CA ASN D 110 8.11 -55.30 -31.48
C ASN D 110 7.45 -56.63 -31.10
N LYS D 111 8.15 -57.46 -30.33
CA LYS D 111 7.60 -58.72 -29.85
C LYS D 111 7.47 -58.66 -28.32
N THR D 112 6.24 -58.73 -27.82
CA THR D 112 6.01 -58.62 -26.37
C THR D 112 6.52 -59.83 -25.59
N ARG D 113 6.27 -59.84 -24.28
CA ARG D 113 6.69 -60.95 -23.44
C ARG D 113 5.90 -61.04 -22.15
N LYS D 114 4.92 -61.94 -22.13
CA LYS D 114 4.05 -62.10 -20.99
C LYS D 114 4.85 -62.28 -19.72
N LEU D 115 4.54 -61.48 -18.71
CA LEU D 115 5.35 -61.44 -17.50
C LEU D 115 4.53 -61.75 -16.25
N ASN D 116 5.04 -62.64 -15.42
CA ASN D 116 4.32 -63.05 -14.23
C ASN D 116 5.24 -63.32 -13.06
N ILE D 117 5.36 -62.34 -12.16
CA ILE D 117 6.17 -62.49 -10.97
C ILE D 117 5.29 -62.71 -9.75
N ASP D 118 5.73 -63.58 -8.84
CA ASP D 118 5.01 -63.81 -7.60
C ASP D 118 5.99 -64.21 -6.52
N PHE D 119 5.94 -63.51 -5.38
CA PHE D 119 6.95 -63.72 -4.36
C PHE D 119 6.50 -63.29 -2.96
N GLU D 120 7.09 -63.91 -1.95
CA GLU D 120 6.84 -63.58 -0.56
C GLU D 120 7.91 -62.60 -0.06
N PRO D 121 7.47 -61.39 0.34
CA PRO D 121 8.37 -60.30 0.72
C PRO D 121 8.89 -60.40 2.16
N PHE D 122 8.40 -59.50 3.03
CA PHE D 122 8.78 -59.46 4.45
C PHE D 122 7.71 -58.78 5.31
N LYS D 123 6.47 -59.26 5.23
CA LYS D 123 5.40 -58.68 6.00
C LYS D 123 4.83 -57.40 5.38
N PRO D 124 4.09 -57.54 4.25
CA PRO D 124 3.33 -56.39 3.73
C PRO D 124 2.10 -56.10 4.60
N ILE D 125 2.33 -55.62 5.81
CA ILE D 125 1.27 -55.41 6.78
C ILE D 125 0.06 -54.69 6.21
N ASN D 126 -1.10 -55.29 6.39
CA ASN D 126 -2.38 -54.66 6.08
C ASN D 126 -2.57 -54.21 4.63
N THR D 127 -1.51 -54.27 3.83
CA THR D 127 -1.60 -53.78 2.44
C THR D 127 -2.21 -54.80 1.48
N SER D 128 -3.53 -54.71 1.33
CA SER D 128 -4.25 -55.52 0.34
C SER D 128 -4.50 -54.63 -0.88
N GLN D 129 -4.46 -55.22 -2.07
CA GLN D 129 -4.64 -54.42 -3.27
C GLN D 129 -4.72 -55.23 -4.56
N TYR D 130 -5.77 -54.97 -5.34
CA TYR D 130 -5.87 -55.43 -6.71
C TYR D 130 -6.02 -54.22 -7.60
N LEU D 131 -5.33 -54.22 -8.74
CA LEU D 131 -5.43 -53.13 -9.68
C LEU D 131 -5.17 -53.64 -11.08
N CYS D 132 -5.96 -53.17 -12.04
CA CYS D 132 -5.72 -53.51 -13.44
C CYS D 132 -5.56 -52.26 -14.29
N ASP D 133 -4.34 -51.74 -14.32
CA ASP D 133 -4.04 -50.53 -15.07
C ASP D 133 -3.24 -50.89 -16.32
N ASN D 134 -2.63 -49.89 -16.94
CA ASN D 134 -1.72 -50.11 -18.07
C ASN D 134 -0.25 -50.03 -17.62
N LYS D 135 -0.05 -50.10 -16.31
CA LYS D 135 1.28 -50.13 -15.73
C LYS D 135 1.23 -50.86 -14.38
N PHE D 136 2.41 -51.20 -13.86
CA PHE D 136 2.50 -51.87 -12.56
C PHE D 136 2.54 -50.88 -11.41
N HIS D 137 1.77 -51.16 -10.37
CA HIS D 137 1.70 -50.28 -9.21
C HIS D 137 2.65 -50.73 -8.12
N THR D 138 3.77 -50.03 -8.00
CA THR D 138 4.81 -50.41 -7.06
C THR D 138 4.75 -49.59 -5.78
N GLU D 139 3.85 -48.61 -5.75
CA GLU D 139 3.69 -47.79 -4.55
C GLU D 139 3.59 -48.70 -3.33
N ALA D 140 2.83 -49.79 -3.48
CA ALA D 140 2.65 -50.76 -2.42
C ALA D 140 4.00 -51.22 -1.89
N LEU D 141 4.83 -51.72 -2.79
CA LEU D 141 6.16 -52.22 -2.44
C LEU D 141 6.96 -51.21 -1.63
N ALA D 142 6.79 -49.92 -1.94
CA ALA D 142 7.58 -48.84 -1.34
C ALA D 142 7.73 -48.95 0.19
N GLU D 143 6.80 -49.65 0.83
CA GLU D 143 6.82 -49.80 2.29
C GLU D 143 7.90 -50.78 2.75
N LEU D 144 8.34 -51.65 1.85
CA LEU D 144 9.38 -52.62 2.18
C LEU D 144 10.77 -51.99 2.05
N LEU D 145 10.80 -50.66 1.95
CA LEU D 145 12.05 -49.95 1.68
C LEU D 145 12.48 -49.06 2.86
N ASN D 282 19.04 -39.92 7.85
CA ASN D 282 19.86 -40.55 6.81
C ASN D 282 20.64 -41.75 7.32
N VAL D 283 20.07 -42.47 8.28
CA VAL D 283 20.72 -43.63 8.88
C VAL D 283 21.27 -44.58 7.81
N LYS D 284 20.54 -44.72 6.71
CA LYS D 284 20.98 -45.54 5.59
C LYS D 284 22.16 -44.92 4.85
N TYR D 285 22.15 -43.58 4.73
CA TYR D 285 23.22 -42.87 4.04
C TYR D 285 24.47 -42.73 4.90
N VAL D 286 24.27 -42.50 6.20
CA VAL D 286 25.41 -42.35 7.10
C VAL D 286 26.23 -43.63 7.15
N GLN D 287 25.55 -44.77 7.24
CA GLN D 287 26.25 -46.05 7.20
C GLN D 287 27.00 -46.20 5.88
N GLU D 288 26.33 -45.83 4.80
CA GLU D 288 26.93 -45.88 3.47
C GLU D 288 28.17 -45.01 3.42
N LYS D 289 28.05 -43.77 3.90
CA LYS D 289 29.17 -42.83 3.93
C LYS D 289 30.27 -43.32 4.89
N LYS D 290 29.85 -43.82 6.05
CA LYS D 290 30.78 -44.34 7.04
C LYS D 290 31.58 -45.51 6.47
N LEU D 291 30.91 -46.36 5.71
CA LEU D 291 31.55 -47.51 5.11
C LEU D 291 32.57 -47.10 4.07
N ILE D 292 32.18 -46.22 3.16
CA ILE D 292 33.09 -45.80 2.10
C ILE D 292 34.31 -45.09 2.66
N GLN D 293 34.15 -44.41 3.79
CA GLN D 293 35.26 -43.71 4.43
C GLN D 293 36.22 -44.72 5.05
N ARG D 294 35.68 -45.75 5.67
CA ARG D 294 36.47 -46.85 6.18
C ARG D 294 37.38 -47.38 5.07
N PHE D 295 36.85 -47.38 3.85
CA PHE D 295 37.57 -47.85 2.68
C PHE D 295 38.60 -46.82 2.25
N PHE D 296 38.24 -45.54 2.33
CA PHE D 296 39.15 -44.47 1.94
C PHE D 296 40.38 -44.42 2.83
N ASP D 297 40.20 -44.77 4.11
CA ASP D 297 41.32 -44.80 5.05
C ASP D 297 42.43 -45.70 4.52
N GLU D 298 42.05 -46.83 3.94
CA GLU D 298 43.02 -47.78 3.39
C GLU D 298 43.75 -47.19 2.18
N ILE D 299 43.40 -45.98 1.80
CA ILE D 299 44.12 -45.30 0.74
C ILE D 299 44.87 -44.10 1.32
N SER D 300 44.28 -43.45 2.31
CA SER D 300 44.91 -42.32 2.98
C SER D 300 46.07 -42.83 3.83
N LEU D 301 46.12 -44.14 4.03
CA LEU D 301 47.12 -44.76 4.87
C LEU D 301 48.05 -45.62 4.02
N ASP D 302 47.64 -45.91 2.78
CA ASP D 302 48.49 -46.65 1.86
C ASP D 302 48.55 -48.15 2.25
N SER D 303 47.94 -48.44 3.39
CA SER D 303 48.09 -49.76 4.02
C SER D 303 48.42 -50.87 3.00
N GLY D 304 47.58 -50.99 1.98
CA GLY D 304 47.72 -52.03 1.00
C GLY D 304 46.62 -53.07 1.14
N LYS D 305 45.58 -52.70 1.90
CA LYS D 305 44.36 -53.50 2.01
C LYS D 305 43.23 -52.81 1.24
N TYR D 306 43.07 -53.13 -0.04
CA TYR D 306 42.00 -52.50 -0.80
C TYR D 306 42.16 -52.62 -2.31
N CYS D 307 41.06 -52.35 -3.01
CA CYS D 307 40.84 -52.74 -4.40
C CYS D 307 39.33 -52.85 -4.50
N PHE D 308 38.60 -51.98 -5.22
CA PHE D 308 39.04 -51.05 -6.27
C PHE D 308 39.48 -51.73 -7.58
N GLY D 309 38.53 -51.84 -8.50
CA GLY D 309 38.73 -52.53 -9.78
C GLY D 309 37.86 -53.76 -9.85
N VAL D 310 37.35 -54.09 -11.04
CA VAL D 310 36.55 -55.30 -11.21
C VAL D 310 37.44 -56.52 -11.18
N VAL D 311 38.37 -56.55 -12.13
CA VAL D 311 39.28 -57.67 -12.29
C VAL D 311 40.06 -57.91 -11.00
N ASP D 312 40.32 -56.84 -10.26
CA ASP D 312 41.08 -56.94 -9.02
C ASP D 312 40.23 -57.37 -7.83
N THR D 313 39.08 -56.74 -7.66
CA THR D 313 38.20 -57.08 -6.55
C THR D 313 37.70 -58.51 -6.69
N MET D 314 37.36 -58.89 -7.93
CA MET D 314 36.90 -60.24 -8.19
C MET D 314 37.99 -61.27 -7.87
N ASN D 315 39.21 -60.98 -8.31
CA ASN D 315 40.36 -61.82 -8.02
C ASN D 315 40.65 -61.91 -6.52
N ALA D 316 40.57 -60.78 -5.83
CA ALA D 316 40.81 -60.75 -4.39
C ALA D 316 39.77 -61.57 -3.64
N LEU D 317 38.53 -61.51 -4.13
CA LEU D 317 37.43 -62.26 -3.57
C LEU D 317 37.67 -63.73 -3.91
N GLN D 318 37.84 -63.98 -5.20
CA GLN D 318 38.18 -65.31 -5.71
C GLN D 318 39.29 -65.95 -4.88
N GLU D 319 40.46 -65.30 -4.90
CA GLU D 319 41.62 -65.69 -4.12
C GLU D 319 41.37 -65.43 -2.63
N GLY D 320 42.10 -66.12 -1.76
CA GLY D 320 42.04 -65.89 -0.33
C GLY D 320 40.78 -65.18 0.13
N ALA D 321 40.92 -63.95 0.61
CA ALA D 321 39.80 -63.26 1.21
C ALA D 321 39.80 -61.74 1.01
N VAL D 322 38.60 -61.18 1.07
CA VAL D 322 38.37 -59.76 1.20
C VAL D 322 37.49 -59.59 2.43
N GLU D 323 37.67 -58.51 3.18
CA GLU D 323 36.88 -58.31 4.38
C GLU D 323 35.50 -57.76 4.07
N THR D 324 35.44 -56.67 3.31
CA THR D 324 34.17 -56.07 2.96
C THR D 324 34.16 -55.69 1.50
N LEU D 325 33.12 -56.13 0.79
CA LEU D 325 32.98 -55.86 -0.62
C LEU D 325 32.07 -54.66 -0.82
N LEU D 326 32.57 -53.63 -1.48
CA LEU D 326 31.76 -52.44 -1.76
C LEU D 326 31.28 -52.47 -3.20
N CYS D 327 29.97 -52.59 -3.39
CA CYS D 327 29.42 -52.59 -4.74
C CYS D 327 28.40 -51.48 -4.99
N PHE D 328 28.46 -50.90 -6.17
CA PHE D 328 27.56 -49.83 -6.54
C PHE D 328 26.21 -50.38 -6.97
N ALA D 329 25.16 -49.99 -6.25
CA ALA D 329 23.81 -50.45 -6.53
C ALA D 329 23.54 -50.67 -8.02
N ASP D 330 23.65 -49.61 -8.81
CA ASP D 330 23.38 -49.74 -10.24
C ASP D 330 24.64 -50.03 -11.05
N LEU D 331 25.45 -50.98 -10.58
CA LEU D 331 26.69 -51.29 -11.28
C LEU D 331 26.39 -51.79 -12.69
N ASP D 332 27.05 -51.19 -13.68
CA ASP D 332 26.87 -51.57 -15.07
C ASP D 332 27.86 -52.64 -15.48
N MET D 333 27.66 -53.86 -14.97
CA MET D 333 28.62 -54.95 -15.21
C MET D 333 27.91 -56.28 -15.39
N ILE D 334 28.21 -56.94 -16.50
CA ILE D 334 27.63 -58.26 -16.77
C ILE D 334 28.66 -59.38 -16.68
N ARG D 335 28.27 -60.49 -16.06
CA ARG D 335 29.18 -61.59 -15.81
C ARG D 335 28.84 -62.80 -16.65
N TYR D 336 29.50 -62.93 -17.80
CA TYR D 336 29.25 -64.04 -18.71
C TYR D 336 29.96 -65.32 -18.29
N ILE D 347 34.88 -67.02 -17.42
CA ILE D 347 34.35 -65.82 -16.80
C ILE D 347 35.06 -64.57 -17.30
N THR D 348 34.38 -63.81 -18.16
CA THR D 348 34.89 -62.52 -18.58
C THR D 348 33.86 -61.40 -18.37
N TYR D 349 34.27 -60.37 -17.66
CA TYR D 349 33.39 -59.29 -17.25
C TYR D 349 33.42 -58.15 -18.27
N MET D 350 32.26 -57.53 -18.49
CA MET D 350 32.17 -56.36 -19.36
C MET D 350 31.02 -55.45 -18.97
N THR D 351 30.99 -54.26 -19.55
CA THR D 351 29.93 -53.29 -19.29
C THR D 351 28.91 -53.31 -20.43
N LYS D 352 28.55 -52.12 -20.90
CA LYS D 352 27.74 -52.00 -22.11
C LYS D 352 28.65 -51.67 -23.29
N GLU D 353 29.79 -52.35 -23.31
CA GLU D 353 30.77 -52.24 -24.38
C GLU D 353 30.68 -53.51 -25.22
N GLN D 354 29.46 -53.95 -25.46
CA GLN D 354 29.20 -55.26 -26.06
C GLN D 354 28.69 -55.15 -27.49
N GLU D 355 28.18 -53.97 -27.84
CA GLU D 355 27.65 -53.72 -29.18
C GLU D 355 28.75 -53.69 -30.24
N GLU D 356 29.98 -53.46 -29.77
CA GLU D 356 31.15 -53.38 -30.63
C GLU D 356 31.88 -54.72 -30.76
N LYS D 357 32.10 -55.38 -29.63
CA LYS D 357 32.88 -56.61 -29.56
C LYS D 357 32.15 -57.81 -30.15
N ASP D 358 32.92 -58.79 -30.62
CA ASP D 358 32.38 -60.07 -31.02
C ASP D 358 32.88 -61.12 -30.02
N SER D 359 32.35 -61.05 -28.81
CA SER D 359 32.84 -61.83 -27.68
C SER D 359 32.59 -63.33 -27.82
N SER D 377 24.66 -67.91 -15.73
CA SER D 377 25.43 -68.15 -16.95
C SER D 377 25.85 -66.81 -17.56
N SER D 378 24.87 -65.94 -17.78
CA SER D 378 25.12 -64.57 -18.21
C SER D 378 24.36 -63.63 -17.31
N MET D 379 24.94 -63.32 -16.16
CA MET D 379 24.26 -62.59 -15.09
C MET D 379 24.73 -61.14 -15.00
N LEU D 380 24.19 -60.41 -14.03
CA LEU D 380 24.73 -59.10 -13.68
C LEU D 380 25.69 -59.28 -12.51
N LEU D 381 26.91 -58.78 -12.63
CA LEU D 381 27.88 -58.97 -11.55
C LEU D 381 27.19 -58.63 -10.25
N SER D 382 26.57 -57.46 -10.21
CA SER D 382 25.80 -57.01 -9.06
C SER D 382 24.96 -58.13 -8.45
N GLU D 383 24.25 -58.86 -9.31
CA GLU D 383 23.33 -59.89 -8.87
C GLU D 383 24.06 -61.18 -8.46
N TRP D 384 25.13 -61.50 -9.18
CA TRP D 384 25.89 -62.71 -8.84
C TRP D 384 26.52 -62.57 -7.47
N LEU D 385 27.02 -61.40 -7.14
CA LEU D 385 27.63 -61.17 -5.83
C LEU D 385 26.58 -61.30 -4.73
N ALA D 386 25.38 -60.81 -5.00
CA ALA D 386 24.32 -60.82 -4.00
C ALA D 386 23.90 -62.24 -3.65
N GLU D 387 24.36 -63.21 -4.42
CA GLU D 387 23.94 -64.60 -4.23
C GLU D 387 25.07 -65.55 -3.84
N HIS D 388 26.32 -65.10 -3.95
CA HIS D 388 27.45 -65.98 -3.71
C HIS D 388 28.44 -65.39 -2.72
N TYR D 389 28.32 -64.09 -2.46
CA TYR D 389 29.26 -63.41 -1.58
C TYR D 389 29.47 -64.21 -0.31
N LYS D 390 28.41 -64.85 0.17
CA LYS D 390 28.48 -65.63 1.40
C LYS D 390 29.56 -66.73 1.34
N ASP D 391 29.76 -67.30 0.17
CA ASP D 391 30.71 -68.40 0.01
C ASP D 391 32.15 -67.90 -0.07
N TYR D 392 32.44 -66.76 0.57
CA TYR D 392 33.77 -66.17 0.42
C TYR D 392 34.26 -65.43 1.66
N GLY D 393 33.45 -65.37 2.71
CA GLY D 393 33.86 -64.65 3.91
C GLY D 393 33.15 -63.32 4.08
N ALA D 394 33.34 -62.41 3.12
CA ALA D 394 32.55 -61.18 3.06
C ALA D 394 31.08 -61.62 3.09
N ASN D 395 30.16 -60.76 3.54
CA ASN D 395 30.37 -59.34 3.87
C ASN D 395 30.33 -58.43 2.65
N LEU D 396 29.11 -58.07 2.27
CA LEU D 396 28.87 -57.29 1.07
C LEU D 396 27.96 -56.12 1.38
N GLU D 397 28.27 -54.98 0.80
CA GLU D 397 27.49 -53.78 1.04
C GLU D 397 27.22 -53.08 -0.28
N PHE D 398 25.94 -52.85 -0.57
CA PHE D 398 25.59 -52.08 -1.75
C PHE D 398 25.50 -50.60 -1.39
N VAL D 399 26.23 -49.76 -2.12
CA VAL D 399 26.22 -48.33 -1.86
C VAL D 399 25.71 -47.54 -3.05
N SER D 400 25.01 -46.45 -2.78
CA SER D 400 24.43 -45.63 -3.82
C SER D 400 25.27 -44.39 -4.05
N ASP D 401 25.23 -43.86 -5.27
CA ASP D 401 25.98 -42.65 -5.59
C ASP D 401 25.22 -41.40 -5.18
N ARG D 402 24.49 -41.49 -4.08
CA ARG D 402 23.81 -40.33 -3.54
C ARG D 402 24.82 -39.44 -2.85
N SER D 403 25.61 -40.04 -1.96
CA SER D 403 26.59 -39.30 -1.16
C SER D 403 27.79 -38.84 -1.96
N GLN D 404 28.52 -37.87 -1.42
CA GLN D 404 29.75 -37.42 -2.06
C GLN D 404 30.71 -38.58 -2.12
N GLU D 405 30.79 -39.35 -1.03
CA GLU D 405 31.58 -40.57 -0.98
C GLU D 405 31.18 -41.49 -2.12
N GLY D 406 29.89 -41.75 -2.22
CA GLY D 406 29.37 -42.64 -3.25
C GLY D 406 29.88 -42.23 -4.62
N MET D 407 29.60 -40.99 -4.99
CA MET D 407 30.01 -40.51 -6.31
C MET D 407 31.50 -40.71 -6.53
N GLN D 408 32.30 -40.42 -5.51
CA GLN D 408 33.73 -40.69 -5.56
C GLN D 408 33.92 -42.16 -5.85
N PHE D 409 33.43 -42.98 -4.93
CA PHE D 409 33.59 -44.41 -5.03
C PHE D 409 33.15 -44.96 -6.37
N VAL D 410 32.21 -44.29 -7.02
CA VAL D 410 31.70 -44.75 -8.31
C VAL D 410 32.49 -44.25 -9.49
N LYS D 411 32.67 -42.93 -9.57
CA LYS D 411 33.31 -42.35 -10.74
C LYS D 411 34.82 -42.40 -10.61
N GLY D 412 35.31 -42.65 -9.41
CA GLY D 412 36.74 -42.66 -9.14
C GLY D 412 37.32 -44.05 -9.02
N PHE D 413 36.52 -44.97 -8.50
CA PHE D 413 37.00 -46.34 -8.28
C PHE D 413 36.08 -47.38 -8.93
N GLY D 414 35.64 -47.11 -10.15
CA GLY D 414 34.82 -48.06 -10.92
C GLY D 414 33.53 -48.51 -10.26
N GLY D 415 33.31 -48.07 -9.04
CA GLY D 415 32.08 -48.42 -8.35
C GLY D 415 32.14 -49.78 -7.69
N ILE D 416 33.25 -50.49 -7.89
CA ILE D 416 33.41 -51.78 -7.22
C ILE D 416 34.78 -51.97 -6.55
N GLY D 417 34.75 -52.33 -5.28
CA GLY D 417 35.95 -52.44 -4.48
C GLY D 417 35.78 -53.20 -3.19
N ALA D 418 36.81 -53.16 -2.35
CA ALA D 418 36.86 -53.95 -1.14
C ALA D 418 37.95 -53.47 -0.20
N VAL D 419 37.73 -53.65 1.09
CA VAL D 419 38.80 -53.48 2.07
C VAL D 419 39.28 -54.86 2.48
N MET D 420 40.47 -55.25 2.01
CA MET D 420 40.99 -56.57 2.31
C MET D 420 41.49 -56.67 3.74
N ARG D 421 42.42 -57.60 3.94
CA ARG D 421 43.03 -57.96 5.22
C ARG D 421 43.73 -59.18 4.70
N TYR D 422 44.64 -59.01 3.75
CA TYR D 422 45.91 -58.42 4.00
C TYR D 422 46.53 -58.22 2.63
N GLN D 423 47.41 -57.23 2.50
CA GLN D 423 48.06 -57.01 1.20
C GLN D 423 48.11 -58.28 0.35
N LEU D 424 47.69 -58.16 -0.91
CA LEU D 424 47.96 -59.18 -1.93
C LEU D 424 48.79 -58.57 -3.04
N ASP D 425 48.99 -59.33 -4.12
CA ASP D 425 49.86 -58.84 -5.18
C ASP D 425 49.14 -58.76 -6.50
N LEU D 426 47.83 -58.94 -6.44
CA LEU D 426 47.00 -58.85 -7.62
C LEU D 426 47.74 -59.48 -8.80
N SER D 427 47.49 -60.78 -8.98
CA SER D 427 48.05 -61.56 -10.06
C SER D 427 46.96 -62.12 -10.95
N MET D 428 47.36 -62.46 -12.18
CA MET D 428 46.43 -62.76 -13.26
C MET D 428 45.42 -61.63 -13.46
N LEU D 429 45.74 -60.72 -14.37
CA LEU D 429 47.06 -60.71 -15.01
C LEU D 429 47.23 -59.62 -16.07
N ASP D 430 48.24 -58.77 -15.86
CA ASP D 430 48.70 -57.82 -16.87
C ASP D 430 49.76 -56.83 -16.37
N PRO D 431 50.61 -56.35 -17.28
CA PRO D 431 51.85 -55.63 -16.99
C PRO D 431 51.93 -55.22 -15.54
N GLU D 432 53.00 -55.62 -14.85
CA GLU D 432 54.09 -56.42 -15.43
C GLU D 432 53.68 -57.37 -16.52
N SER D 433 54.54 -57.55 -17.52
CA SER D 433 54.30 -58.54 -18.56
C SER D 433 55.17 -59.76 -18.33
N ASP D 434 56.23 -59.92 -19.14
CA ASP D 434 56.59 -58.95 -20.17
C ASP D 434 56.42 -59.54 -21.55
N GLU D 435 56.69 -60.83 -21.67
CA GLU D 435 56.61 -61.52 -22.95
C GLU D 435 57.50 -60.85 -24.00
N ALA E 6 -1.67 17.79 -35.56
CA ALA E 6 -1.49 16.92 -34.36
C ALA E 6 -0.17 17.19 -33.63
N PRO E 7 -0.25 17.90 -32.49
CA PRO E 7 0.90 18.21 -31.64
C PRO E 7 0.93 17.26 -30.45
N PHE E 8 2.07 17.13 -29.78
CA PHE E 8 2.15 16.28 -28.60
C PHE E 8 2.01 17.10 -27.32
N ILE E 9 1.12 16.66 -26.43
CA ILE E 9 0.89 17.36 -25.15
C ILE E 9 0.61 16.39 -24.01
N MET E 10 1.48 16.41 -22.99
CA MET E 10 1.33 15.55 -21.83
C MET E 10 1.74 16.28 -20.57
N PRO E 11 0.78 16.85 -19.84
CA PRO E 11 1.17 17.62 -18.66
C PRO E 11 1.82 16.73 -17.60
N ILE E 12 2.95 17.16 -17.06
CA ILE E 12 3.68 16.36 -16.10
C ILE E 12 2.98 16.27 -14.77
N ALA E 13 2.55 15.06 -14.41
CA ALA E 13 1.81 14.82 -13.17
C ALA E 13 2.73 14.58 -12.01
N SER E 14 3.83 13.86 -12.28
CA SER E 14 4.81 13.52 -11.25
C SER E 14 6.18 13.40 -11.88
N LYS E 15 7.20 13.66 -11.08
CA LYS E 15 8.57 13.52 -11.53
C LYS E 15 9.37 12.94 -10.38
N TYR E 16 10.22 11.96 -10.66
CA TYR E 16 11.10 11.45 -9.63
C TYR E 16 12.36 10.82 -10.19
N LYS E 17 13.42 10.90 -9.39
CA LYS E 17 14.73 10.37 -9.76
C LYS E 17 14.95 8.98 -9.15
N ASP E 18 15.88 8.25 -9.73
CA ASP E 18 16.21 6.91 -9.29
C ASP E 18 16.91 6.21 -10.45
N LEU E 19 18.20 6.48 -10.62
CA LEU E 19 18.89 5.95 -11.78
C LEU E 19 18.13 6.35 -13.03
N GLY E 20 18.10 7.65 -13.30
CA GLY E 20 17.33 8.19 -14.42
C GLY E 20 16.16 9.00 -13.90
N THR E 21 15.65 9.92 -14.72
CA THR E 21 14.50 10.71 -14.33
C THR E 21 13.22 10.13 -14.94
N ILE E 22 12.19 9.96 -14.11
CA ILE E 22 10.90 9.49 -14.60
C ILE E 22 9.85 10.58 -14.50
N LEU E 23 9.41 11.07 -15.66
CA LEU E 23 8.28 11.98 -15.71
C LEU E 23 7.08 11.11 -16.00
N GLU E 24 6.01 11.28 -15.25
CA GLU E 24 4.82 10.48 -15.47
C GLU E 24 3.65 11.42 -15.69
N GLY E 25 2.87 11.14 -16.72
CA GLY E 25 1.67 11.91 -17.01
C GLY E 25 0.60 11.12 -17.74
N LYS E 26 -0.28 11.83 -18.43
CA LYS E 26 -1.30 11.21 -19.26
C LYS E 26 -1.44 12.04 -20.53
N ILE E 27 -1.17 11.40 -21.67
CA ILE E 27 -1.15 12.11 -22.94
C ILE E 27 -2.52 12.68 -23.28
N GLU E 28 -2.59 14.00 -23.38
CA GLU E 28 -3.85 14.65 -23.72
C GLU E 28 -3.91 14.97 -25.19
N ALA E 29 -2.87 14.62 -25.93
CA ALA E 29 -2.80 14.97 -27.34
C ALA E 29 -1.55 14.45 -28.03
N GLY E 30 -1.75 13.93 -29.23
CA GLY E 30 -0.63 13.49 -30.05
C GLY E 30 -0.14 12.14 -29.61
N SER E 31 1.13 11.87 -29.88
CA SER E 31 1.74 10.62 -29.45
C SER E 31 3.23 10.83 -29.24
N ILE E 32 3.88 9.82 -28.68
CA ILE E 32 5.28 9.92 -28.37
C ILE E 32 5.93 8.58 -28.66
N LYS E 33 7.10 8.61 -29.31
CA LYS E 33 7.82 7.37 -29.61
C LYS E 33 9.12 7.29 -28.84
N LYS E 34 9.54 6.06 -28.54
CA LYS E 34 10.82 5.84 -27.90
C LYS E 34 11.92 6.55 -28.68
N ASN E 35 12.83 7.19 -27.96
CA ASN E 35 13.93 7.93 -28.57
C ASN E 35 13.52 9.14 -29.40
N SER E 36 12.46 9.83 -28.96
CA SER E 36 12.11 11.09 -29.58
C SER E 36 12.59 12.22 -28.70
N ASN E 37 12.48 13.44 -29.20
CA ASN E 37 12.78 14.60 -28.39
C ASN E 37 11.51 15.34 -28.02
N VAL E 38 11.46 15.83 -26.80
CA VAL E 38 10.31 16.56 -26.33
C VAL E 38 10.74 17.89 -25.73
N LEU E 39 9.86 18.89 -25.82
CA LEU E 39 10.16 20.18 -25.22
C LEU E 39 9.43 20.28 -23.90
N VAL E 40 10.11 20.77 -22.88
CA VAL E 40 9.47 20.99 -21.59
C VAL E 40 9.07 22.45 -21.49
N MET E 41 7.77 22.70 -21.57
CA MET E 41 7.23 24.06 -21.48
C MET E 41 6.76 24.34 -20.06
N PRO E 42 6.82 25.61 -19.66
CA PRO E 42 7.20 26.72 -20.52
C PRO E 42 8.68 27.06 -20.44
N ILE E 43 9.47 26.28 -19.71
CA ILE E 43 10.90 26.58 -19.55
C ILE E 43 11.68 26.42 -20.85
N ASN E 44 11.04 25.82 -21.85
CA ASN E 44 11.65 25.61 -23.15
C ASN E 44 12.89 24.70 -23.13
N GLN E 45 12.92 23.80 -22.15
CA GLN E 45 14.00 22.82 -22.04
C GLN E 45 13.73 21.63 -22.95
N THR E 46 14.79 21.06 -23.52
CA THR E 46 14.64 19.89 -24.37
C THR E 46 15.15 18.62 -23.67
N LEU E 47 14.42 17.53 -23.82
CA LEU E 47 14.81 16.26 -23.24
C LEU E 47 14.68 15.14 -24.26
N GLU E 48 15.35 14.03 -24.00
CA GLU E 48 15.21 12.85 -24.84
C GLU E 48 14.42 11.77 -24.12
N VAL E 49 13.43 11.24 -24.82
CA VAL E 49 12.63 10.15 -24.29
C VAL E 49 13.33 8.86 -24.65
N THR E 50 13.78 8.13 -23.64
CA THR E 50 14.53 6.92 -23.90
C THR E 50 13.70 5.69 -23.61
N ALA E 51 12.49 5.87 -23.11
CA ALA E 51 11.63 4.74 -22.79
C ALA E 51 10.25 5.17 -22.37
N ILE E 52 9.24 4.42 -22.81
CA ILE E 52 7.87 4.62 -22.35
C ILE E 52 7.42 3.34 -21.68
N TYR E 53 6.74 3.45 -20.54
CA TYR E 53 6.21 2.26 -19.85
C TYR E 53 4.72 2.38 -19.56
N ASP E 54 3.97 1.37 -19.99
CA ASP E 54 2.53 1.37 -19.76
C ASP E 54 2.25 1.08 -18.30
N GLU E 55 0.99 1.13 -17.92
CA GLU E 55 0.62 0.88 -16.53
C GLU E 55 0.96 -0.53 -16.06
N ALA E 56 1.22 -1.44 -16.99
CA ALA E 56 1.59 -2.79 -16.61
C ALA E 56 3.04 -2.79 -16.15
N ASP E 57 3.71 -1.65 -16.31
CA ASP E 57 5.15 -1.57 -16.04
C ASP E 57 5.93 -2.20 -17.18
N GLU E 58 5.25 -2.46 -18.28
CA GLU E 58 5.86 -3.07 -19.44
C GLU E 58 6.29 -1.96 -20.40
N GLU E 59 7.47 -2.11 -20.99
CA GLU E 59 7.96 -1.12 -21.93
C GLU E 59 7.17 -1.18 -23.23
N ILE E 60 6.94 -0.01 -23.84
CA ILE E 60 6.27 0.02 -25.13
C ILE E 60 6.98 0.96 -26.11
N SER E 61 6.82 0.67 -27.40
CA SER E 61 7.52 1.40 -28.46
C SER E 61 7.00 2.83 -28.62
N SER E 62 5.75 3.05 -28.24
CA SER E 62 5.12 4.36 -28.38
C SER E 62 3.80 4.40 -27.64
N SER E 63 3.38 5.59 -27.25
CA SER E 63 2.07 5.75 -26.63
C SER E 63 1.30 6.85 -27.32
N ILE E 64 0.14 6.48 -27.85
CA ILE E 64 -0.79 7.44 -28.41
C ILE E 64 -1.32 8.24 -27.25
N CYS E 65 -2.32 9.07 -27.51
CA CYS E 65 -2.86 9.88 -26.44
C CYS E 65 -3.99 9.13 -25.76
N GLY E 66 -4.42 9.64 -24.60
CA GLY E 66 -5.38 8.93 -23.78
C GLY E 66 -4.62 7.94 -22.91
N ASP E 67 -3.42 7.60 -23.34
CA ASP E 67 -2.57 6.67 -22.63
C ASP E 67 -1.98 7.29 -21.37
N GLN E 68 -1.90 6.49 -20.31
CA GLN E 68 -1.25 6.91 -19.08
C GLN E 68 0.15 6.33 -19.03
N VAL E 69 1.17 7.18 -19.10
CA VAL E 69 2.52 6.68 -19.29
C VAL E 69 3.52 7.24 -18.30
N ARG E 70 4.55 6.44 -18.03
CA ARG E 70 5.74 6.90 -17.33
C ARG E 70 6.88 6.98 -18.33
N LEU E 71 7.47 8.16 -18.47
CA LEU E 71 8.55 8.37 -19.44
C LEU E 71 9.90 8.48 -18.74
N ARG E 72 10.93 7.89 -19.35
CA ARG E 72 12.28 8.06 -18.87
C ARG E 72 13.03 9.02 -19.79
N VAL E 73 13.48 10.12 -19.22
CA VAL E 73 14.06 11.21 -20.00
C VAL E 73 15.54 11.43 -19.70
N ARG E 74 16.23 12.01 -20.67
CA ARG E 74 17.65 12.27 -20.54
C ARG E 74 17.94 13.71 -20.95
N GLY E 75 18.59 14.45 -20.07
CA GLY E 75 18.95 15.83 -20.37
C GLY E 75 18.88 16.63 -19.09
N ASP E 76 19.31 17.88 -19.15
CA ASP E 76 19.20 18.75 -18.00
C ASP E 76 17.71 18.90 -17.65
N ASP E 77 17.35 18.58 -16.41
CA ASP E 77 15.95 18.57 -16.03
C ASP E 77 15.71 19.13 -14.63
N SER E 78 16.77 19.60 -14.00
CA SER E 78 16.67 20.10 -12.63
C SER E 78 15.63 21.20 -12.55
N ASP E 79 15.04 21.56 -13.69
CA ASP E 79 14.05 22.63 -13.74
C ASP E 79 12.64 22.10 -13.99
N VAL E 80 12.56 20.94 -14.64
CA VAL E 80 11.28 20.31 -14.92
C VAL E 80 10.57 19.99 -13.62
N GLN E 81 9.41 20.58 -13.41
CA GLN E 81 8.66 20.32 -12.20
C GLN E 81 7.21 19.98 -12.52
N THR E 82 6.54 19.46 -11.50
CA THR E 82 5.19 18.95 -11.65
C THR E 82 4.22 20.03 -12.07
N GLY E 83 3.77 19.99 -13.31
CA GLY E 83 2.86 21.02 -13.82
C GLY E 83 3.30 21.57 -15.15
N TYR E 84 4.59 21.46 -15.45
CA TYR E 84 5.08 21.83 -16.77
C TYR E 84 4.52 20.82 -17.77
N VAL E 85 4.64 21.09 -19.06
CA VAL E 85 4.03 20.22 -20.04
C VAL E 85 4.98 19.74 -21.12
N LEU E 86 5.11 18.42 -21.27
CA LEU E 86 5.88 17.86 -22.37
C LEU E 86 5.14 18.07 -23.67
N THR E 87 5.85 18.53 -24.69
CA THR E 87 5.23 18.80 -25.98
C THR E 87 6.21 18.64 -27.12
N SER E 88 5.70 18.63 -28.35
CA SER E 88 6.56 18.52 -29.54
C SER E 88 7.23 19.83 -29.87
N THR E 89 8.50 19.76 -30.25
CA THR E 89 9.25 20.95 -30.61
C THR E 89 8.78 21.53 -31.94
N LYS E 90 7.83 20.87 -32.57
CA LYS E 90 7.23 21.37 -33.81
C LYS E 90 6.19 22.43 -33.46
N ASN E 91 5.09 22.02 -32.83
CA ASN E 91 4.09 22.98 -32.35
C ASN E 91 3.95 22.83 -30.86
N PRO E 92 4.79 23.52 -30.09
CA PRO E 92 4.73 23.39 -28.64
C PRO E 92 3.42 23.94 -28.07
N VAL E 93 2.91 23.31 -27.02
CA VAL E 93 1.78 23.84 -26.31
C VAL E 93 2.09 25.27 -25.91
N HIS E 94 1.09 26.14 -25.96
CA HIS E 94 1.29 27.54 -25.64
C HIS E 94 1.43 27.75 -24.14
N ALA E 95 2.08 28.85 -23.75
CA ALA E 95 2.12 29.28 -22.36
C ALA E 95 2.05 30.80 -22.28
N THR E 96 1.75 31.33 -21.11
CA THR E 96 1.47 32.76 -20.98
C THR E 96 1.29 33.20 -19.53
N THR E 97 1.25 34.51 -19.31
CA THR E 97 0.91 35.04 -18.01
C THR E 97 -0.36 35.88 -18.09
N ARG E 98 -0.86 36.05 -19.32
CA ARG E 98 -2.08 36.80 -19.56
C ARG E 98 -3.02 35.99 -20.42
N PHE E 99 -4.26 35.82 -19.95
CA PHE E 99 -5.27 35.17 -20.77
C PHE E 99 -6.65 35.66 -20.42
N ILE E 100 -7.59 35.45 -21.35
CA ILE E 100 -8.96 35.84 -21.16
C ILE E 100 -9.83 34.60 -21.12
N ALA E 101 -10.76 34.55 -20.16
CA ALA E 101 -11.54 33.34 -19.92
C ALA E 101 -12.95 33.65 -19.43
N GLN E 102 -13.91 32.86 -19.88
CA GLN E 102 -15.21 32.84 -19.23
C GLN E 102 -15.01 32.30 -17.82
N ILE E 103 -15.81 32.80 -16.89
CA ILE E 103 -15.70 32.35 -15.52
C ILE E 103 -17.05 32.31 -14.87
N ALA E 104 -17.45 31.15 -14.39
CA ALA E 104 -18.69 31.07 -13.66
C ALA E 104 -18.34 31.19 -12.19
N ILE E 105 -18.72 32.30 -11.57
CA ILE E 105 -18.51 32.43 -10.14
C ILE E 105 -19.47 31.48 -9.42
N LEU E 106 -18.96 30.76 -8.44
CA LEU E 106 -19.82 29.85 -7.73
C LEU E 106 -19.96 30.23 -6.26
N GLU E 107 -18.87 30.10 -5.51
CA GLU E 107 -18.95 30.36 -4.09
C GLU E 107 -18.10 31.52 -3.62
N LEU E 108 -18.48 32.73 -3.99
CA LEU E 108 -17.76 33.87 -3.49
C LEU E 108 -18.30 34.28 -2.14
N PRO E 109 -17.42 34.70 -1.24
CA PRO E 109 -17.93 35.03 0.08
C PRO E 109 -18.44 36.45 0.17
N SER E 110 -17.94 37.32 -0.71
CA SER E 110 -18.79 38.35 -1.31
C SER E 110 -18.33 38.76 -2.71
N ILE E 111 -17.92 40.01 -2.86
CA ILE E 111 -17.71 40.60 -4.18
C ILE E 111 -16.34 40.28 -4.80
N LEU E 112 -16.25 40.40 -6.11
CA LEU E 112 -15.06 39.99 -6.87
C LEU E 112 -14.67 41.10 -7.86
N THR E 113 -13.51 41.74 -7.68
CA THR E 113 -13.16 42.92 -8.49
C THR E 113 -11.68 43.09 -8.79
N THR E 114 -11.35 43.12 -10.08
CA THR E 114 -9.97 43.33 -10.52
C THR E 114 -8.88 42.82 -9.57
N GLY E 115 -8.75 43.44 -8.39
CA GLY E 115 -7.70 43.02 -7.45
C GLY E 115 -7.69 41.54 -7.11
N TYR E 116 -8.85 40.88 -7.24
CA TYR E 116 -9.04 39.53 -6.72
C TYR E 116 -7.91 38.60 -7.10
N SER E 117 -7.30 37.99 -6.09
CA SER E 117 -6.26 37.00 -6.27
C SER E 117 -6.73 35.67 -5.69
N CYS E 118 -6.23 34.57 -6.25
CA CYS E 118 -6.51 33.25 -5.69
C CYS E 118 -5.72 32.15 -6.39
N VAL E 119 -6.05 30.90 -6.08
CA VAL E 119 -5.32 29.76 -6.62
C VAL E 119 -6.06 29.16 -7.80
N MET E 120 -5.35 29.03 -8.93
CA MET E 120 -5.96 28.42 -10.11
C MET E 120 -5.41 27.03 -10.36
N HIS E 121 -6.30 26.09 -10.67
CA HIS E 121 -5.91 24.74 -11.00
C HIS E 121 -6.24 24.45 -12.46
N ILE E 122 -5.25 24.52 -13.34
CA ILE E 122 -5.52 24.39 -14.78
C ILE E 122 -5.51 22.96 -15.27
N HIS E 123 -4.43 22.24 -15.01
CA HIS E 123 -4.46 20.80 -15.25
C HIS E 123 -3.57 20.21 -14.20
N THR E 124 -2.61 19.43 -14.63
CA THR E 124 -1.61 18.90 -13.74
C THR E 124 -0.97 20.02 -12.90
N ALA E 125 -1.20 21.27 -13.31
CA ALA E 125 -0.53 22.44 -12.70
C ALA E 125 -1.41 23.24 -11.75
N VAL E 126 -0.76 23.89 -10.79
CA VAL E 126 -1.43 24.79 -9.85
C VAL E 126 -0.66 26.07 -9.69
N GLU E 127 -1.38 27.19 -9.67
CA GLU E 127 -0.74 28.46 -9.86
C GLU E 127 -1.51 29.62 -9.27
N GLU E 128 -0.77 30.54 -8.69
CA GLU E 128 -1.36 31.70 -8.08
C GLU E 128 -1.85 32.65 -9.17
N VAL E 129 -3.06 33.20 -9.01
CA VAL E 129 -3.67 33.99 -10.10
C VAL E 129 -4.52 35.15 -9.60
N SER E 130 -4.52 36.23 -10.37
CA SER E 130 -5.31 37.41 -10.02
C SER E 130 -6.01 37.96 -11.26
N PHE E 131 -7.13 38.63 -11.05
CA PHE E 131 -7.89 39.23 -12.13
C PHE E 131 -7.30 40.58 -12.54
N ALA E 132 -7.06 40.75 -13.83
CA ALA E 132 -6.63 42.06 -14.32
C ALA E 132 -7.85 42.94 -14.49
N LYS E 133 -8.75 42.54 -15.40
CA LYS E 133 -9.95 43.33 -15.71
C LYS E 133 -11.17 42.44 -15.90
N LEU E 134 -12.36 42.99 -15.67
CA LEU E 134 -13.59 42.30 -16.02
C LEU E 134 -14.14 42.90 -17.30
N LEU E 135 -14.24 42.09 -18.35
CA LEU E 135 -14.56 42.62 -19.67
C LEU E 135 -16.06 42.65 -19.97
N HIS E 136 -16.77 41.63 -19.54
CA HIS E 136 -18.22 41.56 -19.76
C HIS E 136 -18.90 40.77 -18.66
N LYS E 137 -20.22 40.86 -18.64
CA LYS E 137 -21.03 39.94 -17.87
C LYS E 137 -21.73 39.13 -18.94
N LEU E 138 -22.36 38.03 -18.57
CA LEU E 138 -23.13 37.27 -19.53
C LEU E 138 -24.46 36.90 -18.93
N ASP E 139 -25.54 37.09 -19.66
CA ASP E 139 -26.80 36.59 -19.15
C ASP E 139 -27.07 35.15 -19.52
N LYS E 140 -28.29 34.84 -19.92
CA LYS E 140 -28.64 33.43 -20.10
C LYS E 140 -28.06 32.84 -21.37
N THR E 141 -28.55 33.28 -22.51
CA THR E 141 -27.99 32.86 -23.79
C THR E 141 -26.58 33.45 -24.01
N ASN E 142 -25.72 33.29 -23.02
CA ASN E 142 -24.36 33.84 -23.05
C ASN E 142 -24.18 35.04 -23.96
N ARG E 143 -24.74 36.18 -23.55
CA ARG E 143 -24.64 37.40 -24.31
C ARG E 143 -23.55 38.25 -23.72
N LYS E 144 -22.91 39.09 -24.52
CA LYS E 144 -21.74 39.82 -24.07
C LYS E 144 -22.05 41.17 -23.44
N SER E 145 -22.58 41.17 -22.22
CA SER E 145 -22.96 42.41 -21.59
C SER E 145 -21.88 43.47 -21.70
N LYS E 146 -22.06 44.40 -22.64
CA LYS E 146 -21.16 45.52 -22.72
C LYS E 146 -21.60 46.59 -21.78
N LYS E 147 -20.80 46.67 -20.75
CA LYS E 147 -20.53 47.89 -20.21
C LYS E 147 -19.79 47.87 -18.92
N PRO E 148 -18.64 47.28 -18.77
CA PRO E 148 -18.31 45.92 -18.51
C PRO E 148 -18.41 45.88 -16.95
N PRO E 149 -18.63 44.70 -16.36
CA PRO E 149 -18.92 44.63 -14.92
C PRO E 149 -18.02 45.49 -14.07
N MET E 150 -18.54 46.00 -12.96
CA MET E 150 -17.77 46.81 -12.02
C MET E 150 -17.24 45.85 -10.97
N PHE E 151 -18.05 44.84 -10.69
CA PHE E 151 -17.72 43.81 -9.72
C PHE E 151 -18.54 42.59 -10.07
N ALA E 152 -18.11 41.42 -9.60
CA ALA E 152 -18.86 40.19 -9.85
C ALA E 152 -19.31 39.58 -8.53
N THR E 153 -20.22 38.60 -8.62
CA THR E 153 -20.86 38.07 -7.43
C THR E 153 -21.24 36.61 -7.63
N LYS E 154 -21.50 35.90 -6.53
CA LYS E 154 -21.87 34.49 -6.62
C LYS E 154 -22.84 34.18 -7.76
N GLY E 155 -22.61 33.04 -8.41
CA GLY E 155 -23.53 32.49 -9.42
C GLY E 155 -23.80 33.38 -10.62
N MET E 156 -22.76 34.07 -11.06
CA MET E 156 -22.91 35.05 -12.12
C MET E 156 -21.83 34.81 -13.15
N LYS E 157 -22.19 34.59 -14.41
CA LYS E 157 -21.17 34.43 -15.46
C LYS E 157 -20.52 35.77 -15.74
N ILE E 158 -19.29 35.74 -16.23
CA ILE E 158 -18.52 36.95 -16.43
C ILE E 158 -17.26 36.56 -17.17
N ILE E 159 -16.77 37.42 -18.06
CA ILE E 159 -15.58 37.11 -18.85
C ILE E 159 -14.48 38.15 -18.66
N ALA E 160 -13.35 37.71 -18.12
CA ALA E 160 -12.33 38.62 -17.62
C ALA E 160 -10.92 38.27 -18.12
N GLU E 161 -9.95 39.06 -17.68
CA GLU E 161 -8.56 38.85 -18.03
C GLU E 161 -7.75 38.49 -16.79
N LEU E 162 -7.01 37.38 -16.84
CA LEU E 162 -6.26 36.91 -15.69
C LEU E 162 -4.76 37.00 -15.93
N GLU E 163 -4.02 37.32 -14.88
CA GLU E 163 -2.56 37.37 -14.93
C GLU E 163 -1.95 36.44 -13.89
N THR E 164 -0.82 35.84 -14.25
CA THR E 164 -0.13 34.94 -13.36
C THR E 164 1.31 35.37 -13.11
N GLN E 165 1.79 35.08 -11.90
CA GLN E 165 3.13 35.46 -11.51
C GLN E 165 4.17 34.88 -12.47
N THR E 166 3.90 33.68 -12.99
CA THR E 166 4.80 33.01 -13.93
C THR E 166 4.01 32.35 -15.07
N PRO E 167 4.69 32.08 -16.20
CA PRO E 167 4.07 31.47 -17.36
C PRO E 167 3.54 30.09 -17.05
N VAL E 168 2.32 29.80 -17.45
CA VAL E 168 1.75 28.47 -17.29
C VAL E 168 1.12 27.97 -18.59
N CYS E 169 1.41 26.72 -18.94
CA CYS E 169 0.93 26.17 -20.20
C CYS E 169 -0.56 26.06 -20.17
N MET E 170 -1.19 26.43 -21.28
CA MET E 170 -2.62 26.26 -21.44
C MET E 170 -3.02 26.32 -22.91
N GLU E 171 -4.28 26.07 -23.17
CA GLU E 171 -4.81 26.12 -24.52
C GLU E 171 -6.22 26.65 -24.44
N ARG E 172 -6.71 27.24 -25.53
CA ARG E 172 -8.11 27.65 -25.57
C ARG E 172 -8.99 26.41 -25.40
N PHE E 173 -10.01 26.53 -24.57
CA PHE E 173 -10.89 25.41 -24.29
C PHE E 173 -11.45 24.87 -25.61
N GLU E 174 -11.59 25.77 -26.57
CA GLU E 174 -12.19 25.45 -27.85
C GLU E 174 -11.33 24.49 -28.68
N ASP E 175 -10.05 24.40 -28.32
CA ASP E 175 -9.10 23.58 -29.07
C ASP E 175 -8.84 22.28 -28.32
N TYR E 176 -8.52 22.41 -27.04
CA TYR E 176 -8.28 21.28 -26.18
C TYR E 176 -8.97 21.53 -24.85
N GLN E 177 -10.14 20.94 -24.66
CA GLN E 177 -10.91 21.22 -23.46
C GLN E 177 -10.09 21.01 -22.20
N TYR E 178 -9.40 19.89 -22.11
CA TYR E 178 -8.69 19.57 -20.87
C TYR E 178 -7.67 20.64 -20.49
N MET E 179 -7.03 21.23 -21.48
CA MET E 179 -6.04 22.27 -21.22
C MET E 179 -6.74 23.62 -21.00
N GLY E 180 -8.00 23.67 -21.41
CA GLY E 180 -8.79 24.89 -21.39
C GLY E 180 -9.60 25.10 -20.13
N ARG E 181 -9.98 24.02 -19.45
CA ARG E 181 -10.65 24.14 -18.16
C ARG E 181 -9.69 24.51 -17.05
N PHE E 182 -10.21 25.18 -16.04
CA PHE E 182 -9.51 25.38 -14.78
C PHE E 182 -10.56 25.68 -13.73
N THR E 183 -10.19 25.57 -12.46
CA THR E 183 -11.11 26.01 -11.42
C THR E 183 -10.36 26.94 -10.48
N LEU E 184 -11.05 27.96 -9.98
CA LEU E 184 -10.45 28.96 -9.10
C LEU E 184 -10.67 28.59 -7.65
N ARG E 185 -9.69 28.92 -6.82
CA ARG E 185 -9.79 28.53 -5.44
C ARG E 185 -9.24 29.56 -4.47
N ASP E 186 -10.13 30.12 -3.66
CA ASP E 186 -9.71 30.87 -2.49
C ASP E 186 -9.36 29.83 -1.44
N GLN E 187 -8.52 28.87 -1.89
CA GLN E 187 -8.42 27.48 -1.39
C GLN E 187 -8.89 27.24 0.05
N GLY E 188 -9.73 28.13 0.58
CA GLY E 188 -10.65 27.72 1.61
C GLY E 188 -11.62 26.80 0.89
N THR E 189 -12.02 27.20 -0.32
CA THR E 189 -12.97 26.46 -1.12
C THR E 189 -12.90 26.79 -2.62
N THR E 190 -13.73 26.10 -3.40
CA THR E 190 -13.90 26.37 -4.82
C THR E 190 -14.78 27.60 -5.01
N VAL E 191 -14.27 28.64 -5.67
CA VAL E 191 -15.07 29.85 -5.86
C VAL E 191 -15.57 30.03 -7.29
N ALA E 192 -14.80 29.56 -8.27
CA ALA E 192 -15.21 29.71 -9.65
C ALA E 192 -14.63 28.62 -10.53
N VAL E 193 -15.33 28.28 -11.62
CA VAL E 193 -14.75 27.44 -12.66
C VAL E 193 -14.66 28.32 -13.88
N GLY E 194 -14.08 27.81 -14.97
CA GLY E 194 -14.02 28.60 -16.20
C GLY E 194 -13.06 28.06 -17.24
N LYS E 195 -13.28 28.44 -18.49
CA LYS E 195 -12.43 27.96 -19.57
C LYS E 195 -11.75 29.13 -20.26
N VAL E 196 -10.52 28.92 -20.69
CA VAL E 196 -9.75 29.95 -21.38
C VAL E 196 -10.24 30.15 -22.80
N VAL E 197 -10.53 31.41 -23.14
CA VAL E 197 -11.05 31.71 -24.46
C VAL E 197 -10.01 32.37 -25.39
N LYS E 198 -9.07 33.13 -24.82
CA LYS E 198 -7.97 33.68 -25.60
C LYS E 198 -6.64 33.77 -24.84
N ILE E 199 -5.55 33.32 -25.47
CA ILE E 199 -4.22 33.45 -24.89
C ILE E 199 -3.64 34.77 -25.31
N LEU E 200 -3.03 35.50 -24.38
CA LEU E 200 -2.41 36.78 -24.74
C LEU E 200 -0.89 36.64 -24.83
N ASP E 201 -0.42 36.27 -26.02
CA ASP E 201 1.00 36.00 -26.30
C ASP E 201 1.72 35.20 -25.19
N ALA F 13 -7.68 50.54 15.75
CA ALA F 13 -8.44 51.64 15.10
C ALA F 13 -8.20 52.96 15.81
N GLU F 14 -9.05 53.26 16.79
CA GLU F 14 -8.90 54.46 17.60
C GLU F 14 -7.73 54.28 18.55
N LYS F 15 -6.62 53.81 17.97
CA LYS F 15 -5.41 53.46 18.70
C LYS F 15 -4.34 53.14 17.66
N ALA F 16 -4.77 52.47 16.59
CA ALA F 16 -3.89 52.11 15.48
C ALA F 16 -3.65 53.32 14.58
N ILE F 17 -4.32 54.43 14.88
CA ILE F 17 -4.11 55.66 14.15
C ILE F 17 -2.80 56.30 14.58
N GLU F 18 -2.35 55.93 15.79
CA GLU F 18 -1.08 56.39 16.34
C GLU F 18 0.05 55.47 15.91
N ILE F 19 -0.24 54.17 15.88
CA ILE F 19 0.75 53.18 15.47
C ILE F 19 1.18 53.38 14.02
N TRP F 20 0.33 54.04 13.24
CA TRP F 20 0.64 54.35 11.84
C TRP F 20 1.76 55.37 11.71
N LYS F 21 1.66 56.45 12.49
CA LYS F 21 2.65 57.53 12.44
C LYS F 21 4.00 57.11 13.04
N ILE F 22 3.98 56.08 13.88
CA ILE F 22 5.21 55.57 14.48
C ILE F 22 6.02 54.75 13.47
N ARG F 23 5.33 54.07 12.56
CA ARG F 23 5.99 53.37 11.47
C ARG F 23 6.49 54.39 10.46
N ARG F 24 5.75 55.49 10.31
CA ARG F 24 6.10 56.56 9.40
C ARG F 24 7.26 57.39 9.92
N LEU F 25 7.55 57.26 11.22
CA LEU F 25 8.62 58.03 11.84
C LEU F 25 9.98 57.44 11.50
N VAL F 26 10.02 56.12 11.30
CA VAL F 26 11.26 55.44 10.94
C VAL F 26 11.46 55.41 9.42
N LYS F 27 10.84 54.43 8.77
CA LYS F 27 11.04 54.20 7.34
C LYS F 27 9.73 54.08 6.60
N THR F 41 20.17 60.44 19.64
CA THR F 41 18.80 60.32 20.15
C THR F 41 18.77 60.19 21.66
N LEU F 42 17.67 60.64 22.28
CA LEU F 42 17.50 60.57 23.72
C LEU F 42 16.15 59.96 24.07
N ILE F 43 16.15 58.98 24.96
CA ILE F 43 14.93 58.32 25.39
C ILE F 43 14.88 58.15 26.91
N ILE F 44 13.80 58.63 27.53
CA ILE F 44 13.63 58.51 28.97
C ILE F 44 12.51 57.51 29.30
N PRO F 45 12.85 56.41 29.99
CA PRO F 45 11.90 55.35 30.28
C PRO F 45 11.06 55.65 31.53
N TYR F 53 19.01 63.56 34.12
CA TYR F 53 18.34 64.13 32.95
C TYR F 53 18.53 65.63 32.92
N SER F 54 18.71 66.21 34.10
CA SER F 54 18.85 67.66 34.22
C SER F 54 20.30 68.08 33.93
N ASN F 55 20.98 68.59 34.95
CA ASN F 55 22.36 69.06 34.84
C ASN F 55 23.33 67.95 34.47
N MET F 56 23.52 67.72 33.17
CA MET F 56 24.24 66.55 32.69
C MET F 56 25.24 66.83 31.54
N LEU F 57 24.79 67.54 30.52
CA LEU F 57 25.66 67.88 29.38
C LEU F 57 26.75 68.88 29.79
N ALA F 58 27.73 68.41 30.56
CA ALA F 58 28.77 69.29 31.10
C ALA F 58 29.97 69.46 30.18
N GLU F 59 30.40 68.36 29.57
CA GLU F 59 31.53 68.38 28.63
C GLU F 59 31.26 67.49 27.43
N GLU F 60 30.56 68.03 26.44
CA GLU F 60 30.18 67.27 25.27
C GLU F 60 30.86 67.80 24.01
N SER F 82 23.58 70.29 24.12
CA SER F 82 23.33 70.41 22.68
C SER F 82 21.84 70.24 22.39
N THR F 83 21.10 69.74 23.38
CA THR F 83 19.64 69.65 23.32
C THR F 83 19.08 70.32 24.57
N ARG F 84 19.79 71.35 25.03
CA ARG F 84 19.58 71.97 26.34
C ARG F 84 18.17 72.49 26.60
N GLU F 85 17.87 73.70 26.14
CA GLU F 85 16.57 74.32 26.41
C GLU F 85 15.43 73.58 25.71
N ARG F 86 15.79 72.55 24.95
CA ARG F 86 14.78 71.68 24.36
C ARG F 86 14.09 70.90 25.46
N LEU F 87 14.87 70.46 26.45
CA LEU F 87 14.32 69.71 27.58
C LEU F 87 13.86 70.65 28.69
N GLY F 97 6.59 58.64 28.83
CA GLY F 97 7.98 58.74 28.40
C GLY F 97 8.23 59.99 27.58
N LEU F 98 9.39 60.05 26.94
CA LEU F 98 9.76 61.19 26.09
C LEU F 98 10.91 60.82 25.15
N VAL F 99 10.62 60.80 23.84
CA VAL F 99 11.61 60.45 22.83
C VAL F 99 11.97 61.66 21.98
N ILE F 100 13.26 61.96 21.86
CA ILE F 100 13.71 63.09 21.04
C ILE F 100 14.47 62.65 19.79
N ASP F 118 10.00 65.41 19.84
CA ASP F 118 9.75 64.81 21.14
C ASP F 118 8.25 64.61 21.39
N PHE F 119 7.90 63.48 22.02
CA PHE F 119 6.51 63.19 22.33
C PHE F 119 6.38 62.29 23.56
N THR F 138 15.37 53.16 15.23
CA THR F 138 15.97 51.91 15.67
C THR F 138 14.95 51.04 16.39
N GLU F 139 15.44 49.99 17.05
CA GLU F 139 14.56 49.04 17.74
C GLU F 139 13.80 49.66 18.91
N ALA F 140 14.41 50.66 19.55
CA ALA F 140 13.81 51.30 20.72
C ALA F 140 12.30 51.52 20.54
N LEU F 141 11.90 51.95 19.35
CA LEU F 141 10.49 52.18 19.05
C LEU F 141 9.89 51.03 18.24
N ALA F 142 10.75 50.34 17.50
CA ALA F 142 10.30 49.29 16.58
C ALA F 142 9.80 48.04 17.31
N GLU F 143 10.30 47.79 18.52
CA GLU F 143 9.90 46.60 19.25
C GLU F 143 8.54 46.76 19.91
N LEU F 144 7.99 47.97 19.87
CA LEU F 144 6.65 48.22 20.40
C LEU F 144 5.58 47.76 19.40
N LEU F 145 5.87 47.92 18.11
CA LEU F 145 4.90 47.64 17.05
C LEU F 145 4.70 46.14 16.83
N ASN F 282 -4.06 36.86 12.75
CA ASN F 282 -4.06 38.06 11.87
C ASN F 282 -4.71 39.25 12.57
N VAL F 283 -4.40 39.40 13.86
CA VAL F 283 -4.98 40.47 14.68
C VAL F 283 -5.18 41.77 13.92
N LYS F 284 -4.15 42.22 13.21
CA LYS F 284 -4.20 43.51 12.50
C LYS F 284 -4.82 43.41 11.10
N TYR F 285 -4.75 42.23 10.49
CA TYR F 285 -5.31 42.04 9.16
C TYR F 285 -6.80 41.72 9.20
N VAL F 286 -7.25 41.06 10.26
CA VAL F 286 -8.64 40.67 10.37
C VAL F 286 -9.58 41.89 10.31
N GLN F 287 -9.17 42.98 10.96
CA GLN F 287 -9.96 44.20 10.90
C GLN F 287 -9.83 44.88 9.54
N GLU F 288 -8.60 44.95 9.05
CA GLU F 288 -8.34 45.46 7.72
C GLU F 288 -9.33 44.89 6.71
N LYS F 289 -9.41 43.56 6.67
CA LYS F 289 -10.38 42.87 5.83
C LYS F 289 -11.79 43.23 6.25
N LYS F 290 -12.12 42.93 7.50
CA LYS F 290 -13.46 43.15 8.01
C LYS F 290 -14.02 44.49 7.57
N LEU F 291 -13.22 45.54 7.71
CA LEU F 291 -13.66 46.89 7.39
C LEU F 291 -13.86 47.10 5.89
N ILE F 292 -12.95 46.56 5.09
CA ILE F 292 -13.07 46.67 3.64
C ILE F 292 -14.29 45.93 3.12
N GLN F 293 -14.71 44.89 3.84
CA GLN F 293 -15.94 44.16 3.50
C GLN F 293 -17.16 45.05 3.71
N ARG F 294 -17.13 45.83 4.78
CA ARG F 294 -18.13 46.84 5.05
C ARG F 294 -18.24 47.77 3.85
N PHE F 295 -17.09 48.18 3.31
CA PHE F 295 -17.02 49.02 2.12
C PHE F 295 -17.54 48.26 0.92
N PHE F 296 -17.14 46.99 0.83
CA PHE F 296 -17.54 46.17 -0.30
C PHE F 296 -19.05 45.99 -0.38
N ASP F 297 -19.71 45.82 0.75
CA ASP F 297 -21.17 45.64 0.78
C ASP F 297 -21.86 46.83 0.13
N GLU F 298 -21.23 47.99 0.20
CA GLU F 298 -21.81 49.19 -0.37
C GLU F 298 -21.55 49.26 -1.88
N ILE F 299 -21.02 48.16 -2.42
CA ILE F 299 -20.94 48.00 -3.87
C ILE F 299 -21.77 46.78 -4.21
N SER F 300 -21.77 45.80 -3.32
CA SER F 300 -22.53 44.56 -3.51
C SER F 300 -24.02 44.82 -3.49
N LEU F 301 -24.45 45.63 -2.53
CA LEU F 301 -25.87 45.96 -2.40
C LEU F 301 -26.22 47.12 -3.32
N ASP F 302 -25.20 47.89 -3.69
CA ASP F 302 -25.41 49.08 -4.51
C ASP F 302 -26.34 50.06 -3.83
N SER F 303 -25.83 50.73 -2.79
CA SER F 303 -26.65 51.69 -2.06
C SER F 303 -26.38 53.11 -2.53
N GLY F 304 -25.11 53.41 -2.79
CA GLY F 304 -24.72 54.74 -3.21
C GLY F 304 -23.88 55.43 -2.17
N LYS F 305 -23.27 54.66 -1.29
CA LYS F 305 -22.35 55.18 -0.29
C LYS F 305 -20.91 54.71 -0.61
N TYR F 306 -20.08 55.53 -1.28
CA TYR F 306 -18.73 55.11 -1.75
C TYR F 306 -18.60 55.55 -3.21
N CYS F 307 -17.43 55.54 -3.88
CA CYS F 307 -16.18 56.22 -3.62
C CYS F 307 -15.18 55.66 -2.63
N PHE F 308 -14.03 55.12 -3.09
CA PHE F 308 -13.62 54.84 -4.50
C PHE F 308 -13.48 55.99 -5.48
N GLY F 309 -12.24 56.46 -5.45
CA GLY F 309 -11.71 57.55 -6.17
C GLY F 309 -10.93 58.51 -5.31
N VAL F 310 -9.76 58.92 -5.80
CA VAL F 310 -9.02 60.05 -5.25
C VAL F 310 -9.83 61.34 -5.34
N VAL F 311 -10.21 61.69 -6.56
CA VAL F 311 -10.95 62.91 -6.81
C VAL F 311 -12.28 62.91 -6.08
N ASP F 312 -13.01 61.80 -6.18
CA ASP F 312 -14.36 61.70 -5.61
C ASP F 312 -14.33 61.62 -4.09
N THR F 313 -13.39 60.87 -3.54
CA THR F 313 -13.31 60.68 -2.10
C THR F 313 -13.01 62.01 -1.41
N MET F 314 -12.13 62.80 -2.01
CA MET F 314 -11.78 64.10 -1.45
C MET F 314 -12.98 65.05 -1.53
N ASN F 315 -13.74 64.92 -2.60
CA ASN F 315 -14.98 65.67 -2.74
C ASN F 315 -16.00 65.23 -1.69
N ALA F 316 -16.09 63.93 -1.47
CA ALA F 316 -17.01 63.39 -0.48
C ALA F 316 -16.69 63.92 0.90
N LEU F 317 -15.40 63.94 1.24
CA LEU F 317 -14.93 64.42 2.52
C LEU F 317 -15.12 65.92 2.58
N GLN F 318 -14.77 66.58 1.47
CA GLN F 318 -15.00 67.99 1.28
C GLN F 318 -16.47 68.34 1.55
N GLU F 319 -17.36 67.85 0.70
CA GLU F 319 -18.81 68.04 0.89
C GLU F 319 -19.32 67.21 2.05
N GLY F 320 -20.48 67.58 2.57
CA GLY F 320 -21.10 66.87 3.69
C GLY F 320 -20.11 66.11 4.56
N ALA F 321 -20.25 64.79 4.60
CA ALA F 321 -19.34 63.95 5.38
C ALA F 321 -19.28 62.51 4.87
N VAL F 322 -18.13 61.87 5.07
CA VAL F 322 -17.99 60.43 4.88
C VAL F 322 -17.91 59.80 6.26
N GLU F 323 -18.43 58.59 6.40
CA GLU F 323 -18.50 57.96 7.71
C GLU F 323 -17.22 57.28 8.13
N THR F 324 -16.71 56.40 7.27
CA THR F 324 -15.43 55.74 7.52
C THR F 324 -14.54 55.85 6.29
N LEU F 325 -13.34 56.38 6.45
CA LEU F 325 -12.44 56.63 5.34
C LEU F 325 -11.45 55.48 5.21
N LEU F 326 -11.18 55.04 3.98
CA LEU F 326 -10.24 53.94 3.74
C LEU F 326 -9.01 54.40 2.95
N CYS F 327 -7.83 54.13 3.51
CA CYS F 327 -6.59 54.56 2.88
C CYS F 327 -5.45 53.54 2.94
N PHE F 328 -4.84 53.28 1.78
CA PHE F 328 -3.70 52.39 1.65
C PHE F 328 -2.47 53.02 2.27
N ALA F 329 -1.91 52.37 3.28
CA ALA F 329 -0.75 52.90 4.01
C ALA F 329 0.26 53.61 3.10
N ASP F 330 0.74 52.89 2.08
CA ASP F 330 1.71 53.45 1.15
C ASP F 330 1.04 54.08 -0.07
N LEU F 331 0.07 54.96 0.18
CA LEU F 331 -0.71 55.54 -0.91
C LEU F 331 0.14 56.46 -1.78
N ASP F 332 0.31 56.07 -3.04
CA ASP F 332 1.06 56.86 -4.00
C ASP F 332 0.26 58.11 -4.40
N MET F 333 0.25 59.10 -3.51
CA MET F 333 -0.52 60.33 -3.74
C MET F 333 0.08 61.51 -2.98
N ILE F 334 0.55 62.51 -3.72
CA ILE F 334 1.01 63.74 -3.12
C ILE F 334 -0.02 64.84 -3.30
N ARG F 335 -0.04 65.79 -2.37
CA ARG F 335 -1.06 66.82 -2.34
C ARG F 335 -0.44 68.20 -2.49
N TYR F 336 -0.72 68.85 -3.63
CA TYR F 336 -0.21 70.19 -3.89
C TYR F 336 -1.33 71.22 -3.96
N ILE F 347 -5.95 72.96 -5.10
CA ILE F 347 -5.43 71.65 -4.71
C ILE F 347 -5.47 70.68 -5.88
N THR F 348 -4.33 70.39 -6.48
CA THR F 348 -4.24 69.38 -7.52
C THR F 348 -3.40 68.19 -7.06
N TYR F 349 -3.94 66.99 -7.25
CA TYR F 349 -3.29 65.76 -6.79
C TYR F 349 -2.49 65.09 -7.91
N MET F 350 -1.39 64.45 -7.55
CA MET F 350 -0.57 63.71 -8.50
C MET F 350 0.17 62.54 -7.85
N THR F 351 0.59 61.60 -8.69
CA THR F 351 1.28 60.40 -8.21
C THR F 351 2.75 60.46 -8.58
N LYS F 352 3.20 59.46 -9.33
CA LYS F 352 4.54 59.46 -9.91
C LYS F 352 4.50 59.80 -11.40
N GLU F 353 3.60 60.70 -11.76
CA GLU F 353 3.47 61.20 -13.13
C GLU F 353 3.99 62.63 -13.16
N GLN F 354 5.07 62.88 -12.42
CA GLN F 354 5.51 64.23 -12.10
C GLN F 354 6.90 64.56 -12.63
N GLU F 355 7.66 63.54 -13.02
CA GLU F 355 8.99 63.75 -13.57
C GLU F 355 8.91 64.12 -15.06
N GLU F 356 7.74 63.85 -15.64
CA GLU F 356 7.50 64.11 -17.06
C GLU F 356 6.82 65.46 -17.27
N LYS F 357 5.64 65.62 -16.67
CA LYS F 357 4.81 66.81 -16.87
C LYS F 357 5.33 68.03 -16.10
N ASP F 358 5.01 69.21 -16.60
CA ASP F 358 5.35 70.45 -15.92
C ASP F 358 4.08 71.19 -15.49
N SER F 359 3.86 71.25 -14.18
CA SER F 359 2.65 71.86 -13.65
C SER F 359 2.96 72.72 -12.42
N SER F 377 1.46 72.81 1.98
CA SER F 377 1.77 73.27 0.62
C SER F 377 2.14 72.08 -0.28
N SER F 378 3.06 71.23 0.20
CA SER F 378 3.52 70.07 -0.55
C SER F 378 3.59 68.83 0.34
N MET F 379 2.49 68.09 0.42
CA MET F 379 2.41 66.99 1.36
C MET F 379 1.94 65.68 0.72
N LEU F 380 2.14 64.57 1.43
CA LEU F 380 1.59 63.28 1.00
C LEU F 380 0.13 63.20 1.41
N LEU F 381 -0.74 62.91 0.46
CA LEU F 381 -2.16 62.81 0.75
C LEU F 381 -2.35 61.88 1.95
N SER F 382 -1.61 60.78 1.94
CA SER F 382 -1.63 59.83 3.03
C SER F 382 -1.47 60.51 4.39
N GLU F 383 -0.59 61.51 4.42
CA GLU F 383 -0.22 62.19 5.66
C GLU F 383 -1.19 63.31 6.05
N TRP F 384 -1.70 64.01 5.05
CA TRP F 384 -2.62 65.11 5.28
C TRP F 384 -3.92 64.62 5.90
N LEU F 385 -4.37 63.45 5.46
CA LEU F 385 -5.60 62.88 5.99
C LEU F 385 -5.47 62.55 7.47
N ALA F 386 -4.32 62.02 7.86
CA ALA F 386 -4.07 61.69 9.26
C ALA F 386 -4.07 62.94 10.12
N GLU F 387 -3.79 64.08 9.50
CA GLU F 387 -3.63 65.35 10.21
C GLU F 387 -4.86 66.26 10.10
N HIS F 388 -5.85 65.84 9.31
CA HIS F 388 -7.03 66.66 9.08
C HIS F 388 -8.33 65.85 9.08
N TYR F 389 -8.22 64.54 9.15
CA TYR F 389 -9.39 63.67 9.03
C TYR F 389 -10.43 63.95 10.10
N LYS F 390 -9.99 64.21 11.32
CA LYS F 390 -10.91 64.47 12.43
C LYS F 390 -11.91 65.58 12.07
N ASP F 391 -11.42 66.61 11.40
CA ASP F 391 -12.22 67.81 11.12
C ASP F 391 -13.21 67.62 9.98
N TYR F 392 -13.77 66.42 9.83
CA TYR F 392 -14.68 66.16 8.74
C TYR F 392 -15.73 65.08 9.06
N GLY F 393 -15.71 64.57 10.27
CA GLY F 393 -16.63 63.50 10.67
C GLY F 393 -15.95 62.17 10.84
N ALA F 394 -15.28 61.69 9.78
CA ALA F 394 -14.44 60.50 9.85
C ALA F 394 -13.44 60.68 10.99
N ASN F 395 -12.94 59.60 11.59
CA ASN F 395 -13.21 58.21 11.19
C ASN F 395 -12.34 57.72 10.03
N LEU F 396 -11.05 57.56 10.33
CA LEU F 396 -10.06 57.12 9.36
C LEU F 396 -9.49 55.76 9.73
N GLU F 397 -9.12 54.99 8.71
CA GLU F 397 -8.56 53.65 8.90
C GLU F 397 -7.55 53.37 7.79
N PHE F 398 -6.31 53.08 8.17
CA PHE F 398 -5.30 52.74 7.18
C PHE F 398 -5.30 51.25 6.91
N VAL F 399 -5.09 50.87 5.66
CA VAL F 399 -5.10 49.46 5.29
C VAL F 399 -3.93 49.12 4.38
N SER F 400 -3.38 47.94 4.59
CA SER F 400 -2.28 47.43 3.78
C SER F 400 -2.82 46.49 2.72
N ASP F 401 -2.00 46.17 1.73
CA ASP F 401 -2.42 45.23 0.71
C ASP F 401 -1.82 43.84 0.97
N ARG F 402 -1.78 43.46 2.25
CA ARG F 402 -1.40 42.10 2.61
C ARG F 402 -2.60 41.19 2.43
N SER F 403 -3.73 41.62 2.97
CA SER F 403 -4.99 40.88 2.87
C SER F 403 -5.51 40.86 1.44
N GLN F 404 -6.32 39.86 1.12
CA GLN F 404 -6.88 39.78 -0.22
C GLN F 404 -7.78 40.98 -0.48
N GLU F 405 -8.59 41.33 0.52
CA GLU F 405 -9.43 42.53 0.41
C GLU F 405 -8.56 43.72 0.07
N GLY F 406 -7.52 43.93 0.88
CA GLY F 406 -6.60 45.03 0.65
C GLY F 406 -6.19 45.09 -0.80
N MET F 407 -5.66 43.99 -1.32
CA MET F 407 -5.19 43.96 -2.70
C MET F 407 -6.27 44.47 -3.65
N GLN F 408 -7.51 44.05 -3.45
CA GLN F 408 -8.61 44.53 -4.27
C GLN F 408 -8.77 46.03 -4.07
N PHE F 409 -8.90 46.45 -2.82
CA PHE F 409 -9.14 47.85 -2.52
C PHE F 409 -8.09 48.74 -3.15
N VAL F 410 -6.90 48.17 -3.36
CA VAL F 410 -5.79 48.92 -3.94
C VAL F 410 -5.78 48.85 -5.47
N LYS F 411 -5.64 47.64 -5.99
CA LYS F 411 -5.49 47.44 -7.42
C LYS F 411 -6.82 47.65 -8.14
N GLY F 412 -7.89 47.81 -7.38
CA GLY F 412 -9.23 47.87 -7.95
C GLY F 412 -9.93 49.21 -7.82
N PHE F 413 -9.58 49.97 -6.79
CA PHE F 413 -10.19 51.29 -6.60
C PHE F 413 -9.16 52.36 -6.29
N GLY F 414 -7.99 52.25 -6.89
CA GLY F 414 -6.92 53.24 -6.69
C GLY F 414 -6.42 53.33 -5.26
N GLY F 415 -7.01 52.53 -4.37
CA GLY F 415 -6.55 52.45 -2.98
C GLY F 415 -6.98 53.61 -2.09
N ILE F 416 -8.10 54.22 -2.41
CA ILE F 416 -8.65 55.27 -1.57
C ILE F 416 -10.15 55.50 -1.79
N GLY F 417 -10.92 55.33 -0.71
CA GLY F 417 -12.35 55.51 -0.75
C GLY F 417 -12.95 55.63 0.63
N ALA F 418 -14.28 55.65 0.70
CA ALA F 418 -14.98 55.81 1.96
C ALA F 418 -16.40 55.26 1.86
N VAL F 419 -16.94 54.84 3.00
CA VAL F 419 -18.35 54.47 3.05
C VAL F 419 -19.12 55.66 3.61
N MET F 420 -19.83 56.37 2.73
CA MET F 420 -20.58 57.56 3.14
C MET F 420 -21.77 57.20 4.04
N ARG F 421 -22.37 58.18 4.69
CA ARG F 421 -23.62 57.95 5.46
C ARG F 421 -24.82 58.39 4.67
N TYR F 422 -24.64 58.63 3.38
CA TYR F 422 -25.76 58.97 2.53
C TYR F 422 -25.35 59.37 1.13
N GLN F 423 -26.17 59.00 0.17
CA GLN F 423 -25.87 59.24 -1.23
C GLN F 423 -25.49 60.71 -1.48
N LEU F 424 -24.84 60.96 -2.61
CA LEU F 424 -24.49 62.32 -3.01
C LEU F 424 -23.90 62.36 -4.42
N ASP F 425 -24.71 62.72 -5.40
CA ASP F 425 -24.23 62.78 -6.77
C ASP F 425 -22.81 63.34 -6.71
N LEU F 426 -21.85 62.77 -7.42
CA LEU F 426 -20.57 63.41 -7.44
C LEU F 426 -20.47 64.48 -8.51
N SER F 427 -20.11 65.70 -8.07
CA SER F 427 -19.96 66.87 -8.94
C SER F 427 -18.61 67.54 -8.73
N MET F 428 -18.28 68.47 -9.62
CA MET F 428 -16.91 68.95 -9.79
C MET F 428 -15.91 67.81 -9.89
N LEU F 429 -15.62 67.40 -11.12
CA LEU F 429 -16.36 67.89 -12.28
C LEU F 429 -15.76 67.32 -13.56
N ASP F 430 -16.56 66.54 -14.29
CA ASP F 430 -16.14 66.01 -15.58
C ASP F 430 -17.08 64.97 -16.14
N PRO F 431 -17.18 64.95 -17.48
CA PRO F 431 -18.17 64.21 -18.25
C PRO F 431 -18.94 63.25 -17.36
N GLU F 432 -20.27 63.38 -17.34
CA GLU F 432 -21.00 64.40 -18.10
C GLU F 432 -20.25 65.72 -18.27
N SER F 433 -20.39 66.34 -19.44
CA SER F 433 -19.74 67.63 -19.70
C SER F 433 -20.75 68.77 -19.70
N ASP F 434 -21.14 69.23 -20.88
CA ASP F 434 -20.66 68.68 -22.14
C ASP F 434 -19.83 69.73 -22.88
N GLU F 435 -20.14 71.00 -22.64
CA GLU F 435 -19.45 72.11 -23.31
C GLU F 435 -19.55 71.98 -24.82
N ALA G 6 -25.63 23.18 -19.78
CA ALA G 6 -24.73 22.45 -18.82
C ALA G 6 -25.40 21.20 -18.22
N PRO G 7 -25.02 20.01 -18.73
CA PRO G 7 -25.52 18.74 -18.26
C PRO G 7 -24.49 18.08 -17.35
N PHE G 8 -24.90 17.14 -16.51
CA PHE G 8 -23.95 16.46 -15.62
C PHE G 8 -23.50 15.13 -16.22
N ILE G 9 -22.18 14.91 -16.27
CA ILE G 9 -21.59 13.68 -16.82
C ILE G 9 -20.36 13.24 -16.03
N MET G 10 -20.45 12.05 -15.43
CA MET G 10 -19.34 11.49 -14.65
C MET G 10 -19.24 9.99 -14.88
N PRO G 11 -18.39 9.57 -15.81
CA PRO G 11 -18.31 8.14 -16.10
C PRO G 11 -17.83 7.33 -14.90
N ILE G 12 -18.54 6.26 -14.55
CA ILE G 12 -18.24 5.48 -13.37
C ILE G 12 -16.95 4.69 -13.51
N ALA G 13 -15.93 5.07 -12.75
CA ALA G 13 -14.62 4.43 -12.82
C ALA G 13 -14.57 3.17 -11.98
N SER G 14 -15.18 3.24 -10.80
CA SER G 14 -15.21 2.11 -9.86
C SER G 14 -16.51 2.12 -9.09
N LYS G 15 -16.92 0.94 -8.64
CA LYS G 15 -18.11 0.80 -7.81
C LYS G 15 -17.82 -0.24 -6.77
N TYR G 16 -18.20 0.02 -5.52
CA TYR G 16 -18.06 -1.00 -4.49
C TYR G 16 -19.03 -0.81 -3.33
N LYS G 17 -19.40 -1.93 -2.72
CA LYS G 17 -20.33 -1.95 -1.60
C LYS G 17 -19.60 -2.01 -0.28
N ASP G 18 -20.32 -1.65 0.78
CA ASP G 18 -19.76 -1.62 2.12
C ASP G 18 -20.62 -0.67 2.95
N LEU G 19 -21.75 -1.16 3.41
CA LEU G 19 -22.69 -0.28 4.09
C LEU G 19 -22.98 0.92 3.19
N GLY G 20 -23.64 0.66 2.08
CA GLY G 20 -23.92 1.68 1.08
C GLY G 20 -23.12 1.41 -0.18
N THR G 21 -23.56 1.94 -1.31
CA THR G 21 -22.82 1.78 -2.56
C THR G 21 -22.00 3.03 -2.85
N ILE G 22 -20.73 2.82 -3.19
CA ILE G 22 -19.87 3.94 -3.56
C ILE G 22 -19.48 3.88 -5.03
N LEU G 23 -20.00 4.81 -5.81
CA LEU G 23 -19.57 4.97 -7.19
C LEU G 23 -18.50 6.03 -7.16
N GLU G 24 -17.38 5.76 -7.81
CA GLU G 24 -16.32 6.75 -7.84
C GLU G 24 -15.96 7.05 -9.28
N GLY G 25 -15.85 8.34 -9.60
CA GLY G 25 -15.46 8.77 -10.93
C GLY G 25 -14.76 10.12 -10.94
N LYS G 26 -14.78 10.76 -12.09
CA LYS G 26 -14.25 12.11 -12.25
C LYS G 26 -15.19 12.90 -13.15
N ILE G 27 -15.72 13.99 -12.61
CA ILE G 27 -16.72 14.76 -13.32
C ILE G 27 -16.16 15.38 -14.60
N GLU G 28 -16.70 14.97 -15.74
CA GLU G 28 -16.22 15.51 -17.00
C GLU G 28 -17.15 16.62 -17.48
N ALA G 29 -18.16 16.92 -16.69
CA ALA G 29 -19.12 17.94 -17.09
C ALA G 29 -20.20 18.20 -16.06
N GLY G 30 -20.50 19.48 -15.88
CA GLY G 30 -21.58 19.88 -14.99
C GLY G 30 -21.15 19.84 -13.55
N SER G 31 -22.12 19.64 -12.66
CA SER G 31 -21.83 19.53 -11.25
C SER G 31 -22.90 18.69 -10.56
N ILE G 32 -22.62 18.29 -9.33
CA ILE G 32 -23.54 17.44 -8.61
C ILE G 32 -23.63 17.94 -7.17
N LYS G 33 -24.84 17.99 -6.63
CA LYS G 33 -25.03 18.43 -5.25
C LYS G 33 -25.51 17.31 -4.36
N LYS G 34 -25.15 17.37 -3.10
CA LYS G 34 -25.65 16.40 -2.13
C LYS G 34 -27.16 16.32 -2.21
N ASN G 35 -27.68 15.10 -2.15
CA ASN G 35 -29.12 14.85 -2.23
C ASN G 35 -29.76 15.25 -3.55
N SER G 36 -29.03 15.05 -4.64
CA SER G 36 -29.62 15.22 -5.97
C SER G 36 -29.96 13.86 -6.52
N ASN G 37 -30.65 13.84 -7.65
CA ASN G 37 -30.90 12.60 -8.35
C ASN G 37 -30.07 12.53 -9.61
N VAL G 38 -29.57 11.35 -9.90
CA VAL G 38 -28.77 11.15 -11.09
C VAL G 38 -29.29 9.95 -11.89
N LEU G 39 -29.10 10.00 -13.20
CA LEU G 39 -29.51 8.90 -14.03
C LEU G 39 -28.30 8.05 -14.37
N VAL G 40 -28.44 6.73 -14.28
CA VAL G 40 -27.36 5.84 -14.68
C VAL G 40 -27.61 5.36 -16.10
N MET G 41 -26.80 5.85 -17.03
CA MET G 41 -26.91 5.47 -18.43
C MET G 41 -25.90 4.40 -18.76
N PRO G 42 -26.22 3.54 -19.72
CA PRO G 42 -27.43 3.65 -20.52
C PRO G 42 -28.62 2.86 -19.98
N ILE G 43 -28.46 2.23 -18.82
CA ILE G 43 -29.53 1.41 -18.26
C ILE G 43 -30.75 2.23 -17.85
N ASN G 44 -30.61 3.55 -17.84
CA ASN G 44 -31.69 4.46 -17.48
C ASN G 44 -32.20 4.27 -16.04
N GLN G 45 -31.32 3.81 -15.16
CA GLN G 45 -31.65 3.66 -13.75
C GLN G 45 -31.47 4.99 -13.00
N THR G 46 -32.33 5.25 -12.02
CA THR G 46 -32.20 6.47 -11.23
C THR G 46 -31.67 6.16 -9.83
N LEU G 47 -30.76 6.99 -9.34
CA LEU G 47 -30.23 6.86 -7.99
C LEU G 47 -30.24 8.20 -7.28
N GLU G 48 -30.11 8.13 -5.96
CA GLU G 48 -30.01 9.35 -5.16
C GLU G 48 -28.59 9.50 -4.62
N VAL G 49 -28.04 10.70 -4.78
CA VAL G 49 -26.72 10.99 -4.27
C VAL G 49 -26.91 11.50 -2.86
N THR G 50 -26.37 10.78 -1.90
CA THR G 50 -26.56 11.16 -0.51
C THR G 50 -25.29 11.72 0.09
N ALA G 51 -24.22 11.77 -0.71
CA ALA G 51 -22.97 12.27 -0.19
C ALA G 51 -21.90 12.31 -1.25
N ILE G 52 -21.11 13.39 -1.27
CA ILE G 52 -19.93 13.47 -2.12
C ILE G 52 -18.71 13.60 -1.23
N TYR G 53 -17.63 12.88 -1.55
CA TYR G 53 -16.40 12.98 -0.79
C TYR G 53 -15.20 13.33 -1.67
N ASP G 54 -14.47 14.37 -1.29
CA ASP G 54 -13.29 14.78 -2.04
C ASP G 54 -12.15 13.80 -1.79
N GLU G 55 -11.04 14.00 -2.47
CA GLU G 55 -9.91 13.08 -2.34
C GLU G 55 -9.32 13.11 -0.94
N ALA G 56 -9.71 14.08 -0.14
CA ALA G 56 -9.23 14.15 1.23
C ALA G 56 -10.04 13.21 2.11
N ASP G 57 -11.06 12.60 1.53
CA ASP G 57 -11.98 11.75 2.28
C ASP G 57 -12.90 12.64 3.09
N GLU G 58 -12.86 13.93 2.81
CA GLU G 58 -13.72 14.88 3.50
C GLU G 58 -15.01 15.08 2.73
N GLU G 59 -16.14 15.12 3.43
CA GLU G 59 -17.42 15.33 2.77
C GLU G 59 -17.54 16.74 2.22
N ILE G 60 -18.16 16.88 1.06
CA ILE G 60 -18.42 18.21 0.50
C ILE G 60 -19.86 18.36 0.00
N SER G 61 -20.35 19.60 0.00
CA SER G 61 -21.74 19.92 -0.35
C SER G 61 -22.04 19.70 -1.83
N SER G 62 -21.01 19.81 -2.66
CA SER G 62 -21.17 19.69 -4.10
C SER G 62 -19.80 19.60 -4.79
N SER G 63 -19.77 18.96 -5.95
CA SER G 63 -18.55 18.95 -6.75
C SER G 63 -18.82 19.42 -8.16
N ILE G 64 -18.12 20.48 -8.55
CA ILE G 64 -18.12 20.94 -9.93
C ILE G 64 -17.39 19.89 -10.71
N CYS G 65 -17.18 20.16 -11.99
CA CYS G 65 -16.51 19.19 -12.83
C CYS G 65 -15.01 19.37 -12.74
N GLY G 66 -14.27 18.42 -13.30
CA GLY G 66 -12.83 18.39 -13.13
C GLY G 66 -12.51 17.75 -11.80
N ASP G 67 -13.48 17.76 -10.91
CA ASP G 67 -13.33 17.18 -9.58
C ASP G 67 -13.30 15.67 -9.62
N GLN G 68 -12.46 15.06 -8.78
CA GLN G 68 -12.42 13.62 -8.64
C GLN G 68 -13.20 13.24 -7.39
N VAL G 69 -14.32 12.54 -7.55
CA VAL G 69 -15.20 12.32 -6.41
C VAL G 69 -15.60 10.87 -6.20
N ARG G 70 -15.87 10.54 -4.94
CA ARG G 70 -16.54 9.30 -4.56
C ARG G 70 -17.97 9.64 -4.13
N LEU G 71 -18.95 9.05 -4.81
CA LEU G 71 -20.35 9.32 -4.49
C LEU G 71 -20.99 8.16 -3.75
N ARG G 72 -21.83 8.48 -2.77
CA ARG G 72 -22.62 7.46 -2.10
C ARG G 72 -24.05 7.54 -2.60
N VAL G 73 -24.53 6.45 -3.21
CA VAL G 73 -25.82 6.45 -3.87
C VAL G 73 -26.82 5.51 -3.20
N ARG G 74 -28.09 5.81 -3.40
CA ARG G 74 -29.18 5.02 -2.83
C ARG G 74 -30.20 4.69 -3.89
N GLY G 75 -30.48 3.40 -4.08
CA GLY G 75 -31.47 2.97 -5.04
C GLY G 75 -31.05 1.64 -5.61
N ASP G 76 -31.93 1.02 -6.38
CA ASP G 76 -31.56 -0.22 -7.03
C ASP G 76 -30.34 0.05 -7.93
N ASP G 77 -29.27 -0.70 -7.72
CA ASP G 77 -28.03 -0.45 -8.45
C ASP G 77 -27.32 -1.72 -8.88
N SER G 78 -27.94 -2.88 -8.61
CA SER G 78 -27.30 -4.14 -8.92
C SER G 78 -26.94 -4.21 -10.39
N ASP G 79 -27.30 -3.17 -11.14
CA ASP G 79 -27.02 -3.14 -12.58
C ASP G 79 -25.93 -2.17 -12.94
N VAL G 80 -25.77 -1.13 -12.13
CA VAL G 80 -24.73 -0.14 -12.34
C VAL G 80 -23.37 -0.79 -12.30
N GLN G 81 -22.64 -0.72 -13.41
CA GLN G 81 -21.33 -1.32 -13.47
C GLN G 81 -20.30 -0.36 -14.02
N THR G 82 -19.04 -0.70 -13.82
CA THR G 82 -17.93 0.17 -14.16
C THR G 82 -17.90 0.49 -15.65
N GLY G 83 -18.24 1.72 -16.01
CA GLY G 83 -18.27 2.09 -17.42
C GLY G 83 -19.56 2.80 -17.79
N TYR G 84 -20.62 2.57 -17.03
CA TYR G 84 -21.85 3.33 -17.21
C TYR G 84 -21.58 4.77 -16.80
N VAL G 85 -22.48 5.68 -17.13
CA VAL G 85 -22.22 7.09 -16.84
C VAL G 85 -23.32 7.75 -16.03
N LEU G 86 -22.94 8.38 -14.91
CA LEU G 86 -23.89 9.19 -14.14
C LEU G 86 -24.15 10.48 -14.89
N THR G 87 -25.42 10.87 -14.98
CA THR G 87 -25.78 12.07 -15.70
C THR G 87 -27.07 12.67 -15.16
N SER G 88 -27.37 13.90 -15.58
CA SER G 88 -28.60 14.57 -15.14
C SER G 88 -29.81 14.05 -15.91
N THR G 89 -30.92 13.88 -15.19
CA THR G 89 -32.14 13.40 -15.82
C THR G 89 -32.77 14.48 -16.70
N LYS G 90 -32.13 15.64 -16.75
CA LYS G 90 -32.60 16.72 -17.62
C LYS G 90 -32.10 16.46 -19.03
N ASN G 91 -30.78 16.51 -19.23
CA ASN G 91 -30.19 16.15 -20.52
C ASN G 91 -29.20 15.05 -20.30
N PRO G 92 -29.66 13.80 -20.32
CA PRO G 92 -28.76 12.68 -20.08
C PRO G 92 -27.72 12.51 -21.19
N VAL G 93 -26.50 12.12 -20.81
CA VAL G 93 -25.50 11.79 -21.80
C VAL G 93 -26.10 10.78 -22.77
N HIS G 94 -25.74 10.88 -24.04
CA HIS G 94 -26.28 9.99 -25.05
C HIS G 94 -25.65 8.60 -24.98
N ALA G 95 -26.36 7.61 -25.48
CA ALA G 95 -25.79 6.27 -25.66
C ALA G 95 -26.32 5.65 -26.97
N THR G 96 -25.69 4.57 -27.41
CA THR G 96 -26.00 4.04 -28.72
C THR G 96 -25.24 2.75 -29.01
N THR G 97 -25.64 2.07 -30.08
CA THR G 97 -24.89 0.93 -30.58
C THR G 97 -24.35 1.20 -31.97
N ARG G 98 -24.73 2.34 -32.53
CA ARG G 98 -24.26 2.75 -33.85
C ARG G 98 -23.72 4.16 -33.82
N PHE G 99 -22.50 4.34 -34.31
CA PHE G 99 -21.94 5.67 -34.41
C PHE G 99 -20.94 5.77 -35.54
N ILE G 100 -20.66 7.00 -35.95
CA ILE G 100 -19.72 7.25 -37.02
C ILE G 100 -18.55 8.06 -36.47
N ALA G 101 -17.34 7.65 -36.81
CA ALA G 101 -16.14 8.24 -36.23
C ALA G 101 -14.97 8.30 -37.20
N GLN G 102 -14.19 9.38 -37.14
CA GLN G 102 -12.89 9.38 -37.77
C GLN G 102 -12.05 8.34 -37.05
N ILE G 103 -11.17 7.69 -37.79
CA ILE G 103 -10.31 6.68 -37.20
C ILE G 103 -8.95 6.74 -37.86
N ALA G 104 -7.92 6.91 -37.04
CA ALA G 104 -6.57 6.85 -37.58
C ALA G 104 -6.08 5.45 -37.31
N ILE G 105 -5.90 4.66 -38.37
CA ILE G 105 -5.31 3.35 -38.20
C ILE G 105 -3.84 3.54 -37.86
N LEU G 106 -3.36 2.78 -36.88
CA LEU G 106 -1.97 2.91 -36.50
C LEU G 106 -1.22 1.59 -36.71
N GLU G 107 -1.54 0.60 -35.89
CA GLU G 107 -0.84 -0.67 -35.98
C GLU G 107 -1.80 -1.79 -36.38
N LEU G 108 -2.04 -1.91 -37.67
CA LEU G 108 -2.81 -3.00 -38.20
C LEU G 108 -1.84 -4.04 -38.71
N PRO G 109 -2.25 -5.30 -38.68
CA PRO G 109 -1.21 -6.20 -39.07
C PRO G 109 -1.49 -7.10 -40.22
N SER G 110 -2.56 -6.98 -40.99
CA SER G 110 -2.65 -6.08 -42.12
C SER G 110 -3.95 -5.30 -42.39
N ILE G 111 -4.82 -5.84 -43.24
CA ILE G 111 -5.96 -5.07 -43.77
C ILE G 111 -7.17 -4.99 -42.84
N LEU G 112 -8.01 -3.99 -43.05
CA LEU G 112 -9.12 -3.68 -42.16
C LEU G 112 -10.39 -3.44 -42.99
N THR G 113 -11.39 -4.33 -42.87
CA THR G 113 -12.59 -4.26 -43.74
C THR G 113 -13.89 -4.69 -43.08
N THR G 114 -14.86 -3.78 -43.09
CA THR G 114 -16.19 -4.06 -42.56
C THR G 114 -16.27 -5.08 -41.42
N GLY G 115 -15.94 -6.35 -41.71
CA GLY G 115 -16.02 -7.38 -40.69
C GLY G 115 -15.24 -7.10 -39.41
N TYR G 116 -14.20 -6.28 -39.53
CA TYR G 116 -13.23 -6.10 -38.45
C TYR G 116 -13.89 -5.88 -37.10
N SER G 117 -13.53 -6.73 -36.15
CA SER G 117 -13.98 -6.60 -34.78
C SER G 117 -12.78 -6.39 -33.88
N CYS G 118 -12.97 -5.69 -32.77
CA CYS G 118 -11.92 -5.53 -31.77
C CYS G 118 -12.44 -4.87 -30.49
N VAL G 119 -11.52 -4.47 -29.62
CA VAL G 119 -11.90 -3.89 -28.33
C VAL G 119 -11.78 -2.37 -28.36
N MET G 120 -12.85 -1.69 -27.99
CA MET G 120 -12.83 -0.23 -27.96
C MET G 120 -12.78 0.28 -26.52
N HIS G 121 -11.95 1.29 -26.29
CA HIS G 121 -11.85 1.91 -24.99
C HIS G 121 -12.27 3.35 -25.10
N ILE G 122 -13.52 3.66 -24.72
CA ILE G 122 -14.06 5.00 -24.92
C ILE G 122 -13.77 5.98 -23.81
N HIS G 123 -14.12 5.63 -22.59
CA HIS G 123 -13.64 6.38 -21.44
C HIS G 123 -13.48 5.37 -20.37
N THR G 124 -14.08 5.63 -19.21
CA THR G 124 -14.10 4.68 -18.12
C THR G 124 -14.57 3.29 -18.59
N ALA G 125 -15.11 3.23 -19.81
CA ALA G 125 -15.74 2.00 -20.33
C ALA G 125 -14.93 1.26 -21.37
N VAL G 126 -15.16 -0.05 -21.44
CA VAL G 126 -14.50 -0.89 -22.43
C VAL G 126 -15.50 -1.84 -23.06
N GLU G 127 -15.40 -1.98 -24.38
CA GLU G 127 -16.50 -2.57 -25.10
C GLU G 127 -16.08 -3.19 -26.42
N GLU G 128 -16.69 -4.33 -26.70
CA GLU G 128 -16.47 -5.11 -27.88
C GLU G 128 -17.09 -4.39 -29.10
N VAL G 129 -16.33 -4.22 -30.18
CA VAL G 129 -16.78 -3.35 -31.30
C VAL G 129 -16.35 -3.84 -32.67
N SER G 130 -17.22 -3.64 -33.67
CA SER G 130 -16.93 -4.04 -35.02
C SER G 130 -17.33 -2.95 -36.01
N PHE G 131 -16.67 -2.94 -37.17
CA PHE G 131 -16.95 -1.96 -38.20
C PHE G 131 -18.15 -2.37 -39.04
N ALA G 132 -19.09 -1.46 -39.23
CA ALA G 132 -20.21 -1.73 -40.11
C ALA G 132 -19.79 -1.44 -41.53
N LYS G 133 -19.43 -0.19 -41.80
CA LYS G 133 -19.07 0.24 -43.15
C LYS G 133 -17.92 1.24 -43.10
N LEU G 134 -17.15 1.33 -44.19
CA LEU G 134 -16.15 2.38 -44.33
C LEU G 134 -16.72 3.43 -45.26
N LEU G 135 -16.86 4.65 -44.76
CA LEU G 135 -17.57 5.68 -45.52
C LEU G 135 -16.69 6.56 -46.40
N HIS G 136 -15.51 6.90 -45.91
CA HIS G 136 -14.55 7.69 -46.67
C HIS G 136 -13.12 7.38 -46.26
N LYS G 137 -12.19 7.84 -47.08
CA LYS G 137 -10.80 7.89 -46.69
C LYS G 137 -10.55 9.38 -46.52
N LEU G 138 -9.41 9.74 -45.95
CA LEU G 138 -9.09 11.15 -45.85
C LEU G 138 -7.64 11.36 -46.18
N ASP G 139 -7.34 12.31 -47.06
CA ASP G 139 -5.95 12.59 -47.28
C ASP G 139 -5.37 13.55 -46.26
N LYS G 140 -4.56 14.49 -46.71
CA LYS G 140 -3.85 15.33 -45.75
C LYS G 140 -4.75 16.34 -45.11
N THR G 141 -5.16 17.35 -45.87
CA THR G 141 -6.12 18.33 -45.34
C THR G 141 -7.49 17.70 -45.10
N ASN G 142 -7.53 16.62 -44.34
CA ASN G 142 -8.76 15.88 -44.06
C ASN G 142 -9.87 16.10 -45.08
N ARG G 143 -9.69 15.53 -46.26
CA ARG G 143 -10.68 15.64 -47.31
C ARG G 143 -11.51 14.36 -47.35
N LYS G 144 -12.75 14.46 -47.80
CA LYS G 144 -13.66 13.32 -47.70
C LYS G 144 -13.65 12.41 -48.93
N SER G 145 -12.63 11.59 -49.07
CA SER G 145 -12.52 10.74 -50.24
C SER G 145 -13.77 9.87 -50.50
N LYS G 146 -14.57 10.26 -51.49
CA LYS G 146 -15.64 9.39 -52.03
C LYS G 146 -14.99 8.89 -53.30
N LYS G 147 -15.05 7.63 -53.66
CA LYS G 147 -15.99 6.69 -53.24
C LYS G 147 -15.30 5.89 -52.26
N PRO G 148 -16.07 5.15 -51.50
CA PRO G 148 -15.64 4.77 -50.17
C PRO G 148 -14.68 3.57 -50.13
N PRO G 149 -13.68 3.61 -49.23
CA PRO G 149 -12.60 2.64 -49.08
C PRO G 149 -13.09 1.19 -49.09
N MET G 150 -12.39 0.36 -49.83
CA MET G 150 -12.73 -1.04 -49.93
C MET G 150 -12.16 -1.71 -48.69
N PHE G 151 -11.00 -1.21 -48.27
CA PHE G 151 -10.30 -1.73 -47.11
C PHE G 151 -9.40 -0.64 -46.59
N ALA G 152 -8.99 -0.75 -45.33
CA ALA G 152 -8.09 0.24 -44.75
C ALA G 152 -6.76 -0.40 -44.35
N THR G 153 -5.76 0.41 -44.09
CA THR G 153 -4.42 -0.10 -43.83
C THR G 153 -3.66 0.79 -42.86
N LYS G 154 -2.58 0.26 -42.28
CA LYS G 154 -1.78 1.02 -41.34
C LYS G 154 -1.58 2.48 -41.73
N GLY G 155 -1.61 3.37 -40.74
CA GLY G 155 -1.30 4.79 -40.91
C GLY G 155 -2.12 5.53 -41.95
N MET G 156 -3.41 5.26 -41.98
CA MET G 156 -4.28 5.79 -43.01
C MET G 156 -5.55 6.29 -42.34
N LYS G 157 -5.87 7.57 -42.48
CA LYS G 157 -7.13 8.07 -41.93
C LYS G 157 -8.30 7.53 -42.72
N ILE G 158 -9.44 7.37 -42.06
CA ILE G 158 -10.62 6.78 -42.66
C ILE G 158 -11.79 7.08 -41.73
N ILE G 159 -12.99 7.20 -42.29
CA ILE G 159 -14.16 7.52 -41.47
C ILE G 159 -15.30 6.53 -41.70
N ALA G 160 -15.64 5.80 -40.65
CA ALA G 160 -16.50 4.62 -40.77
C ALA G 160 -17.64 4.60 -39.78
N GLU G 161 -18.42 3.53 -39.83
CA GLU G 161 -19.55 3.34 -38.92
C GLU G 161 -19.30 2.11 -38.05
N LEU G 162 -19.42 2.29 -36.74
CA LEU G 162 -19.13 1.22 -35.80
C LEU G 162 -20.39 0.76 -35.06
N GLU G 163 -20.46 -0.54 -34.80
CA GLU G 163 -21.58 -1.10 -34.06
C GLU G 163 -21.10 -1.86 -32.83
N THR G 164 -21.86 -1.78 -31.74
CA THR G 164 -21.49 -2.45 -30.51
C THR G 164 -22.59 -3.40 -30.07
N GLN G 165 -22.22 -4.50 -29.42
CA GLN G 165 -23.19 -5.47 -28.97
C GLN G 165 -24.20 -4.86 -28.02
N THR G 166 -23.77 -3.88 -27.24
CA THR G 166 -24.65 -3.22 -26.29
C THR G 166 -24.43 -1.71 -26.32
N PRO G 167 -25.42 -0.95 -25.83
CA PRO G 167 -25.36 0.50 -25.82
C PRO G 167 -24.23 0.97 -24.92
N VAL G 168 -23.46 1.93 -25.40
CA VAL G 168 -22.41 2.54 -24.60
C VAL G 168 -22.47 4.06 -24.68
N CYS G 169 -22.35 4.73 -23.54
CA CYS G 169 -22.48 6.18 -23.49
C CYS G 169 -21.33 6.80 -24.22
N MET G 170 -21.63 7.83 -25.00
CA MET G 170 -20.60 8.61 -25.67
C MET G 170 -21.14 9.96 -26.10
N GLU G 171 -20.24 10.79 -26.62
CA GLU G 171 -20.61 12.10 -27.12
C GLU G 171 -19.76 12.44 -28.31
N ARG G 172 -20.29 13.24 -29.24
CA ARG G 172 -19.47 13.72 -30.33
C ARG G 172 -18.24 14.40 -29.74
N PHE G 173 -17.07 14.11 -30.32
CA PHE G 173 -15.81 14.69 -29.85
C PHE G 173 -15.92 16.21 -29.85
N GLU G 174 -16.71 16.72 -30.78
CA GLU G 174 -16.85 18.15 -30.99
C GLU G 174 -17.54 18.84 -29.83
N ASP G 175 -18.21 18.06 -28.98
CA ASP G 175 -18.99 18.59 -27.88
C ASP G 175 -18.26 18.37 -26.56
N TYR G 176 -17.81 17.14 -26.37
CA TYR G 176 -17.05 16.77 -25.20
C TYR G 176 -15.93 15.85 -25.62
N GLN G 177 -14.73 16.40 -25.72
CA GLN G 177 -13.63 15.63 -26.27
C GLN G 177 -13.45 14.31 -25.52
N TYR G 178 -13.45 14.40 -24.19
CA TYR G 178 -13.15 13.21 -23.41
C TYR G 178 -14.11 12.06 -23.66
N MET G 179 -15.37 12.39 -23.92
CA MET G 179 -16.38 11.38 -24.21
C MET G 179 -16.29 10.97 -25.67
N GLY G 180 -15.59 11.78 -26.45
CA GLY G 180 -15.52 11.61 -27.89
C GLY G 180 -14.31 10.83 -28.38
N ARG G 181 -13.23 10.83 -27.61
CA ARG G 181 -12.08 10.00 -27.94
C ARG G 181 -12.34 8.54 -27.59
N PHE G 182 -11.66 7.66 -28.30
CA PHE G 182 -11.58 6.24 -27.94
C PHE G 182 -10.38 5.67 -28.67
N THR G 183 -9.88 4.54 -28.21
CA THR G 183 -8.82 3.88 -28.95
C THR G 183 -9.23 2.43 -29.21
N LEU G 184 -8.82 1.89 -30.36
CA LEU G 184 -9.17 0.53 -30.73
C LEU G 184 -8.07 -0.45 -30.33
N ARG G 185 -8.47 -1.66 -29.98
CA ARG G 185 -7.51 -2.65 -29.60
C ARG G 185 -7.81 -4.05 -30.08
N ASP G 186 -6.94 -4.55 -30.94
CA ASP G 186 -6.89 -5.97 -31.20
C ASP G 186 -6.17 -6.60 -30.03
N GLN G 187 -6.67 -6.30 -28.82
CA GLN G 187 -5.92 -6.28 -27.54
C GLN G 187 -4.63 -7.07 -27.42
N GLY G 188 -4.05 -7.46 -28.55
CA GLY G 188 -2.63 -7.74 -28.60
C GLY G 188 -1.95 -6.38 -28.45
N THR G 189 -2.48 -5.38 -29.17
CA THR G 189 -1.94 -4.03 -29.17
C THR G 189 -2.96 -2.96 -29.59
N THR G 190 -2.52 -1.71 -29.55
CA THR G 190 -3.29 -0.57 -30.04
C THR G 190 -3.23 -0.53 -31.58
N VAL G 191 -4.37 -0.63 -32.25
CA VAL G 191 -4.38 -0.59 -33.71
C VAL G 191 -4.90 0.73 -34.28
N ALA G 192 -5.81 1.39 -33.58
CA ALA G 192 -6.35 2.65 -34.07
C ALA G 192 -6.81 3.58 -32.96
N VAL G 193 -6.79 4.88 -33.19
CA VAL G 193 -7.42 5.84 -32.30
C VAL G 193 -8.52 6.48 -33.12
N GLY G 194 -9.34 7.33 -32.49
CA GLY G 194 -10.38 8.01 -33.24
C GLY G 194 -11.43 8.69 -32.38
N LYS G 195 -12.11 9.66 -32.96
CA LYS G 195 -13.14 10.40 -32.24
C LYS G 195 -14.49 10.25 -32.91
N VAL G 196 -15.54 10.18 -32.10
CA VAL G 196 -16.88 10.01 -32.63
C VAL G 196 -17.38 11.32 -33.25
N VAL G 197 -17.89 11.23 -34.47
CA VAL G 197 -18.35 12.42 -35.16
C VAL G 197 -19.88 12.51 -35.24
N LYS G 198 -20.57 11.36 -35.27
CA LYS G 198 -22.02 11.35 -35.20
C LYS G 198 -22.62 10.14 -34.46
N ILE G 199 -23.58 10.39 -33.58
CA ILE G 199 -24.28 9.33 -32.88
C ILE G 199 -25.48 8.92 -33.73
N LEU G 200 -25.70 7.62 -33.87
CA LEU G 200 -26.87 7.16 -34.63
C LEU G 200 -27.97 6.66 -33.69
N ASP G 201 -28.82 7.60 -33.25
CA ASP G 201 -29.89 7.36 -32.27
C ASP G 201 -29.50 6.50 -31.05
N ALA H 13 -7.04 -28.86 -44.91
CA ALA H 13 -6.86 -28.78 -46.39
C ALA H 13 -7.18 -30.11 -47.05
N GLU H 14 -6.17 -30.70 -47.69
CA GLU H 14 -6.30 -32.01 -48.30
C GLU H 14 -6.30 -33.07 -47.21
N LYS H 15 -7.05 -32.75 -46.16
CA LYS H 15 -7.16 -33.59 -44.98
C LYS H 15 -8.45 -33.19 -44.27
N ALA H 16 -8.61 -31.88 -44.06
CA ALA H 16 -9.78 -31.33 -43.36
C ALA H 16 -10.98 -31.21 -44.30
N ILE H 17 -10.80 -31.64 -45.55
CA ILE H 17 -11.89 -31.65 -46.50
C ILE H 17 -12.82 -32.81 -46.18
N GLU H 18 -12.23 -33.85 -45.57
CA GLU H 18 -12.99 -35.02 -45.14
C GLU H 18 -13.76 -34.72 -43.86
N ILE H 19 -13.12 -33.98 -42.96
CA ILE H 19 -13.70 -33.68 -41.66
C ILE H 19 -14.91 -32.74 -41.76
N TRP H 20 -15.00 -32.01 -42.87
CA TRP H 20 -16.13 -31.12 -43.12
C TRP H 20 -17.41 -31.90 -43.45
N LYS H 21 -17.27 -32.92 -44.31
CA LYS H 21 -18.42 -33.71 -44.73
C LYS H 21 -18.96 -34.61 -43.61
N ILE H 22 -18.14 -34.83 -42.58
CA ILE H 22 -18.54 -35.65 -41.45
C ILE H 22 -19.33 -34.85 -40.40
N ARG H 23 -19.02 -33.56 -40.29
CA ARG H 23 -19.81 -32.66 -39.45
C ARG H 23 -21.18 -32.45 -40.10
N ARG H 24 -21.18 -32.42 -41.43
CA ARG H 24 -22.38 -32.20 -42.22
C ARG H 24 -23.30 -33.42 -42.24
N LEU H 25 -22.81 -34.54 -41.75
CA LEU H 25 -23.59 -35.77 -41.74
C LEU H 25 -24.54 -35.77 -40.55
N VAL H 26 -24.23 -34.97 -39.54
CA VAL H 26 -25.10 -34.81 -38.38
C VAL H 26 -25.72 -33.41 -38.36
N LYS H 27 -25.03 -32.45 -37.75
CA LYS H 27 -25.50 -31.08 -37.71
C LYS H 27 -25.04 -30.28 -38.92
N THR H 41 -28.40 -47.93 -36.85
CA THR H 41 -27.04 -47.68 -37.34
C THR H 41 -26.08 -48.81 -36.95
N LEU H 42 -25.17 -49.12 -37.85
CA LEU H 42 -24.20 -50.19 -37.64
C LEU H 42 -22.77 -49.69 -37.87
N ILE H 43 -21.87 -50.01 -36.95
CA ILE H 43 -20.46 -49.63 -37.10
C ILE H 43 -19.54 -50.82 -36.84
N ILE H 44 -18.55 -51.00 -37.70
CA ILE H 44 -17.56 -52.08 -37.54
C ILE H 44 -16.18 -51.54 -37.23
N PRO H 45 -15.65 -51.87 -36.04
CA PRO H 45 -14.36 -51.37 -35.58
C PRO H 45 -13.20 -52.22 -36.07
N TYR H 53 -20.37 -60.79 -38.25
CA TYR H 53 -20.38 -59.80 -39.32
C TYR H 53 -20.99 -60.38 -40.59
N SER H 54 -21.69 -61.50 -40.44
CA SER H 54 -22.32 -62.15 -41.58
C SER H 54 -23.74 -62.58 -41.21
N ASN H 55 -23.92 -63.90 -41.06
CA ASN H 55 -25.21 -64.48 -40.70
C ASN H 55 -25.67 -64.02 -39.32
N MET H 56 -26.27 -62.83 -39.25
CA MET H 56 -26.49 -62.16 -37.97
C MET H 56 -27.96 -61.75 -37.72
N LEU H 57 -28.54 -61.02 -38.65
CA LEU H 57 -29.96 -60.62 -38.54
C LEU H 57 -30.86 -61.85 -38.64
N ALA H 58 -30.91 -62.64 -37.57
CA ALA H 58 -31.61 -63.93 -37.58
C ALA H 58 -33.13 -63.80 -37.68
N GLU H 59 -33.72 -63.08 -36.73
CA GLU H 59 -35.15 -62.79 -36.76
C GLU H 59 -35.42 -61.40 -36.19
N GLU H 60 -35.60 -60.43 -37.09
CA GLU H 60 -35.79 -59.05 -36.69
C GLU H 60 -37.20 -58.57 -37.03
N SER H 82 -32.02 -53.98 -45.05
CA SER H 82 -31.23 -52.89 -45.62
C SER H 82 -29.76 -53.27 -45.73
N THR H 83 -29.23 -53.83 -44.66
CA THR H 83 -27.84 -54.30 -44.65
C THR H 83 -27.80 -55.73 -45.16
N ARG H 84 -28.99 -56.31 -45.35
CA ARG H 84 -29.14 -57.72 -45.72
C ARG H 84 -28.50 -58.07 -47.08
N GLU H 85 -28.18 -57.06 -47.87
CA GLU H 85 -27.43 -57.27 -49.11
C GLU H 85 -26.46 -56.12 -49.39
N ARG H 86 -25.99 -55.48 -48.32
CA ARG H 86 -25.05 -54.38 -48.43
C ARG H 86 -23.69 -54.83 -48.96
N LEU H 87 -23.04 -55.74 -48.24
CA LEU H 87 -21.73 -56.24 -48.65
C LEU H 87 -21.67 -57.76 -48.58
N GLY H 97 -12.97 -49.29 -41.70
CA GLY H 97 -14.21 -49.85 -41.17
C GLY H 97 -15.40 -49.61 -42.09
N LEU H 98 -16.60 -49.57 -41.51
CA LEU H 98 -17.82 -49.31 -42.26
C LEU H 98 -18.86 -48.70 -41.33
N VAL H 99 -19.36 -47.51 -41.69
CA VAL H 99 -20.28 -46.77 -40.81
C VAL H 99 -21.64 -46.52 -41.46
N ILE H 100 -22.70 -46.99 -40.82
CA ILE H 100 -24.07 -46.75 -41.29
C ILE H 100 -24.91 -46.03 -40.24
N ASP H 118 -22.83 -45.45 -45.86
CA ASP H 118 -21.78 -46.42 -45.57
C ASP H 118 -20.46 -46.05 -46.26
N PHE H 119 -19.37 -46.07 -45.50
CA PHE H 119 -18.05 -45.74 -46.04
C PHE H 119 -16.94 -46.46 -45.29
N THR H 138 -24.66 -39.66 -33.16
CA THR H 138 -24.23 -40.09 -31.83
C THR H 138 -22.76 -39.79 -31.61
N GLU H 139 -22.29 -39.96 -30.38
CA GLU H 139 -20.90 -39.69 -30.02
C GLU H 139 -19.88 -40.50 -30.82
N ALA H 140 -20.36 -41.49 -31.57
CA ALA H 140 -19.49 -42.38 -32.32
C ALA H 140 -18.53 -41.65 -33.25
N LEU H 141 -18.72 -40.34 -33.39
CA LEU H 141 -17.87 -39.52 -34.25
C LEU H 141 -17.61 -38.15 -33.64
N ALA H 142 -18.17 -37.92 -32.45
CA ALA H 142 -18.14 -36.60 -31.83
C ALA H 142 -16.75 -36.14 -31.35
N GLU H 143 -16.00 -37.06 -30.76
CA GLU H 143 -14.68 -36.73 -30.22
C GLU H 143 -13.62 -36.58 -31.30
N LEU H 144 -13.87 -37.19 -32.46
CA LEU H 144 -12.91 -37.20 -33.56
C LEU H 144 -12.78 -35.82 -34.22
N LEU H 145 -13.77 -34.97 -34.02
CA LEU H 145 -13.80 -33.64 -34.64
C LEU H 145 -12.79 -32.69 -33.99
N ASN H 282 -5.03 -23.18 -31.24
CA ASN H 282 -6.00 -22.93 -32.35
C ASN H 282 -5.62 -23.70 -33.60
N VAL H 283 -5.22 -24.95 -33.42
CA VAL H 283 -4.78 -25.80 -34.52
C VAL H 283 -5.58 -25.61 -35.81
N LYS H 284 -6.91 -25.62 -35.69
CA LYS H 284 -7.78 -25.51 -36.87
C LYS H 284 -8.06 -24.06 -37.28
N TYR H 285 -7.95 -23.13 -36.35
CA TYR H 285 -8.21 -21.72 -36.63
C TYR H 285 -6.98 -21.01 -37.17
N VAL H 286 -5.80 -21.46 -36.76
CA VAL H 286 -4.55 -20.83 -37.22
C VAL H 286 -4.42 -20.87 -38.73
N GLN H 287 -4.78 -22.00 -39.33
CA GLN H 287 -4.75 -22.11 -40.79
C GLN H 287 -5.87 -21.30 -41.43
N GLU H 288 -7.06 -21.41 -40.85
CA GLU H 288 -8.21 -20.62 -41.30
C GLU H 288 -7.82 -19.15 -41.48
N LYS H 289 -7.22 -18.58 -40.44
CA LYS H 289 -6.70 -17.21 -40.51
C LYS H 289 -5.59 -17.13 -41.55
N LYS H 290 -4.52 -17.89 -41.31
CA LYS H 290 -3.36 -17.86 -42.18
C LYS H 290 -3.76 -17.78 -43.65
N LEU H 291 -4.68 -18.65 -44.06
CA LEU H 291 -5.09 -18.75 -45.46
C LEU H 291 -5.85 -17.50 -45.92
N ILE H 292 -6.72 -16.99 -45.05
CA ILE H 292 -7.48 -15.79 -45.38
C ILE H 292 -6.57 -14.56 -45.51
N GLN H 293 -5.46 -14.58 -44.80
CA GLN H 293 -4.47 -13.51 -44.90
C GLN H 293 -3.80 -13.54 -46.27
N ARG H 294 -3.61 -14.75 -46.79
CA ARG H 294 -3.11 -14.95 -48.14
C ARG H 294 -4.08 -14.27 -49.12
N PHE H 295 -5.37 -14.45 -48.87
CA PHE H 295 -6.43 -13.82 -49.67
C PHE H 295 -6.40 -12.32 -49.47
N PHE H 296 -6.22 -11.90 -48.22
CA PHE H 296 -6.21 -10.49 -47.89
C PHE H 296 -5.08 -9.73 -48.58
N ASP H 297 -3.90 -10.34 -48.66
CA ASP H 297 -2.77 -9.71 -49.32
C ASP H 297 -3.11 -9.34 -50.75
N GLU H 298 -3.98 -10.13 -51.36
CA GLU H 298 -4.39 -9.88 -52.73
C GLU H 298 -5.43 -8.77 -52.82
N ILE H 299 -5.67 -8.10 -51.68
CA ILE H 299 -6.45 -6.87 -51.67
C ILE H 299 -5.54 -5.77 -51.16
N SER H 300 -4.63 -6.15 -50.25
CA SER H 300 -3.68 -5.20 -49.66
C SER H 300 -2.69 -4.71 -50.69
N LEU H 301 -2.19 -5.64 -51.50
CA LEU H 301 -1.23 -5.31 -52.54
C LEU H 301 -1.95 -4.85 -53.80
N ASP H 302 -3.21 -5.25 -53.93
CA ASP H 302 -4.00 -4.95 -55.11
C ASP H 302 -3.34 -5.51 -56.36
N SER H 303 -3.41 -6.83 -56.51
CA SER H 303 -2.81 -7.46 -57.68
C SER H 303 -3.85 -7.72 -58.75
N GLY H 304 -5.04 -8.14 -58.32
CA GLY H 304 -6.11 -8.47 -59.25
C GLY H 304 -6.38 -9.96 -59.26
N LYS H 305 -5.97 -10.64 -58.19
CA LYS H 305 -6.28 -12.05 -58.01
C LYS H 305 -7.26 -12.17 -56.87
N TYR H 306 -8.55 -12.12 -57.18
CA TYR H 306 -9.51 -12.20 -56.11
C TYR H 306 -10.85 -11.59 -56.46
N CYS H 307 -11.78 -11.90 -55.56
CA CYS H 307 -13.16 -12.11 -55.75
C CYS H 307 -13.38 -13.24 -54.73
N PHE H 308 -14.30 -13.13 -53.76
CA PHE H 308 -15.22 -12.01 -53.46
C PHE H 308 -16.11 -11.48 -54.60
N GLY H 309 -17.34 -11.94 -54.76
CA GLY H 309 -18.02 -12.92 -53.98
C GLY H 309 -18.73 -13.98 -54.83
N VAL H 310 -20.05 -14.11 -54.66
CA VAL H 310 -20.79 -15.26 -55.22
C VAL H 310 -20.76 -15.35 -56.74
N VAL H 311 -21.30 -14.32 -57.39
CA VAL H 311 -21.43 -14.29 -58.83
C VAL H 311 -20.05 -14.34 -59.49
N ASP H 312 -19.12 -13.55 -58.97
CA ASP H 312 -17.79 -13.44 -59.57
C ASP H 312 -16.94 -14.67 -59.32
N THR H 313 -17.02 -15.21 -58.11
CA THR H 313 -16.20 -16.37 -57.75
C THR H 313 -16.59 -17.56 -58.61
N MET H 314 -17.88 -17.74 -58.83
CA MET H 314 -18.35 -18.85 -59.66
C MET H 314 -17.92 -18.66 -61.11
N ASN H 315 -17.91 -17.41 -61.55
CA ASN H 315 -17.40 -17.06 -62.86
C ASN H 315 -15.90 -17.34 -62.95
N ALA H 316 -15.18 -17.01 -61.88
CA ALA H 316 -13.75 -17.24 -61.83
C ALA H 316 -13.43 -18.73 -61.94
N LEU H 317 -14.16 -19.53 -61.17
CA LEU H 317 -14.00 -20.98 -61.20
C LEU H 317 -14.45 -21.52 -62.54
N GLN H 318 -15.59 -21.00 -63.01
CA GLN H 318 -16.10 -21.30 -64.34
C GLN H 318 -15.03 -21.07 -65.40
N GLU H 319 -14.64 -19.82 -65.60
CA GLU H 319 -13.58 -19.47 -66.54
C GLU H 319 -12.22 -19.89 -66.00
N GLY H 320 -11.23 -19.95 -66.89
CA GLY H 320 -9.85 -20.33 -66.51
C GLY H 320 -9.82 -21.17 -65.25
N ALA H 321 -9.19 -20.64 -64.21
CA ALA H 321 -9.10 -21.33 -62.93
C ALA H 321 -8.78 -20.39 -61.76
N VAL H 322 -9.23 -20.80 -60.58
CA VAL H 322 -8.84 -20.15 -59.33
C VAL H 322 -7.88 -21.08 -58.62
N GLU H 323 -6.93 -20.51 -57.88
CA GLU H 323 -5.89 -21.31 -57.25
C GLU H 323 -6.34 -21.91 -55.92
N THR H 324 -6.82 -21.07 -55.01
CA THR H 324 -7.36 -21.55 -53.74
C THR H 324 -8.72 -20.91 -53.47
N LEU H 325 -9.72 -21.75 -53.24
CA LEU H 325 -11.10 -21.30 -53.07
C LEU H 325 -11.41 -21.13 -51.58
N LEU H 326 -12.12 -20.06 -51.22
CA LEU H 326 -12.49 -19.82 -49.82
C LEU H 326 -14.00 -19.86 -49.60
N CYS H 327 -14.45 -20.69 -48.68
CA CYS H 327 -15.88 -20.86 -48.40
C CYS H 327 -16.25 -20.97 -46.92
N PHE H 328 -17.21 -20.15 -46.52
CA PHE H 328 -17.74 -20.16 -45.16
C PHE H 328 -18.54 -21.44 -44.96
N ALA H 329 -18.16 -22.23 -43.97
CA ALA H 329 -18.82 -23.51 -43.70
C ALA H 329 -20.34 -23.45 -43.81
N ASP H 330 -20.95 -22.51 -43.10
CA ASP H 330 -22.41 -22.37 -43.11
C ASP H 330 -22.85 -21.35 -44.15
N LEU H 331 -22.34 -21.50 -45.37
CA LEU H 331 -22.62 -20.51 -46.42
C LEU H 331 -24.09 -20.48 -46.81
N ASP H 332 -24.74 -19.35 -46.55
CA ASP H 332 -26.14 -19.18 -46.90
C ASP H 332 -26.30 -19.01 -48.41
N MET H 333 -26.19 -20.12 -49.15
CA MET H 333 -26.28 -20.09 -50.60
C MET H 333 -26.78 -21.42 -51.16
N ILE H 334 -27.94 -21.38 -51.80
CA ILE H 334 -28.44 -22.55 -52.50
C ILE H 334 -28.25 -22.40 -54.01
N ARG H 335 -28.11 -23.53 -54.69
CA ARG H 335 -27.76 -23.55 -56.10
C ARG H 335 -28.87 -24.20 -56.93
N TYR H 336 -29.55 -23.40 -57.75
CA TYR H 336 -30.62 -23.91 -58.59
C TYR H 336 -30.27 -23.79 -60.07
N ILE H 347 -28.23 -21.64 -64.19
CA ILE H 347 -27.87 -21.67 -62.77
C ILE H 347 -28.07 -20.31 -62.13
N THR H 348 -29.13 -20.18 -61.32
CA THR H 348 -29.35 -18.95 -60.57
C THR H 348 -29.22 -19.22 -59.07
N TYR H 349 -28.44 -18.37 -58.38
CA TYR H 349 -28.17 -18.54 -56.96
C TYR H 349 -29.09 -17.69 -56.09
N MET H 350 -29.42 -18.19 -54.91
CA MET H 350 -30.24 -17.45 -53.96
C MET H 350 -29.95 -17.83 -52.51
N THR H 351 -30.32 -16.95 -51.59
CA THR H 351 -30.07 -17.15 -50.17
C THR H 351 -31.38 -17.46 -49.46
N LYS H 352 -31.71 -16.65 -48.46
CA LYS H 352 -33.01 -16.73 -47.80
C LYS H 352 -33.94 -15.62 -48.27
N GLU H 353 -33.84 -15.29 -49.56
CA GLU H 353 -34.71 -14.30 -50.20
C GLU H 353 -35.70 -15.04 -51.10
N GLN H 354 -36.17 -16.18 -50.62
CA GLN H 354 -36.87 -17.15 -51.46
C GLN H 354 -38.31 -17.42 -51.03
N GLU H 355 -38.66 -17.00 -49.83
CA GLU H 355 -40.03 -17.18 -49.32
C GLU H 355 -40.92 -16.05 -49.84
N GLU H 356 -40.29 -14.98 -50.31
CA GLU H 356 -41.00 -13.81 -50.83
C GLU H 356 -41.16 -13.89 -52.36
N LYS H 357 -40.05 -13.96 -53.07
CA LYS H 357 -40.03 -13.92 -54.53
C LYS H 357 -40.50 -15.24 -55.16
N ASP H 358 -41.00 -15.17 -56.38
CA ASP H 358 -41.40 -16.34 -57.13
C ASP H 358 -40.54 -16.47 -58.39
N SER H 359 -39.67 -17.48 -58.41
CA SER H 359 -38.75 -17.67 -59.52
C SER H 359 -38.65 -19.13 -59.91
N SER H 377 -29.67 -30.46 -59.17
CA SER H 377 -30.83 -29.64 -59.52
C SER H 377 -31.11 -28.59 -58.44
N SER H 378 -31.18 -29.03 -57.19
CA SER H 378 -31.46 -28.15 -56.05
C SER H 378 -30.50 -28.43 -54.89
N MET H 379 -29.35 -27.77 -54.88
CA MET H 379 -28.33 -28.09 -53.89
C MET H 379 -27.81 -26.85 -53.16
N LEU H 380 -27.10 -27.08 -52.06
CA LEU H 380 -26.43 -26.00 -51.33
C LEU H 380 -25.10 -25.72 -52.02
N LEU H 381 -24.86 -24.45 -52.35
CA LEU H 381 -23.63 -24.09 -53.04
C LEU H 381 -22.46 -24.63 -52.25
N SER H 382 -22.56 -24.55 -50.93
CA SER H 382 -21.53 -25.05 -50.03
C SER H 382 -21.19 -26.51 -50.33
N GLU H 383 -22.22 -27.28 -50.68
CA GLU H 383 -22.07 -28.71 -50.89
C GLU H 383 -21.60 -29.06 -52.31
N TRP H 384 -22.09 -28.31 -53.28
CA TRP H 384 -21.74 -28.55 -54.67
C TRP H 384 -20.25 -28.34 -54.90
N LEU H 385 -19.69 -27.35 -54.23
CA LEU H 385 -18.26 -27.04 -54.38
C LEU H 385 -17.41 -28.20 -53.87
N ALA H 386 -17.82 -28.78 -52.75
CA ALA H 386 -17.10 -29.90 -52.18
C ALA H 386 -17.13 -31.10 -53.12
N GLU H 387 -18.16 -31.16 -53.97
CA GLU H 387 -18.38 -32.30 -54.85
C GLU H 387 -17.94 -32.05 -56.29
N HIS H 388 -17.46 -30.84 -56.57
CA HIS H 388 -17.08 -30.47 -57.93
C HIS H 388 -15.80 -29.63 -57.99
N TYR H 389 -15.29 -29.24 -56.83
CA TYR H 389 -14.16 -28.32 -56.77
C TYR H 389 -12.92 -28.89 -57.47
N LYS H 390 -12.68 -30.18 -57.30
CA LYS H 390 -11.51 -30.82 -57.89
C LYS H 390 -11.42 -30.55 -59.40
N ASP H 391 -12.58 -30.60 -60.06
CA ASP H 391 -12.64 -30.50 -61.53
C ASP H 391 -12.46 -29.08 -62.06
N TYR H 392 -11.67 -28.27 -61.36
CA TYR H 392 -11.49 -26.87 -61.77
C TYR H 392 -10.10 -26.30 -61.44
N GLY H 393 -9.24 -27.13 -60.87
CA GLY H 393 -7.92 -26.66 -60.45
C GLY H 393 -7.79 -26.57 -58.93
N ALA H 394 -8.64 -25.76 -58.31
CA ALA H 394 -8.74 -25.70 -56.85
C ALA H 394 -8.90 -27.13 -56.33
N ASN H 395 -8.50 -27.40 -55.09
CA ASN H 395 -7.96 -26.44 -54.13
C ASN H 395 -9.03 -25.66 -53.37
N LEU H 396 -9.72 -26.38 -52.48
CA LEU H 396 -10.80 -25.79 -51.69
C LEU H 396 -10.45 -25.79 -50.21
N GLU H 397 -11.02 -24.85 -49.48
CA GLU H 397 -10.76 -24.68 -48.06
C GLU H 397 -11.97 -24.06 -47.38
N PHE H 398 -12.56 -24.77 -46.42
CA PHE H 398 -13.70 -24.22 -45.72
C PHE H 398 -13.21 -23.43 -44.52
N VAL H 399 -13.91 -22.34 -44.22
CA VAL H 399 -13.54 -21.47 -43.11
C VAL H 399 -14.74 -21.08 -42.29
N SER H 400 -14.53 -21.00 -40.98
CA SER H 400 -15.57 -20.59 -40.05
C SER H 400 -15.37 -19.12 -39.68
N ASP H 401 -16.39 -18.51 -39.10
CA ASP H 401 -16.26 -17.14 -38.65
C ASP H 401 -16.00 -17.07 -37.14
N ARG H 402 -15.18 -17.99 -36.64
CA ARG H 402 -14.69 -17.93 -35.27
C ARG H 402 -13.54 -16.93 -35.20
N SER H 403 -12.61 -17.08 -36.13
CA SER H 403 -11.44 -16.20 -36.22
C SER H 403 -11.85 -14.81 -36.65
N GLN H 404 -11.01 -13.82 -36.34
CA GLN H 404 -11.31 -12.46 -36.73
C GLN H 404 -11.29 -12.33 -38.25
N GLU H 405 -10.29 -12.96 -38.87
CA GLU H 405 -10.23 -13.00 -40.33
C GLU H 405 -11.52 -13.54 -40.89
N GLY H 406 -11.95 -14.69 -40.37
CA GLY H 406 -13.20 -15.29 -40.79
C GLY H 406 -14.32 -14.27 -40.82
N MET H 407 -14.56 -13.66 -39.66
CA MET H 407 -15.63 -12.70 -39.53
C MET H 407 -15.59 -11.68 -40.65
N GLN H 408 -14.40 -11.18 -40.97
CA GLN H 408 -14.24 -10.22 -42.06
C GLN H 408 -14.62 -10.90 -43.37
N PHE H 409 -14.01 -12.05 -43.63
CA PHE H 409 -14.24 -12.75 -44.87
C PHE H 409 -15.72 -12.97 -45.11
N VAL H 410 -16.47 -13.13 -44.02
CA VAL H 410 -17.90 -13.37 -44.10
C VAL H 410 -18.70 -12.08 -44.20
N LYS H 411 -18.59 -11.24 -43.20
CA LYS H 411 -19.40 -10.03 -43.12
C LYS H 411 -18.92 -8.97 -44.11
N GLY H 412 -17.78 -9.22 -44.74
CA GLY H 412 -17.14 -8.22 -45.59
C GLY H 412 -17.11 -8.56 -47.07
N PHE H 413 -17.14 -9.86 -47.38
CA PHE H 413 -17.12 -10.29 -48.77
C PHE H 413 -18.15 -11.40 -49.05
N GLY H 414 -19.30 -11.30 -48.40
CA GLY H 414 -20.36 -12.29 -48.60
C GLY H 414 -19.96 -13.71 -48.25
N GLY H 415 -18.72 -13.90 -47.80
CA GLY H 415 -18.28 -15.21 -47.33
C GLY H 415 -17.93 -16.21 -48.41
N ILE H 416 -17.54 -15.72 -49.57
CA ILE H 416 -17.10 -16.61 -50.65
C ILE H 416 -16.20 -15.91 -51.68
N GLY H 417 -14.99 -16.43 -51.83
CA GLY H 417 -14.03 -15.88 -52.77
C GLY H 417 -12.88 -16.83 -53.04
N ALA H 418 -11.87 -16.34 -53.75
CA ALA H 418 -10.74 -17.16 -54.15
C ALA H 418 -9.57 -16.28 -54.52
N VAL H 419 -8.36 -16.81 -54.32
CA VAL H 419 -7.16 -16.14 -54.80
C VAL H 419 -6.81 -16.76 -56.14
N MET H 420 -7.06 -16.02 -57.21
CA MET H 420 -6.78 -16.50 -58.57
C MET H 420 -5.28 -16.60 -58.81
N ARG H 421 -4.88 -17.35 -59.82
CA ARG H 421 -3.46 -17.40 -60.16
C ARG H 421 -3.18 -16.56 -61.41
N TYR H 422 -4.06 -15.61 -61.68
CA TYR H 422 -3.83 -14.52 -62.65
C TYR H 422 -5.07 -13.63 -62.76
N GLN H 423 -4.88 -12.40 -63.23
CA GLN H 423 -5.97 -11.42 -63.41
C GLN H 423 -6.95 -11.79 -64.52
N LEU H 424 -8.24 -11.55 -64.30
CA LEU H 424 -9.27 -11.73 -65.33
C LEU H 424 -10.42 -10.74 -65.14
N ASP H 425 -10.63 -9.87 -66.11
CA ASP H 425 -11.75 -8.93 -66.08
C ASP H 425 -13.09 -9.63 -65.85
N LEU H 426 -13.73 -9.43 -64.72
CA LEU H 426 -14.99 -10.13 -64.57
C LEU H 426 -16.06 -9.69 -65.55
N SER H 427 -16.56 -10.65 -66.35
CA SER H 427 -17.64 -10.41 -67.30
C SER H 427 -18.80 -11.39 -67.09
N MET H 428 -19.91 -11.14 -67.79
CA MET H 428 -21.20 -11.74 -67.45
C MET H 428 -21.51 -11.63 -65.96
N LEU H 429 -22.23 -10.57 -65.61
CA LEU H 429 -22.54 -9.50 -66.56
C LEU H 429 -23.44 -8.46 -65.89
N ASP H 430 -22.95 -7.24 -65.80
CA ASP H 430 -23.76 -6.14 -65.28
C ASP H 430 -22.95 -4.87 -65.00
N PRO H 431 -23.61 -3.73 -65.18
CA PRO H 431 -23.01 -2.41 -65.20
C PRO H 431 -21.56 -2.44 -64.73
N GLU H 432 -20.65 -1.97 -65.56
CA GLU H 432 -20.95 -1.45 -66.91
C GLU H 432 -22.13 -2.12 -67.60
N SER H 433 -22.92 -1.33 -68.33
CA SER H 433 -24.06 -1.88 -69.08
C SER H 433 -23.77 -1.91 -70.56
N ASP H 434 -24.32 -0.95 -71.31
CA ASP H 434 -25.17 0.09 -70.75
C ASP H 434 -26.60 -0.08 -71.26
N GLU H 435 -26.73 -0.61 -72.47
CA GLU H 435 -28.03 -0.81 -73.10
C GLU H 435 -28.83 0.48 -73.19
#